data_8WSA
#
_entry.id   8WSA
#
_cell.length_a   1.00
_cell.length_b   1.00
_cell.length_c   1.00
_cell.angle_alpha   90.00
_cell.angle_beta   90.00
_cell.angle_gamma   90.00
#
_symmetry.space_group_name_H-M   'P 1'
#
loop_
_entity.id
_entity.type
_entity.pdbx_description
1 polymer 'Toll-like receptor 4'
2 polymer 'Lymphocyte antigen 96'
3 non-polymer 2-amino-2-deoxy-4-O-phosphono-alpha-D-glucopyranose
4 non-polymer '(3~{S})-3-decanoyloxytetradecanoic acid'
5 non-polymer 2-acetamido-2-deoxy-beta-D-glucopyranose
6 non-polymer '(3R)-3-(dodecanoyloxy)tetradecanoic acid'
7 non-polymer '(3R)-3-(tetradecanoyloxy)tetradecanoic acid'
8 non-polymer '[(2~{R},3~{S},4~{R},5~{S})-2-(hydroxymethyl)-5-methoxy-4,6-bis(oxidanyl)oxan-3-yl] dihydrogen phosphate'
#
loop_
_entity_poly.entity_id
_entity_poly.type
_entity_poly.pdbx_seq_one_letter_code
_entity_poly.pdbx_strand_id
1 'polypeptide(L)'
;NPCIEVVPNITYQCMDQKLSKVPDDIPSSTKNIDLSFNPLKILKSYSFSNFSELQWLDLSRCEIETIEDKAWHGLHHLSN
LILTGNPIQSFSPGSFSGLTSLENLVAVETKLASLESFPIGQLITLKKLNVAHNFIHSCKLPAYFSNLTNLVHVDLSYNY
IQTITVNDLQFLRENPQVNLSLDMSLNPIDFIQDQAFQGIKLHELTLRGNFNSSNIMKTCLQNLAGLHVHRLILGEFKDE
RNLEIFEPSIMEGLCDVTIDEFRLTYTNDFSDDIVKFHCLANVSAMSLAGVSIKYLEDVPKHFKWQSLSIIRCQLKQFPT
LDLPFLKSLTLTMNKGSISFKKVALPSLSYLDLSRNALSFSGCCSYSDLGTNSLRHLDLSFNGAIIMSANFMGLEELQHL
DFQHSTLKRVTEFSAFLSLEKLLYLDISYTNTKIDFDGIFLGLTSLNTLKMAGNSFKDNTLSNVFANTTNLTFLDLSKCQ
LEQISWGVFDTLHRLQLLNMSHNNLLFLDSSHYNQLYSLSTLDCSFNRIETSKGILQHFPKSLAFFNLTNNSVACICEHQ
KFLQWVKEQKQFLVNVEQMTCATPVEMNTSLVLDFNNSTCYMYK
;
A,B
2 'polypeptide(L)'
;EKQQWFCNSSDAIISYSYCDHLKFPISISSEPCIRLRGTNGFVHVEFIPRGNLKYLYFNLFISVNSIELPKRKEVLCHGH
DDDYSFCRALKGETVNTSIPFSFEGILFPKGHYRCVAEAIAGDTEEKLFCLNFTIIHRRDVN
;
C,D
#
# COMPACT_ATOMS: atom_id res chain seq x y z
N ASN A 1 36.68 3.83 -47.87
CA ASN A 1 35.78 4.08 -48.99
C ASN A 1 34.47 3.29 -48.85
N PRO A 2 34.51 1.94 -48.82
CA PRO A 2 33.25 1.19 -48.89
C PRO A 2 32.58 1.05 -47.53
N CYS A 3 33.16 1.63 -46.50
CA CYS A 3 32.60 1.48 -45.16
C CYS A 3 31.66 2.65 -44.86
N ILE A 4 30.98 2.59 -43.72
CA ILE A 4 29.80 3.41 -43.44
C ILE A 4 30.24 4.56 -42.55
N GLU A 5 30.50 5.72 -43.16
CA GLU A 5 30.78 6.92 -42.39
C GLU A 5 29.55 7.32 -41.58
N VAL A 6 29.79 7.84 -40.38
CA VAL A 6 28.69 8.29 -39.54
C VAL A 6 28.76 9.81 -39.39
N VAL A 7 29.89 10.31 -38.90
CA VAL A 7 30.10 11.74 -38.72
C VAL A 7 31.15 12.15 -39.74
N PRO A 8 31.11 13.38 -40.28
CA PRO A 8 32.12 13.81 -41.25
C PRO A 8 33.55 13.53 -40.82
N ASN A 9 34.20 12.60 -41.54
CA ASN A 9 35.59 12.21 -41.26
C ASN A 9 35.79 11.72 -39.83
N ILE A 10 34.72 11.22 -39.20
CA ILE A 10 34.75 10.79 -37.81
C ILE A 10 33.90 9.53 -37.68
N THR A 11 34.39 8.57 -36.89
CA THR A 11 33.68 7.32 -36.64
C THR A 11 33.34 6.62 -37.96
N TYR A 12 34.39 6.27 -38.69
CA TYR A 12 34.16 5.66 -40.01
C TYR A 12 33.59 4.26 -39.88
N GLN A 13 33.76 3.62 -38.72
CA GLN A 13 33.08 2.38 -38.36
C GLN A 13 33.10 1.38 -39.51
N CYS A 14 34.30 1.02 -39.92
CA CYS A 14 34.48 0.11 -41.05
C CYS A 14 34.64 -1.33 -40.56
N MET A 15 33.56 -1.85 -40.00
CA MET A 15 33.56 -3.14 -39.34
C MET A 15 32.87 -4.20 -40.20
N ASP A 16 33.50 -5.37 -40.29
CA ASP A 16 32.90 -6.56 -40.91
C ASP A 16 32.67 -6.36 -42.41
N GLN A 17 33.64 -5.76 -43.09
CA GLN A 17 33.72 -5.80 -44.54
C GLN A 17 34.91 -6.66 -44.93
N LYS A 18 34.71 -7.55 -45.90
CA LYS A 18 35.73 -8.54 -46.22
C LYS A 18 36.92 -7.82 -46.85
N LEU A 19 37.87 -7.44 -46.01
CA LEU A 19 39.03 -6.67 -46.41
C LEU A 19 40.28 -7.52 -46.31
N SER A 20 41.38 -6.99 -46.85
CA SER A 20 42.68 -7.63 -46.68
C SER A 20 43.79 -6.60 -46.52
N LYS A 21 43.47 -5.34 -46.26
CA LYS A 21 44.47 -4.28 -46.24
C LYS A 21 43.84 -3.04 -45.64
N VAL A 22 44.66 -2.25 -44.95
CA VAL A 22 44.21 -0.97 -44.42
C VAL A 22 43.78 -0.11 -45.60
N PRO A 23 42.60 0.50 -45.55
CA PRO A 23 42.13 1.28 -46.70
C PRO A 23 42.87 2.61 -46.79
N ASP A 24 43.15 3.03 -48.03
CA ASP A 24 43.86 4.27 -48.31
C ASP A 24 42.94 5.43 -48.63
N ASP A 25 41.73 5.14 -49.12
CA ASP A 25 40.77 6.18 -49.45
C ASP A 25 40.34 6.99 -48.24
N ILE A 26 40.59 6.50 -47.03
CA ILE A 26 40.10 7.19 -45.83
C ILE A 26 40.67 8.60 -45.78
N PRO A 27 39.83 9.62 -45.66
CA PRO A 27 40.35 10.99 -45.56
C PRO A 27 41.19 11.16 -44.31
N SER A 28 42.35 11.77 -44.49
CA SER A 28 43.23 12.05 -43.36
C SER A 28 42.53 12.97 -42.37
N SER A 29 43.20 13.18 -41.23
CA SER A 29 42.67 14.01 -40.14
C SER A 29 41.33 13.47 -39.65
N THR A 30 41.26 12.15 -39.48
CA THR A 30 40.11 11.52 -38.86
C THR A 30 40.39 11.31 -37.37
N LYS A 31 39.32 10.99 -36.63
CA LYS A 31 39.46 10.93 -35.18
C LYS A 31 39.46 9.49 -34.67
N ASN A 32 38.40 8.73 -34.98
CA ASN A 32 38.24 7.41 -34.37
C ASN A 32 37.78 6.45 -35.47
N ILE A 33 38.71 5.64 -35.97
CA ILE A 33 38.36 4.59 -36.89
C ILE A 33 38.19 3.30 -36.10
N ASP A 34 37.63 2.29 -36.73
CA ASP A 34 37.37 1.04 -36.03
C ASP A 34 37.38 -0.09 -37.03
N LEU A 35 38.27 -1.04 -36.83
CA LEU A 35 38.32 -2.24 -37.63
C LEU A 35 38.06 -3.43 -36.73
N SER A 36 37.41 -4.45 -37.27
CA SER A 36 37.06 -5.62 -36.47
C SER A 36 36.60 -6.72 -37.42
N PHE A 37 36.95 -7.95 -37.07
CA PHE A 37 36.55 -9.14 -37.82
C PHE A 37 36.98 -9.08 -39.28
N ASN A 38 37.95 -8.24 -39.63
CA ASN A 38 38.51 -8.13 -40.97
C ASN A 38 39.75 -9.02 -41.08
N PRO A 39 39.82 -9.89 -42.08
CA PRO A 39 41.02 -10.74 -42.21
C PRO A 39 42.25 -9.96 -42.65
N LEU A 40 43.24 -9.85 -41.76
CA LEU A 40 44.53 -9.22 -42.06
C LEU A 40 45.61 -10.22 -41.68
N LYS A 41 45.88 -11.18 -42.57
CA LYS A 41 46.77 -12.30 -42.23
C LYS A 41 48.15 -11.84 -41.80
N ILE A 42 48.63 -10.71 -42.30
CA ILE A 42 49.92 -10.15 -41.90
C ILE A 42 49.73 -8.65 -41.80
N LEU A 43 50.53 -8.01 -40.94
CA LEU A 43 50.54 -6.57 -40.83
C LEU A 43 51.89 -6.06 -41.33
N LYS A 44 51.87 -4.92 -42.01
CA LYS A 44 53.04 -4.45 -42.74
C LYS A 44 53.52 -3.10 -42.19
N SER A 45 54.53 -2.54 -42.84
CA SER A 45 55.27 -1.40 -42.33
C SER A 45 54.72 -0.09 -42.89
N TYR A 46 54.82 0.98 -42.11
CA TYR A 46 54.49 2.36 -42.47
C TYR A 46 53.03 2.56 -42.84
N SER A 47 52.17 1.56 -42.65
CA SER A 47 50.81 1.64 -43.18
C SER A 47 50.04 2.82 -42.59
N PHE A 48 50.38 3.21 -41.37
CA PHE A 48 49.67 4.28 -40.67
C PHE A 48 50.38 5.62 -40.77
N SER A 49 51.30 5.77 -41.72
CA SER A 49 52.11 6.99 -41.78
C SER A 49 51.26 8.21 -42.09
N ASN A 50 50.21 8.04 -42.88
CA ASN A 50 49.39 9.17 -43.30
C ASN A 50 48.64 9.77 -42.12
N PHE A 51 47.84 8.96 -41.43
CA PHE A 51 47.04 9.44 -40.31
C PHE A 51 47.92 10.10 -39.27
N SER A 52 47.45 11.23 -38.73
CA SER A 52 48.26 12.04 -37.84
C SER A 52 47.49 12.51 -36.61
N GLU A 53 46.21 12.18 -36.50
CA GLU A 53 45.47 12.53 -35.29
C GLU A 53 44.52 11.42 -34.85
N LEU A 54 44.56 10.25 -35.48
CA LEU A 54 43.76 9.11 -35.03
C LEU A 54 44.08 8.78 -33.57
N GLN A 55 43.07 8.93 -32.70
CA GLN A 55 43.32 8.74 -31.28
C GLN A 55 42.43 7.66 -30.66
N TRP A 56 41.91 6.74 -31.45
CA TRP A 56 41.21 5.58 -30.91
C TRP A 56 41.19 4.50 -31.98
N LEU A 57 42.08 3.52 -31.88
CA LEU A 57 42.16 2.44 -32.85
C LEU A 57 41.75 1.15 -32.13
N ASP A 58 41.02 0.29 -32.83
CA ASP A 58 40.64 -1.02 -32.31
C ASP A 58 41.06 -2.07 -33.32
N LEU A 59 41.49 -3.22 -32.81
CA LEU A 59 41.74 -4.39 -33.64
C LEU A 59 41.37 -5.60 -32.80
N SER A 60 40.36 -6.34 -33.22
CA SER A 60 39.84 -7.44 -32.44
C SER A 60 39.42 -8.56 -33.36
N ARG A 61 39.85 -9.78 -33.06
CA ARG A 61 39.64 -10.96 -33.88
C ARG A 61 40.16 -10.80 -35.30
N CYS A 62 41.00 -9.79 -35.56
CA CYS A 62 41.71 -9.67 -36.83
C CYS A 62 42.85 -10.68 -36.81
N GLU A 63 42.70 -11.77 -37.56
CA GLU A 63 43.68 -12.85 -37.49
C GLU A 63 45.08 -12.36 -37.84
N ILE A 64 45.96 -12.32 -36.83
CA ILE A 64 47.32 -11.81 -36.99
C ILE A 64 48.29 -12.88 -36.52
N GLU A 65 49.39 -13.04 -37.25
CA GLU A 65 50.40 -14.03 -36.89
C GLU A 65 51.81 -13.45 -36.79
N THR A 66 52.00 -12.18 -37.11
CA THR A 66 53.33 -11.60 -37.12
C THR A 66 53.22 -10.09 -37.25
N ILE A 67 54.28 -9.38 -36.86
CA ILE A 67 54.37 -7.93 -37.01
C ILE A 67 55.71 -7.60 -37.65
N GLU A 68 55.71 -6.63 -38.55
CA GLU A 68 56.95 -6.20 -39.19
C GLU A 68 57.79 -5.39 -38.20
N ASP A 69 59.01 -5.04 -38.65
CA ASP A 69 59.98 -4.43 -37.75
C ASP A 69 59.52 -3.08 -37.23
N LYS A 70 58.89 -2.27 -38.09
CA LYS A 70 58.42 -0.95 -37.68
C LYS A 70 57.10 -0.69 -38.39
N ALA A 71 56.00 -0.97 -37.69
CA ALA A 71 54.67 -0.83 -38.27
C ALA A 71 53.87 0.31 -37.67
N TRP A 72 54.31 0.86 -36.55
CA TRP A 72 53.64 1.98 -35.90
C TRP A 72 54.42 3.27 -36.12
N HIS A 73 54.97 3.45 -37.32
CA HIS A 73 56.01 4.45 -37.58
C HIS A 73 55.66 5.84 -37.05
N GLY A 74 54.56 6.42 -37.51
CA GLY A 74 54.20 7.74 -37.04
C GLY A 74 52.81 7.80 -36.43
N LEU A 75 52.75 8.00 -35.12
CA LEU A 75 51.48 8.06 -34.40
C LEU A 75 51.72 8.92 -33.16
N HIS A 76 51.24 10.17 -33.21
CA HIS A 76 51.59 11.14 -32.18
C HIS A 76 50.61 11.10 -31.02
N HIS A 77 49.33 10.84 -31.31
CA HIS A 77 48.27 10.88 -30.30
C HIS A 77 47.36 9.67 -30.50
N LEU A 78 47.70 8.55 -29.86
CA LEU A 78 46.89 7.33 -29.91
C LEU A 78 46.75 6.81 -28.49
N SER A 79 45.72 7.28 -27.78
CA SER A 79 45.53 6.91 -26.38
C SER A 79 44.62 5.70 -26.23
N ASN A 80 44.91 4.64 -26.97
CA ASN A 80 44.22 3.37 -26.87
C ASN A 80 44.88 2.40 -27.84
N LEU A 81 44.79 1.11 -27.52
CA LEU A 81 45.15 0.06 -28.47
C LEU A 81 44.59 -1.24 -27.93
N ILE A 82 43.64 -1.82 -28.64
CA ILE A 82 43.08 -3.11 -28.28
C ILE A 82 43.70 -4.16 -29.19
N LEU A 83 43.97 -5.33 -28.64
CA LEU A 83 44.65 -6.37 -29.41
C LEU A 83 44.04 -7.73 -29.15
N THR A 84 42.89 -7.75 -28.49
CA THR A 84 42.24 -8.98 -28.08
C THR A 84 42.10 -9.96 -29.24
N GLY A 85 42.23 -11.24 -28.95
CA GLY A 85 41.95 -12.31 -29.87
C GLY A 85 43.06 -12.62 -30.86
N ASN A 86 44.02 -11.73 -31.02
CA ASN A 86 45.06 -11.90 -32.03
C ASN A 86 46.09 -12.92 -31.58
N PRO A 87 46.16 -14.11 -32.20
CA PRO A 87 47.13 -15.11 -31.75
C PRO A 87 48.55 -14.86 -32.24
N ILE A 88 49.41 -14.38 -31.36
CA ILE A 88 50.82 -14.15 -31.66
C ILE A 88 51.64 -15.16 -30.85
N GLN A 89 52.30 -16.07 -31.56
CA GLN A 89 53.00 -17.17 -30.89
C GLN A 89 54.03 -16.65 -29.89
N SER A 90 54.69 -15.54 -30.24
CA SER A 90 55.73 -14.95 -29.40
C SER A 90 56.05 -13.57 -29.97
N PHE A 91 56.31 -12.63 -29.06
CA PHE A 91 56.63 -11.27 -29.45
C PHE A 91 58.11 -11.17 -29.86
N SER A 92 58.45 -10.05 -30.45
CA SER A 92 59.79 -9.81 -30.97
C SER A 92 60.36 -8.55 -30.34
N PRO A 93 61.68 -8.48 -30.17
CA PRO A 93 62.30 -7.30 -29.57
C PRO A 93 62.06 -6.06 -30.40
N GLY A 94 62.16 -4.91 -29.74
CA GLY A 94 62.04 -3.64 -30.43
C GLY A 94 60.64 -3.29 -30.91
N SER A 95 59.65 -4.14 -30.66
CA SER A 95 58.28 -3.80 -31.02
C SER A 95 57.79 -2.64 -30.17
N PHE A 96 56.60 -2.12 -30.49
CA PHE A 96 56.01 -1.00 -29.78
C PHE A 96 56.93 0.22 -29.78
N SER A 97 57.83 0.30 -30.76
CA SER A 97 58.88 1.31 -30.71
C SER A 97 58.34 2.71 -31.00
N GLY A 98 57.51 2.84 -32.03
CA GLY A 98 57.15 4.15 -32.51
C GLY A 98 56.29 4.94 -31.54
N LEU A 99 55.41 4.26 -30.82
CA LEU A 99 54.42 4.94 -29.99
C LEU A 99 55.10 5.87 -29.00
N THR A 100 54.39 6.94 -28.62
CA THR A 100 54.95 7.95 -27.75
C THR A 100 54.06 8.31 -26.57
N SER A 101 52.74 8.24 -26.70
CA SER A 101 51.81 8.55 -25.62
C SER A 101 50.67 7.55 -25.65
N LEU A 102 50.83 6.46 -24.91
CA LEU A 102 49.84 5.39 -24.82
C LEU A 102 49.35 5.29 -23.39
N GLU A 103 48.01 5.19 -23.22
CA GLU A 103 47.45 5.12 -21.88
C GLU A 103 46.55 3.91 -21.70
N ASN A 104 46.86 2.79 -22.35
CA ASN A 104 46.12 1.56 -22.20
C ASN A 104 46.84 0.47 -22.97
N LEU A 105 46.59 -0.77 -22.60
CA LEU A 105 47.05 -1.95 -23.31
C LEU A 105 46.13 -3.10 -22.96
N VAL A 106 45.68 -3.82 -23.97
CA VAL A 106 44.85 -4.99 -23.71
C VAL A 106 45.37 -6.14 -24.55
N ALA A 107 46.21 -6.97 -23.96
CA ALA A 107 46.70 -8.18 -24.62
C ALA A 107 46.02 -9.34 -23.94
N VAL A 108 44.79 -9.61 -24.36
CA VAL A 108 43.98 -10.68 -23.79
C VAL A 108 43.78 -11.73 -24.88
N GLU A 109 43.74 -13.00 -24.47
CA GLU A 109 43.60 -14.15 -25.34
C GLU A 109 44.83 -14.37 -26.21
N THR A 110 45.82 -13.48 -26.16
CA THR A 110 47.07 -13.67 -26.87
C THR A 110 47.80 -14.89 -26.32
N LYS A 111 48.33 -15.73 -27.20
CA LYS A 111 48.97 -16.97 -26.79
C LYS A 111 50.31 -16.64 -26.14
N LEU A 112 50.22 -15.97 -25.00
CA LEU A 112 51.39 -15.53 -24.26
C LEU A 112 51.84 -16.65 -23.32
N ALA A 113 53.14 -16.72 -23.06
CA ALA A 113 53.72 -17.80 -22.27
C ALA A 113 54.38 -17.32 -20.98
N SER A 114 54.91 -16.11 -20.96
CA SER A 114 55.60 -15.60 -19.79
C SER A 114 55.55 -14.09 -19.77
N LEU A 115 55.98 -13.52 -18.65
CA LEU A 115 56.00 -12.08 -18.46
C LEU A 115 57.39 -11.48 -18.55
N GLU A 116 58.43 -12.32 -18.58
CA GLU A 116 59.80 -11.83 -18.63
C GLU A 116 60.25 -11.47 -20.04
N SER A 117 59.78 -12.21 -21.05
CA SER A 117 60.14 -11.95 -22.45
C SER A 117 59.16 -10.99 -23.11
N PHE A 118 58.54 -10.10 -22.34
CA PHE A 118 57.56 -9.16 -22.87
C PHE A 118 58.24 -7.83 -23.14
N PRO A 119 58.50 -7.48 -24.40
CA PRO A 119 59.33 -6.31 -24.71
C PRO A 119 58.64 -4.95 -24.56
N ILE A 120 58.14 -4.70 -23.37
CA ILE A 120 57.57 -3.38 -23.08
C ILE A 120 58.72 -2.40 -22.92
N GLY A 121 59.67 -2.72 -22.03
CA GLY A 121 60.82 -1.88 -21.82
C GLY A 121 60.46 -0.50 -21.32
N GLN A 122 60.63 0.51 -22.17
CA GLN A 122 60.39 1.89 -21.78
C GLN A 122 59.17 2.45 -22.52
N LEU A 123 58.04 2.39 -21.82
CA LEU A 123 56.81 3.07 -22.22
C LEU A 123 56.49 4.03 -21.08
N ILE A 124 57.04 5.24 -21.16
CA ILE A 124 57.07 6.18 -20.04
C ILE A 124 55.72 6.31 -19.35
N THR A 125 54.64 6.31 -20.12
CA THR A 125 53.30 6.44 -19.56
C THR A 125 52.50 5.19 -19.94
N LEU A 126 51.91 4.55 -18.93
CA LEU A 126 51.02 3.42 -19.16
C LEU A 126 50.11 3.28 -17.95
N LYS A 127 48.89 3.81 -18.04
CA LYS A 127 48.02 3.83 -16.86
C LYS A 127 47.62 2.44 -16.44
N LYS A 128 47.08 1.64 -17.34
CA LYS A 128 46.61 0.31 -16.99
C LYS A 128 47.44 -0.73 -17.73
N LEU A 129 47.16 -1.99 -17.41
CA LEU A 129 47.71 -3.12 -18.14
C LEU A 129 46.83 -4.31 -17.82
N ASN A 130 46.10 -4.79 -18.81
CA ASN A 130 45.15 -5.87 -18.60
C ASN A 130 45.72 -7.13 -19.23
N VAL A 131 45.61 -8.24 -18.51
CA VAL A 131 45.99 -9.56 -18.99
C VAL A 131 44.97 -10.55 -18.45
N ALA A 132 44.73 -11.62 -19.20
CA ALA A 132 43.80 -12.66 -18.77
C ALA A 132 43.82 -13.78 -19.80
N HIS A 133 43.37 -14.95 -19.37
CA HIS A 133 43.08 -16.07 -20.28
C HIS A 133 44.31 -16.49 -21.07
N ASN A 134 45.47 -16.53 -20.40
CA ASN A 134 46.76 -16.79 -21.03
C ASN A 134 47.40 -18.06 -20.47
N PHE A 135 48.50 -18.47 -21.09
CA PHE A 135 49.22 -19.67 -20.68
C PHE A 135 50.35 -19.36 -19.72
N ILE A 136 50.08 -18.63 -18.65
CA ILE A 136 51.14 -18.25 -17.70
C ILE A 136 51.21 -19.29 -16.60
N HIS A 137 52.43 -19.62 -16.17
CA HIS A 137 52.65 -20.57 -15.10
C HIS A 137 53.34 -19.99 -13.87
N SER A 138 54.00 -18.85 -13.99
CA SER A 138 54.72 -18.26 -12.89
C SER A 138 53.96 -17.07 -12.30
N CYS A 139 54.60 -16.39 -11.36
CA CYS A 139 54.02 -15.19 -10.77
C CYS A 139 55.07 -14.11 -10.51
N LYS A 140 56.29 -14.28 -11.02
CA LYS A 140 57.38 -13.38 -10.68
C LYS A 140 57.19 -12.02 -11.34
N LEU A 141 57.52 -10.96 -10.58
CA LEU A 141 57.43 -9.61 -11.10
C LEU A 141 58.82 -9.16 -11.55
N PRO A 142 59.08 -9.02 -12.85
CA PRO A 142 60.41 -8.65 -13.31
C PRO A 142 60.78 -7.23 -12.91
N ALA A 143 62.05 -6.90 -13.13
CA ALA A 143 62.65 -5.68 -12.61
C ALA A 143 62.37 -4.44 -13.45
N TYR A 144 62.13 -4.59 -14.75
CA TYR A 144 61.91 -3.43 -15.60
C TYR A 144 60.67 -2.63 -15.20
N PHE A 145 59.89 -3.14 -14.23
CA PHE A 145 58.81 -2.35 -13.65
C PHE A 145 59.33 -1.11 -12.93
N SER A 146 60.65 -0.97 -12.83
CA SER A 146 61.23 0.16 -12.11
C SER A 146 61.02 1.47 -12.85
N ASN A 147 61.01 1.44 -14.18
CA ASN A 147 60.99 2.66 -14.96
C ASN A 147 59.59 3.22 -15.14
N LEU A 148 58.58 2.36 -15.22
CA LEU A 148 57.20 2.79 -15.51
C LEU A 148 56.66 3.51 -14.28
N THR A 149 56.96 4.81 -14.20
CA THR A 149 56.64 5.61 -13.02
C THR A 149 55.15 5.76 -12.79
N ASN A 150 54.29 5.17 -13.60
CA ASN A 150 52.85 5.23 -13.41
C ASN A 150 52.23 3.95 -13.95
N LEU A 151 51.79 3.07 -13.05
CA LEU A 151 51.02 1.89 -13.43
C LEU A 151 50.18 1.49 -12.22
N VAL A 152 48.88 1.73 -12.29
CA VAL A 152 48.04 1.67 -11.10
C VAL A 152 47.09 0.48 -11.17
N HIS A 153 47.42 -0.51 -11.99
CA HIS A 153 46.61 -1.72 -11.99
C HIS A 153 47.33 -2.80 -12.77
N VAL A 154 47.24 -4.02 -12.27
CA VAL A 154 47.64 -5.21 -13.03
C VAL A 154 46.55 -6.25 -12.80
N ASP A 155 46.35 -7.12 -13.79
CA ASP A 155 45.42 -8.21 -13.65
C ASP A 155 46.06 -9.48 -14.19
N LEU A 156 45.99 -10.55 -13.41
CA LEU A 156 46.41 -11.88 -13.85
C LEU A 156 45.32 -12.83 -13.39
N SER A 157 44.28 -12.95 -14.22
CA SER A 157 43.13 -13.78 -13.88
C SER A 157 43.02 -14.92 -14.88
N TYR A 158 42.37 -16.00 -14.49
CA TYR A 158 42.12 -17.16 -15.34
C TYR A 158 43.41 -17.81 -15.83
N ASN A 159 44.49 -17.77 -15.05
CA ASN A 159 45.78 -18.29 -15.47
C ASN A 159 46.04 -19.66 -14.84
N TYR A 160 47.16 -20.28 -15.21
CA TYR A 160 47.63 -21.53 -14.61
C TYR A 160 48.71 -21.20 -13.58
N ILE A 161 48.32 -20.59 -12.47
CA ILE A 161 49.23 -20.32 -11.36
C ILE A 161 48.98 -21.37 -10.30
N GLN A 162 50.05 -21.94 -9.75
CA GLN A 162 49.93 -23.04 -8.81
C GLN A 162 50.42 -22.74 -7.41
N THR A 163 51.52 -22.00 -7.25
CA THR A 163 52.08 -21.77 -5.93
C THR A 163 52.46 -20.31 -5.80
N ILE A 164 52.98 -19.96 -4.63
CA ILE A 164 53.62 -18.68 -4.37
C ILE A 164 54.90 -18.96 -3.59
N THR A 165 55.95 -18.22 -3.91
CA THR A 165 57.24 -18.42 -3.25
C THR A 165 57.70 -17.11 -2.65
N VAL A 166 58.66 -17.21 -1.73
CA VAL A 166 59.20 -16.01 -1.10
C VAL A 166 59.98 -15.18 -2.11
N ASN A 167 60.42 -15.80 -3.21
CA ASN A 167 61.23 -15.09 -4.20
C ASN A 167 60.40 -14.01 -4.90
N ASP A 168 59.17 -14.32 -5.28
CA ASP A 168 58.29 -13.32 -5.86
C ASP A 168 58.00 -12.22 -4.85
N LEU A 169 57.42 -11.12 -5.33
CA LEU A 169 57.12 -9.92 -4.56
C LEU A 169 58.40 -9.27 -4.04
N GLN A 170 59.59 -9.78 -4.38
CA GLN A 170 60.83 -9.20 -3.88
C GLN A 170 60.94 -7.73 -4.26
N PHE A 171 60.61 -7.41 -5.51
CA PHE A 171 60.57 -6.03 -5.96
C PHE A 171 59.69 -5.17 -5.07
N LEU A 172 58.63 -5.74 -4.49
CA LEU A 172 57.84 -5.01 -3.52
C LEU A 172 58.61 -4.76 -2.22
N ARG A 173 59.36 -5.74 -1.74
CA ARG A 173 60.20 -5.52 -0.56
C ARG A 173 61.20 -4.40 -0.83
N GLU A 174 61.75 -4.36 -2.04
CA GLU A 174 62.70 -3.31 -2.38
C GLU A 174 62.01 -1.95 -2.45
N ASN A 175 60.81 -1.90 -3.02
CA ASN A 175 60.13 -0.64 -3.28
C ASN A 175 58.93 -0.48 -2.36
N PRO A 176 59.02 0.34 -1.33
CA PRO A 176 57.92 0.47 -0.38
C PRO A 176 56.90 1.53 -0.76
N GLN A 177 57.15 2.25 -1.85
CA GLN A 177 56.35 3.41 -2.22
C GLN A 177 55.71 3.26 -3.60
N VAL A 178 55.28 2.06 -3.94
CA VAL A 178 54.66 1.77 -5.24
C VAL A 178 53.19 1.42 -5.02
N ASN A 179 52.31 2.23 -5.60
CA ASN A 179 50.88 1.96 -5.59
C ASN A 179 50.61 0.93 -6.67
N LEU A 180 49.90 -0.15 -6.32
CA LEU A 180 49.58 -1.19 -7.27
C LEU A 180 48.45 -2.05 -6.74
N SER A 181 47.30 -1.97 -7.36
CA SER A 181 46.22 -2.91 -7.08
C SER A 181 46.49 -4.21 -7.82
N LEU A 182 45.72 -5.23 -7.49
CA LEU A 182 46.08 -6.57 -7.93
C LEU A 182 44.82 -7.44 -7.99
N ASP A 183 44.96 -8.58 -8.65
CA ASP A 183 43.90 -9.58 -8.74
C ASP A 183 44.48 -10.90 -9.23
N MET A 184 44.09 -12.01 -8.61
CA MET A 184 44.56 -13.33 -9.03
C MET A 184 43.39 -14.31 -8.98
N SER A 185 42.19 -13.81 -9.27
CA SER A 185 40.98 -14.61 -9.17
C SER A 185 41.04 -15.81 -10.11
N LEU A 186 40.34 -16.87 -9.72
CA LEU A 186 40.23 -18.10 -10.50
C LEU A 186 41.59 -18.72 -10.77
N ASN A 187 42.33 -18.98 -9.67
CA ASN A 187 43.65 -19.58 -9.75
C ASN A 187 43.71 -20.80 -8.83
N PRO A 188 43.93 -22.00 -9.38
CA PRO A 188 43.89 -23.22 -8.55
C PRO A 188 45.07 -23.34 -7.60
N ILE A 189 45.08 -22.48 -6.60
CA ILE A 189 46.14 -22.46 -5.59
C ILE A 189 45.94 -23.64 -4.66
N ASP A 190 47.03 -24.38 -4.40
CA ASP A 190 47.00 -25.47 -3.43
C ASP A 190 48.20 -25.48 -2.51
N PHE A 191 49.05 -24.45 -2.53
CA PHE A 191 50.18 -24.37 -1.62
C PHE A 191 50.70 -22.95 -1.58
N ILE A 192 51.10 -22.50 -0.39
CA ILE A 192 51.78 -21.22 -0.21
C ILE A 192 53.05 -21.54 0.57
N GLN A 193 54.21 -21.23 -0.03
CA GLN A 193 55.46 -21.39 0.69
C GLN A 193 55.48 -20.48 1.91
N ASP A 194 55.98 -21.03 3.02
CA ASP A 194 55.93 -20.33 4.29
C ASP A 194 56.69 -19.00 4.21
N GLN A 195 56.24 -18.04 5.01
CA GLN A 195 56.85 -16.71 5.08
C GLN A 195 56.98 -16.08 3.70
N ALA A 196 55.90 -16.16 2.94
CA ALA A 196 55.86 -15.48 1.65
C ALA A 196 55.70 -13.98 1.83
N PHE A 197 54.61 -13.56 2.46
CA PHE A 197 54.31 -12.15 2.61
C PHE A 197 55.00 -11.61 3.85
N GLN A 198 55.81 -10.57 3.67
CA GLN A 198 56.57 -10.01 4.78
C GLN A 198 56.85 -8.54 4.48
N GLY A 199 56.38 -7.66 5.35
CA GLY A 199 56.57 -6.23 5.18
C GLY A 199 56.10 -5.74 3.83
N ILE A 200 54.84 -6.01 3.50
CA ILE A 200 54.29 -5.77 2.18
C ILE A 200 52.98 -4.98 2.34
N LYS A 201 52.68 -4.14 1.35
CA LYS A 201 51.43 -3.40 1.35
C LYS A 201 50.88 -3.31 -0.07
N LEU A 202 49.57 -3.50 -0.20
CA LEU A 202 48.84 -3.42 -1.46
C LEU A 202 47.75 -2.35 -1.35
N HIS A 203 46.85 -2.33 -2.34
CA HIS A 203 45.65 -1.51 -2.29
C HIS A 203 44.37 -2.26 -2.60
N GLU A 204 44.47 -3.43 -3.23
CA GLU A 204 43.31 -4.31 -3.34
C GLU A 204 43.80 -5.72 -3.59
N LEU A 205 43.31 -6.65 -2.79
CA LEU A 205 43.50 -8.06 -3.05
C LEU A 205 42.15 -8.63 -3.45
N THR A 206 42.17 -9.77 -4.12
CA THR A 206 40.93 -10.34 -4.61
C THR A 206 41.10 -11.82 -4.83
N LEU A 207 40.25 -12.62 -4.19
CA LEU A 207 40.32 -14.07 -4.33
C LEU A 207 38.89 -14.61 -4.33
N ARG A 208 38.42 -15.06 -5.48
CA ARG A 208 37.06 -15.58 -5.60
C ARG A 208 37.12 -16.80 -6.51
N GLY A 209 36.63 -17.93 -6.02
CA GLY A 209 36.54 -19.14 -6.82
C GLY A 209 37.78 -20.01 -6.85
N ASN A 210 38.74 -19.79 -5.96
CA ASN A 210 39.98 -20.56 -5.96
C ASN A 210 39.80 -21.94 -5.33
N PHE A 211 39.41 -21.95 -4.05
CA PHE A 211 39.58 -23.12 -3.20
C PHE A 211 38.51 -24.17 -3.46
N ASN A 212 38.82 -25.40 -3.06
CA ASN A 212 38.03 -26.57 -3.40
C ASN A 212 37.70 -27.38 -2.15
N SER A 213 38.62 -27.42 -1.19
CA SER A 213 38.42 -28.14 0.05
C SER A 213 38.71 -27.23 1.24
N SER A 214 38.25 -27.66 2.41
CA SER A 214 38.28 -26.84 3.61
C SER A 214 39.67 -26.75 4.22
N ASN A 215 40.34 -27.88 4.40
CA ASN A 215 41.66 -27.89 5.03
C ASN A 215 42.67 -27.07 4.23
N ILE A 216 42.61 -27.15 2.90
CA ILE A 216 43.50 -26.37 2.06
C ILE A 216 43.32 -24.89 2.35
N MET A 217 42.06 -24.43 2.39
CA MET A 217 41.79 -23.03 2.67
C MET A 217 42.27 -22.64 4.06
N LYS A 218 42.06 -23.53 5.04
CA LYS A 218 42.57 -23.32 6.39
C LYS A 218 44.06 -23.03 6.36
N THR A 219 44.82 -23.93 5.73
CA THR A 219 46.27 -23.79 5.70
C THR A 219 46.70 -22.51 4.98
N CYS A 220 46.15 -22.25 3.79
CA CYS A 220 46.53 -21.06 3.04
C CYS A 220 46.23 -19.79 3.84
N LEU A 221 44.98 -19.61 4.25
CA LEU A 221 44.61 -18.45 5.06
C LEU A 221 45.50 -18.34 6.30
N GLN A 222 45.99 -19.47 6.79
CA GLN A 222 46.90 -19.43 7.93
C GLN A 222 48.26 -18.88 7.54
N ASN A 223 48.77 -19.27 6.38
CA ASN A 223 50.14 -18.92 5.99
C ASN A 223 50.36 -17.42 5.84
N LEU A 224 49.31 -16.64 5.64
CA LEU A 224 49.46 -15.19 5.56
C LEU A 224 49.88 -14.62 6.91
N ALA A 225 50.59 -13.50 6.86
CA ALA A 225 51.06 -12.85 8.08
C ALA A 225 51.65 -11.50 7.71
N GLY A 226 51.65 -10.59 8.68
CA GLY A 226 52.33 -9.31 8.55
C GLY A 226 51.79 -8.42 7.45
N LEU A 227 50.83 -8.92 6.69
CA LEU A 227 50.36 -8.24 5.50
C LEU A 227 49.66 -6.93 5.87
N HIS A 228 49.51 -6.06 4.87
CA HIS A 228 48.85 -4.76 5.03
C HIS A 228 48.04 -4.53 3.76
N VAL A 229 46.72 -4.46 3.89
CA VAL A 229 45.82 -4.43 2.74
C VAL A 229 44.78 -3.33 2.95
N HIS A 230 43.96 -3.11 1.91
CA HIS A 230 42.92 -2.07 1.94
C HIS A 230 41.55 -2.55 1.46
N ARG A 231 41.47 -3.71 0.80
CA ARG A 231 40.18 -4.25 0.42
C ARG A 231 40.24 -5.73 0.10
N LEU A 232 39.59 -6.55 0.92
CA LEU A 232 39.48 -7.99 0.66
C LEU A 232 38.23 -8.25 -0.15
N ILE A 233 38.33 -9.15 -1.12
CA ILE A 233 37.20 -9.62 -1.90
C ILE A 233 37.21 -11.13 -1.81
N LEU A 234 36.33 -11.68 -0.98
CA LEU A 234 36.21 -13.12 -0.80
C LEU A 234 34.81 -13.57 -1.18
N GLY A 235 34.72 -14.77 -1.74
CA GLY A 235 33.44 -15.31 -2.15
C GLY A 235 33.62 -16.41 -3.15
N GLU A 236 32.60 -16.60 -3.98
CA GLU A 236 32.66 -17.61 -5.03
C GLU A 236 31.56 -17.30 -6.03
N PHE A 237 31.56 -18.04 -7.14
CA PHE A 237 30.63 -17.82 -8.22
C PHE A 237 29.69 -19.00 -8.36
N LYS A 238 28.44 -18.69 -8.74
CA LYS A 238 27.36 -19.66 -8.78
C LYS A 238 27.40 -20.54 -10.02
N ASP A 239 28.51 -20.60 -10.74
CA ASP A 239 28.58 -21.41 -11.95
C ASP A 239 29.78 -22.35 -11.98
N GLU A 240 30.42 -22.60 -10.84
CA GLU A 240 31.47 -23.60 -10.74
C GLU A 240 31.13 -24.61 -9.65
N ARG A 241 32.08 -25.49 -9.36
CA ARG A 241 32.02 -26.35 -8.18
C ARG A 241 32.83 -25.71 -7.07
N ASN A 242 32.25 -25.61 -5.88
CA ASN A 242 32.90 -24.93 -4.77
C ASN A 242 32.65 -25.63 -3.44
N LEU A 243 32.92 -24.94 -2.33
CA LEU A 243 32.85 -25.48 -0.99
C LEU A 243 31.51 -26.14 -0.72
N GLU A 244 31.49 -27.00 0.30
CA GLU A 244 30.26 -27.65 0.75
C GLU A 244 29.82 -27.23 2.14
N ILE A 245 30.75 -26.85 3.00
CA ILE A 245 30.44 -26.45 4.37
C ILE A 245 31.34 -25.29 4.75
N PHE A 246 30.76 -24.22 5.27
CA PHE A 246 31.50 -23.06 5.73
C PHE A 246 31.51 -23.06 7.25
N GLU A 247 32.70 -23.10 7.82
CA GLU A 247 32.84 -23.05 9.27
C GLU A 247 33.43 -21.71 9.68
N PRO A 248 32.91 -21.09 10.75
CA PRO A 248 33.49 -19.83 11.22
C PRO A 248 34.95 -19.97 11.64
N SER A 249 35.47 -21.19 11.76
CA SER A 249 36.87 -21.42 12.07
C SER A 249 37.72 -21.64 10.83
N ILE A 250 37.12 -21.75 9.65
CA ILE A 250 37.91 -21.79 8.42
C ILE A 250 38.72 -20.52 8.27
N MET A 251 38.13 -19.38 8.60
CA MET A 251 38.84 -18.11 8.58
C MET A 251 39.63 -17.90 9.86
N GLU A 252 40.38 -18.93 10.25
CA GLU A 252 41.36 -18.81 11.30
C GLU A 252 42.71 -18.44 10.67
N GLY A 253 43.62 -17.95 11.50
CA GLY A 253 44.80 -17.31 10.97
C GLY A 253 44.54 -15.96 10.36
N LEU A 254 43.37 -15.36 10.61
CA LEU A 254 43.06 -14.05 10.10
C LEU A 254 43.21 -12.97 11.15
N CYS A 255 43.44 -13.34 12.40
CA CYS A 255 43.63 -12.38 13.49
C CYS A 255 45.03 -11.78 13.50
N ASP A 256 45.78 -11.91 12.41
CA ASP A 256 47.12 -11.33 12.30
C ASP A 256 47.23 -10.26 11.23
N VAL A 257 46.36 -10.28 10.22
CA VAL A 257 46.40 -9.34 9.11
C VAL A 257 45.76 -8.03 9.54
N THR A 258 46.31 -6.92 9.04
CA THR A 258 45.67 -5.62 9.20
C THR A 258 44.73 -5.37 8.04
N ILE A 259 43.50 -4.97 8.37
CA ILE A 259 42.44 -4.82 7.38
C ILE A 259 41.73 -3.50 7.62
N ASP A 260 41.26 -2.87 6.54
CA ASP A 260 40.47 -1.65 6.64
C ASP A 260 39.10 -1.74 5.99
N GLU A 261 38.85 -2.74 5.14
CA GLU A 261 37.49 -2.94 4.62
C GLU A 261 37.36 -4.38 4.18
N PHE A 262 36.65 -5.18 4.95
CA PHE A 262 36.31 -6.55 4.56
C PHE A 262 35.08 -6.51 3.66
N ARG A 263 35.06 -7.37 2.65
CA ARG A 263 33.97 -7.37 1.70
C ARG A 263 33.68 -8.79 1.24
N LEU A 264 32.51 -9.31 1.59
CA LEU A 264 32.11 -10.66 1.24
C LEU A 264 31.11 -10.62 0.09
N THR A 265 30.93 -11.76 -0.55
CA THR A 265 30.03 -11.87 -1.71
C THR A 265 29.26 -13.18 -1.57
N TYR A 266 28.63 -13.60 -2.66
CA TYR A 266 27.72 -14.73 -2.62
C TYR A 266 28.41 -16.01 -2.17
N THR A 267 27.76 -16.74 -1.25
CA THR A 267 28.25 -18.01 -0.75
C THR A 267 27.12 -19.02 -0.74
N ASN A 268 27.44 -20.27 -1.06
CA ASN A 268 26.43 -21.33 -1.11
C ASN A 268 25.99 -21.76 0.30
N ASP A 269 26.94 -22.07 1.16
CA ASP A 269 26.65 -22.44 2.52
C ASP A 269 26.89 -21.25 3.44
N PHE A 270 25.90 -20.95 4.28
CA PHE A 270 26.00 -19.75 5.10
C PHE A 270 25.32 -20.01 6.44
N SER A 271 25.74 -19.25 7.44
CA SER A 271 25.18 -19.33 8.79
C SER A 271 25.30 -17.96 9.43
N ASP A 272 24.31 -17.60 10.25
CA ASP A 272 24.39 -16.35 11.00
C ASP A 272 25.62 -16.29 11.88
N ASP A 273 26.20 -17.43 12.23
CA ASP A 273 27.36 -17.46 13.11
C ASP A 273 28.62 -16.94 12.45
N ILE A 274 28.66 -16.87 11.12
CA ILE A 274 29.87 -16.43 10.42
C ILE A 274 30.25 -15.03 10.87
N VAL A 275 29.29 -14.11 10.87
CA VAL A 275 29.56 -12.76 11.34
C VAL A 275 29.84 -12.78 12.84
N LYS A 276 30.40 -11.67 13.33
CA LYS A 276 30.81 -11.48 14.72
C LYS A 276 31.67 -12.64 15.25
N PHE A 277 32.40 -13.29 14.35
CA PHE A 277 33.49 -14.18 14.76
C PHE A 277 34.65 -13.32 15.25
N HIS A 278 35.28 -13.75 16.35
CA HIS A 278 36.12 -12.84 17.11
C HIS A 278 37.35 -12.34 16.35
N CYS A 279 37.64 -12.89 15.18
CA CYS A 279 38.68 -12.35 14.31
C CYS A 279 38.17 -11.25 13.38
N LEU A 280 36.98 -10.73 13.62
CA LEU A 280 36.44 -9.62 12.85
C LEU A 280 36.20 -8.42 13.74
N ALA A 281 36.96 -8.32 14.83
CA ALA A 281 36.71 -7.31 15.84
C ALA A 281 37.28 -5.95 15.50
N ASN A 282 38.21 -5.87 14.55
CA ASN A 282 38.83 -4.60 14.18
C ASN A 282 38.62 -4.22 12.74
N VAL A 283 37.87 -5.01 11.97
CA VAL A 283 37.52 -4.61 10.61
C VAL A 283 36.77 -3.29 10.65
N SER A 284 37.38 -2.25 10.09
CA SER A 284 36.88 -0.89 10.27
C SER A 284 35.85 -0.47 9.23
N ALA A 285 35.54 -1.33 8.26
CA ALA A 285 34.44 -1.03 7.33
C ALA A 285 33.87 -2.35 6.84
N MET A 286 32.81 -2.81 7.48
CA MET A 286 32.15 -4.04 7.08
C MET A 286 31.39 -3.82 5.77
N SER A 287 31.18 -4.91 5.04
CA SER A 287 30.43 -4.84 3.80
C SER A 287 30.09 -6.26 3.38
N LEU A 288 28.95 -6.40 2.72
CA LEU A 288 28.48 -7.70 2.27
C LEU A 288 27.32 -7.48 1.31
N ALA A 289 27.34 -8.20 0.20
CA ALA A 289 26.39 -7.95 -0.87
C ALA A 289 26.11 -9.24 -1.62
N GLY A 290 24.84 -9.63 -1.69
CA GLY A 290 24.45 -10.85 -2.35
C GLY A 290 24.35 -12.05 -1.43
N VAL A 291 24.66 -11.89 -0.15
CA VAL A 291 24.68 -13.00 0.80
C VAL A 291 23.27 -13.33 1.24
N SER A 292 22.95 -14.64 1.25
CA SER A 292 21.60 -15.09 1.57
C SER A 292 21.43 -15.21 3.08
N ILE A 293 21.43 -14.06 3.74
CA ILE A 293 21.15 -13.98 5.16
C ILE A 293 19.64 -14.12 5.35
N LYS A 294 19.23 -14.40 6.58
CA LYS A 294 17.81 -14.38 6.93
C LYS A 294 17.52 -13.57 8.18
N TYR A 295 18.39 -13.60 9.17
CA TYR A 295 18.19 -12.87 10.41
C TYR A 295 19.51 -12.26 10.84
N LEU A 296 19.42 -11.25 11.70
CA LEU A 296 20.62 -10.58 12.24
C LEU A 296 20.32 -10.26 13.70
N GLU A 297 20.81 -11.10 14.60
CA GLU A 297 20.53 -11.03 16.02
C GLU A 297 21.66 -10.28 16.73
N ASP A 298 21.66 -10.34 18.06
CA ASP A 298 22.59 -9.57 18.89
C ASP A 298 24.04 -9.71 18.43
N VAL A 299 24.79 -8.64 18.59
CA VAL A 299 26.19 -8.58 18.19
C VAL A 299 27.00 -7.97 19.34
N PRO A 300 28.17 -8.50 19.66
CA PRO A 300 28.94 -7.98 20.78
C PRO A 300 29.20 -6.49 20.67
N LYS A 301 29.41 -5.86 21.83
CA LYS A 301 29.62 -4.41 21.86
C LYS A 301 31.08 -4.04 21.67
N HIS A 302 32.01 -4.98 21.86
CA HIS A 302 33.42 -4.65 21.71
C HIS A 302 33.87 -4.81 20.26
N PHE A 303 33.11 -4.24 19.32
CA PHE A 303 33.48 -4.21 17.92
C PHE A 303 33.77 -2.78 17.49
N LYS A 304 34.63 -2.65 16.48
CA LYS A 304 34.98 -1.35 15.91
C LYS A 304 34.53 -1.33 14.45
N TRP A 305 33.29 -0.93 14.23
CA TRP A 305 32.72 -0.84 12.89
C TRP A 305 32.34 0.61 12.61
N GLN A 306 32.82 1.13 11.49
CA GLN A 306 32.50 2.48 11.03
C GLN A 306 31.44 2.49 9.93
N SER A 307 31.13 1.35 9.34
CA SER A 307 30.19 1.32 8.23
C SER A 307 29.62 -0.07 8.09
N LEU A 308 28.41 -0.14 7.55
CA LEU A 308 27.75 -1.40 7.26
C LEU A 308 26.94 -1.23 5.99
N SER A 309 26.85 -2.29 5.20
CA SER A 309 26.14 -2.18 3.93
C SER A 309 25.60 -3.54 3.55
N ILE A 310 24.27 -3.63 3.40
CA ILE A 310 23.60 -4.83 2.94
C ILE A 310 22.92 -4.48 1.62
N ILE A 311 23.15 -5.28 0.59
CA ILE A 311 22.62 -5.01 -0.74
C ILE A 311 22.08 -6.30 -1.33
N ARG A 312 20.81 -6.28 -1.74
CA ARG A 312 20.19 -7.39 -2.46
C ARG A 312 20.19 -8.68 -1.64
N CYS A 313 20.15 -8.55 -0.31
CA CYS A 313 20.13 -9.71 0.57
C CYS A 313 18.72 -9.90 1.13
N GLN A 314 18.23 -11.13 1.08
CA GLN A 314 16.94 -11.44 1.66
C GLN A 314 16.96 -11.19 3.15
N LEU A 315 15.89 -10.60 3.66
CA LEU A 315 15.82 -10.24 5.08
C LEU A 315 14.35 -10.21 5.46
N LYS A 316 13.88 -11.26 6.12
CA LYS A 316 12.46 -11.40 6.46
C LYS A 316 12.11 -10.79 7.80
N GLN A 317 12.87 -9.78 8.23
CA GLN A 317 12.63 -9.09 9.48
C GLN A 317 13.59 -7.90 9.55
N PHE A 318 13.13 -6.83 10.18
CA PHE A 318 13.99 -5.70 10.46
C PHE A 318 14.85 -6.04 11.67
N PRO A 319 16.15 -6.28 11.48
CA PRO A 319 16.97 -6.75 12.60
C PRO A 319 17.23 -5.66 13.62
N THR A 320 17.39 -6.07 14.88
CA THR A 320 17.76 -5.16 15.94
C THR A 320 19.28 -5.04 16.01
N LEU A 321 19.76 -3.86 16.39
CA LEU A 321 21.19 -3.60 16.42
C LEU A 321 21.50 -2.63 17.54
N ASP A 322 22.71 -2.75 18.07
CA ASP A 322 23.21 -1.82 19.09
C ASP A 322 24.74 -1.80 18.98
N LEU A 323 25.28 -0.75 18.38
CA LEU A 323 26.70 -0.59 18.18
C LEU A 323 27.08 0.88 18.35
N PRO A 324 27.74 1.24 19.44
CA PRO A 324 27.96 2.66 19.73
C PRO A 324 28.97 3.35 18.82
N PHE A 325 29.38 2.70 17.73
CA PHE A 325 30.35 3.29 16.82
C PHE A 325 29.94 3.22 15.35
N LEU A 326 28.90 2.48 14.99
CA LEU A 326 28.53 2.35 13.59
C LEU A 326 27.87 3.63 13.08
N LYS A 327 28.12 3.93 11.81
CA LYS A 327 27.42 5.00 11.11
C LYS A 327 27.31 4.61 9.64
N SER A 328 26.42 5.30 8.93
CA SER A 328 26.20 5.06 7.50
C SER A 328 25.74 3.63 7.23
N LEU A 329 24.56 3.33 7.75
CA LEU A 329 23.88 2.09 7.42
C LEU A 329 23.17 2.22 6.09
N THR A 330 23.13 1.13 5.33
CA THR A 330 22.53 1.14 4.00
C THR A 330 21.89 -0.21 3.73
N LEU A 331 20.61 -0.19 3.37
CA LEU A 331 19.88 -1.41 3.02
C LEU A 331 18.97 -1.06 1.87
N THR A 332 19.16 -1.70 0.72
CA THR A 332 18.38 -1.34 -0.46
C THR A 332 18.09 -2.57 -1.29
N MET A 333 17.09 -2.43 -2.17
CA MET A 333 16.74 -3.44 -3.17
C MET A 333 16.48 -4.80 -2.53
N ASN A 334 15.99 -4.79 -1.30
CA ASN A 334 15.69 -6.04 -0.61
C ASN A 334 14.68 -6.85 -1.41
N LYS A 335 14.73 -8.17 -1.23
CA LYS A 335 13.88 -9.09 -1.99
C LYS A 335 12.62 -9.49 -1.23
N GLY A 336 12.23 -8.73 -0.22
CA GLY A 336 11.06 -9.09 0.54
C GLY A 336 10.34 -7.89 1.11
N SER A 337 9.23 -8.15 1.80
CA SER A 337 8.41 -7.13 2.40
C SER A 337 8.57 -7.20 3.92
N ILE A 338 8.91 -6.06 4.52
CA ILE A 338 9.22 -5.98 5.94
C ILE A 338 8.47 -4.81 6.55
N SER A 339 8.71 -4.56 7.83
CA SER A 339 8.05 -3.50 8.57
C SER A 339 9.00 -2.96 9.62
N PHE A 340 9.16 -1.63 9.65
CA PHE A 340 10.13 -0.98 10.51
C PHE A 340 9.97 -1.36 11.97
N LYS A 341 11.08 -1.44 12.71
CA LYS A 341 11.06 -1.64 14.15
C LYS A 341 12.11 -0.75 14.78
N LYS A 342 11.82 -0.28 15.98
CA LYS A 342 12.72 0.65 16.65
C LYS A 342 14.10 0.03 16.86
N VAL A 343 15.13 0.88 16.82
CA VAL A 343 16.51 0.48 17.03
C VAL A 343 17.19 1.55 17.88
N ALA A 344 18.48 1.34 18.16
CA ALA A 344 19.28 2.31 18.88
C ALA A 344 20.69 2.32 18.30
N LEU A 345 21.11 3.49 17.80
CA LEU A 345 22.40 3.69 17.17
C LEU A 345 22.91 5.09 17.50
N PRO A 346 23.60 5.26 18.62
CA PRO A 346 23.82 6.62 19.17
C PRO A 346 24.59 7.58 18.27
N SER A 347 25.17 7.14 17.15
CA SER A 347 25.89 8.07 16.29
C SER A 347 25.77 7.60 14.85
N LEU A 348 24.75 8.08 14.14
CA LEU A 348 24.49 7.74 12.75
C LEU A 348 24.25 9.02 11.98
N SER A 349 24.76 9.10 10.75
CA SER A 349 24.62 10.30 9.92
C SER A 349 24.34 9.97 8.46
N TYR A 350 23.68 8.84 8.21
CA TYR A 350 23.31 8.47 6.85
C TYR A 350 22.37 7.29 6.92
N LEU A 351 21.34 7.31 6.08
CA LEU A 351 20.40 6.19 6.03
C LEU A 351 19.80 6.13 4.63
N ASP A 352 19.60 4.91 4.15
CA ASP A 352 19.05 4.71 2.82
C ASP A 352 18.29 3.39 2.85
N LEU A 353 16.96 3.47 2.83
CA LEU A 353 16.10 2.29 2.84
C LEU A 353 15.14 2.48 1.68
N SER A 354 15.59 2.13 0.48
CA SER A 354 14.89 2.50 -0.74
C SER A 354 14.64 1.27 -1.60
N ARG A 355 13.59 1.36 -2.42
CA ARG A 355 13.20 0.30 -3.33
C ARG A 355 12.92 -1.01 -2.59
N ASN A 356 12.53 -0.88 -1.33
CA ASN A 356 12.00 -1.98 -0.54
C ASN A 356 10.54 -1.66 -0.20
N ALA A 357 9.70 -2.68 -0.20
CA ALA A 357 8.28 -2.50 0.14
C ALA A 357 8.13 -2.39 1.65
N LEU A 358 8.60 -1.27 2.17
CA LEU A 358 8.67 -1.03 3.60
C LEU A 358 7.54 -0.11 4.06
N SER A 359 6.79 -0.57 5.06
CA SER A 359 5.68 0.18 5.63
C SER A 359 6.12 0.74 6.98
N PHE A 360 5.98 2.05 7.15
CA PHE A 360 6.50 2.73 8.32
C PHE A 360 5.33 3.38 9.05
N SER A 361 4.79 2.67 10.05
CA SER A 361 3.47 3.02 10.57
C SER A 361 3.52 4.20 11.52
N GLY A 362 4.12 4.02 12.70
CA GLY A 362 4.27 5.15 13.58
C GLY A 362 5.47 5.93 13.14
N CYS A 363 5.24 6.97 12.33
CA CYS A 363 6.30 7.47 11.47
C CYS A 363 7.15 8.54 12.15
N CYS A 364 8.47 8.38 12.00
CA CYS A 364 9.42 9.48 11.90
C CYS A 364 9.35 10.42 13.09
N SER A 365 9.78 9.88 14.23
CA SER A 365 10.07 10.67 15.41
C SER A 365 11.38 10.18 16.04
N TYR A 366 11.76 10.84 17.13
CA TYR A 366 13.03 10.55 17.80
C TYR A 366 13.14 9.10 18.21
N SER A 367 12.10 8.57 18.86
CA SER A 367 12.21 7.31 19.57
C SER A 367 12.44 6.13 18.63
N ASP A 368 12.15 6.29 17.35
CA ASP A 368 12.34 5.18 16.42
C ASP A 368 13.81 4.85 16.19
N LEU A 369 14.70 5.81 16.37
CA LEU A 369 16.13 5.58 16.16
C LEU A 369 16.97 5.96 17.37
N GLY A 370 16.57 6.97 18.13
CA GLY A 370 17.30 7.37 19.31
C GLY A 370 18.66 7.94 18.97
N THR A 371 18.67 9.08 18.30
CA THR A 371 19.93 9.68 17.85
C THR A 371 19.69 11.13 17.49
N ASN A 372 20.78 11.85 17.33
CA ASN A 372 20.81 13.16 16.71
C ASN A 372 21.77 13.09 15.52
N SER A 373 22.00 14.25 14.90
CA SER A 373 23.03 14.38 13.86
C SER A 373 22.77 13.44 12.68
N LEU A 374 21.54 13.47 12.17
CA LEU A 374 21.20 12.82 10.92
C LEU A 374 21.31 13.83 9.78
N ARG A 375 21.69 13.34 8.60
CA ARG A 375 21.96 14.25 7.49
C ARG A 375 21.26 13.88 6.19
N HIS A 376 20.93 12.62 5.96
CA HIS A 376 20.40 12.22 4.66
C HIS A 376 19.43 11.08 4.89
N LEU A 377 18.19 11.32 4.52
CA LEU A 377 17.13 10.34 4.72
C LEU A 377 16.47 10.08 3.38
N ASP A 378 16.05 8.84 3.16
CA ASP A 378 15.49 8.46 1.87
C ASP A 378 14.63 7.24 2.07
N LEU A 379 13.31 7.41 1.93
CA LEU A 379 12.36 6.31 1.91
C LEU A 379 11.56 6.48 0.63
N SER A 380 12.11 6.00 -0.48
CA SER A 380 11.50 6.22 -1.78
C SER A 380 11.19 4.87 -2.42
N PHE A 381 10.13 4.85 -3.21
CA PHE A 381 9.62 3.65 -3.88
C PHE A 381 9.11 2.61 -2.88
N ASN A 382 8.86 3.00 -1.63
CA ASN A 382 8.29 2.12 -0.62
C ASN A 382 6.77 2.13 -0.71
N GLY A 383 6.10 1.65 0.34
CA GLY A 383 4.65 1.61 0.36
C GLY A 383 4.01 2.65 1.26
N ALA A 384 2.87 2.30 1.85
CA ALA A 384 2.10 3.27 2.63
C ALA A 384 2.86 3.71 3.87
N ILE A 385 2.97 5.02 4.04
CA ILE A 385 3.66 5.61 5.18
C ILE A 385 2.66 6.47 5.94
N ILE A 386 1.97 5.88 6.91
CA ILE A 386 1.03 6.61 7.74
C ILE A 386 1.80 7.62 8.58
N MET A 387 1.44 8.89 8.46
CA MET A 387 2.08 9.93 9.24
C MET A 387 1.39 10.00 10.60
N SER A 388 2.18 9.91 11.66
CA SER A 388 1.64 9.95 13.02
C SER A 388 2.17 11.11 13.83
N ALA A 389 3.37 11.61 13.53
CA ALA A 389 3.90 12.78 14.22
C ALA A 389 4.85 13.50 13.28
N ASN A 390 4.77 14.82 13.28
CA ASN A 390 5.73 15.65 12.58
C ASN A 390 7.09 15.47 13.21
N PHE A 391 8.14 15.62 12.40
CA PHE A 391 9.49 15.26 12.85
C PHE A 391 9.87 16.14 14.02
N MET A 392 10.13 15.51 15.17
CA MET A 392 10.29 16.25 16.40
C MET A 392 11.69 16.19 17.00
N GLY A 393 12.35 15.04 16.97
CA GLY A 393 13.70 14.95 17.47
C GLY A 393 14.74 15.22 16.41
N LEU A 394 14.35 15.06 15.14
CA LEU A 394 15.29 15.16 14.02
C LEU A 394 15.33 16.58 13.48
N GLU A 395 15.69 17.51 14.34
CA GLU A 395 15.68 18.93 14.01
C GLU A 395 16.83 19.36 13.11
N GLU A 396 17.61 18.40 12.57
CA GLU A 396 18.72 18.70 11.67
C GLU A 396 18.70 17.67 10.55
N LEU A 397 18.46 18.13 9.33
CA LEU A 397 18.36 17.25 8.18
C LEU A 397 18.74 18.07 6.95
N GLN A 398 19.08 17.39 5.86
CA GLN A 398 19.49 18.10 4.66
C GLN A 398 18.74 17.68 3.41
N HIS A 399 18.44 16.41 3.26
CA HIS A 399 17.68 15.93 2.10
C HIS A 399 16.50 15.13 2.60
N LEU A 400 15.57 14.85 1.70
CA LEU A 400 14.37 14.10 2.03
C LEU A 400 13.70 13.70 0.73
N ASP A 401 13.11 12.51 0.70
CA ASP A 401 12.73 11.97 -0.60
C ASP A 401 11.64 10.91 -0.51
N PHE A 402 10.48 11.21 -1.10
CA PHE A 402 9.45 10.22 -1.43
C PHE A 402 9.28 10.30 -2.94
N GLN A 403 9.27 9.17 -3.62
CA GLN A 403 9.11 9.24 -5.07
C GLN A 403 7.85 8.53 -5.55
N HIS A 404 7.68 7.26 -5.21
CA HIS A 404 6.46 6.54 -5.59
C HIS A 404 6.00 5.79 -4.34
N SER A 405 5.27 6.48 -3.47
CA SER A 405 4.89 5.90 -2.19
C SER A 405 3.66 6.64 -1.67
N THR A 406 2.56 5.90 -1.50
CA THR A 406 1.31 6.51 -1.07
C THR A 406 1.46 7.07 0.33
N LEU A 407 1.54 8.39 0.44
CA LEU A 407 1.76 9.08 1.71
C LEU A 407 0.41 9.52 2.27
N LYS A 408 0.00 8.88 3.37
CA LYS A 408 -1.36 9.00 3.90
C LYS A 408 -1.42 10.03 5.01
N ARG A 409 -2.61 10.63 5.18
CA ARG A 409 -2.91 11.54 6.28
C ARG A 409 -2.02 12.77 6.28
N VAL A 410 -1.57 13.21 5.11
CA VAL A 410 -0.71 14.40 5.04
C VAL A 410 -1.45 15.67 5.36
N THR A 411 -2.76 15.71 5.12
CA THR A 411 -3.54 16.94 5.17
C THR A 411 -4.29 17.14 6.48
N GLU A 412 -4.36 16.13 7.34
CA GLU A 412 -5.11 16.27 8.58
C GLU A 412 -4.43 17.20 9.57
N PHE A 413 -3.14 17.51 9.37
CA PHE A 413 -2.40 18.43 10.20
C PHE A 413 -1.18 18.89 9.40
N SER A 414 -0.46 19.86 9.93
CA SER A 414 0.64 20.48 9.18
C SER A 414 1.93 19.71 9.46
N ALA A 415 2.18 18.70 8.64
CA ALA A 415 3.44 17.97 8.73
C ALA A 415 4.59 18.86 8.28
N PHE A 416 5.81 18.32 8.36
CA PHE A 416 7.03 19.07 8.08
C PHE A 416 7.09 20.35 8.90
N LEU A 417 6.61 20.29 10.13
CA LEU A 417 6.44 21.50 10.93
C LEU A 417 7.68 21.92 11.70
N SER A 418 8.72 21.08 11.74
CA SER A 418 9.89 21.42 12.53
C SER A 418 11.21 21.31 11.78
N LEU A 419 11.18 21.14 10.45
CA LEU A 419 12.40 21.02 9.67
C LEU A 419 12.89 22.40 9.26
N GLU A 420 13.39 23.13 10.25
CA GLU A 420 13.84 24.51 10.03
C GLU A 420 15.10 24.59 9.19
N LYS A 421 15.84 23.49 9.04
CA LYS A 421 17.00 23.42 8.16
C LYS A 421 16.75 22.32 7.15
N LEU A 422 16.32 22.70 5.95
CA LEU A 422 16.16 21.75 4.87
C LEU A 422 16.60 22.44 3.58
N LEU A 423 17.02 21.65 2.61
CA LEU A 423 17.48 22.21 1.35
C LEU A 423 17.00 21.43 0.14
N TYR A 424 16.04 20.52 0.29
CA TYR A 424 15.58 19.69 -0.81
C TYR A 424 14.32 19.00 -0.36
N LEU A 425 13.46 18.65 -1.31
CA LEU A 425 12.20 17.99 -1.00
C LEU A 425 11.66 17.42 -2.28
N ASP A 426 10.89 16.33 -2.17
CA ASP A 426 10.38 15.64 -3.35
C ASP A 426 9.11 14.92 -2.97
N ILE A 427 7.96 15.50 -3.31
CA ILE A 427 6.67 14.82 -3.21
C ILE A 427 6.13 14.75 -4.63
N SER A 428 6.43 13.67 -5.33
CA SER A 428 6.00 13.52 -6.71
C SER A 428 5.27 12.20 -6.85
N TYR A 429 4.28 12.15 -7.73
CA TYR A 429 3.57 10.92 -8.07
C TYR A 429 3.02 10.19 -6.85
N THR A 430 2.84 10.90 -5.74
CA THR A 430 2.14 10.38 -4.56
C THR A 430 0.74 11.00 -4.57
N ASN A 431 -0.26 10.18 -4.90
CA ASN A 431 -1.63 10.69 -5.03
C ASN A 431 -2.02 11.52 -3.81
N THR A 432 -2.24 12.82 -4.03
CA THR A 432 -2.41 13.74 -2.94
C THR A 432 -3.35 14.85 -3.38
N LYS A 433 -4.61 14.76 -2.95
CA LYS A 433 -5.62 15.75 -3.29
C LYS A 433 -5.42 16.93 -2.34
N ILE A 434 -4.62 17.90 -2.76
CA ILE A 434 -4.29 19.03 -1.89
C ILE A 434 -5.54 19.88 -1.72
N ASP A 435 -6.16 19.76 -0.54
CA ASP A 435 -7.35 20.54 -0.22
C ASP A 435 -7.22 21.31 1.08
N PHE A 436 -6.04 21.39 1.67
CA PHE A 436 -5.78 22.19 2.86
C PHE A 436 -4.65 23.15 2.55
N ASP A 437 -4.90 24.43 2.75
CA ASP A 437 -3.83 25.41 2.61
C ASP A 437 -2.89 25.31 3.81
N GLY A 438 -1.75 25.98 3.72
CA GLY A 438 -0.79 25.90 4.81
C GLY A 438 -0.19 24.53 5.03
N ILE A 439 -0.16 23.68 3.99
CA ILE A 439 0.47 22.37 4.12
C ILE A 439 1.99 22.51 4.13
N PHE A 440 2.55 23.22 3.15
CA PHE A 440 4.00 23.44 3.08
C PHE A 440 4.38 24.59 4.02
N LEU A 441 4.05 24.39 5.29
CA LEU A 441 4.20 25.44 6.29
C LEU A 441 5.42 25.17 7.17
N GLY A 442 6.03 26.26 7.64
CA GLY A 442 7.07 26.18 8.64
C GLY A 442 8.48 25.94 8.15
N LEU A 443 8.66 25.46 6.92
CA LEU A 443 9.99 25.17 6.39
C LEU A 443 10.43 26.37 5.55
N THR A 444 11.37 27.15 6.09
CA THR A 444 11.78 28.38 5.41
C THR A 444 12.70 28.07 4.24
N SER A 445 13.88 27.52 4.52
CA SER A 445 14.86 27.25 3.47
C SER A 445 14.42 26.05 2.66
N LEU A 446 14.18 26.24 1.38
CA LEU A 446 13.90 25.13 0.48
C LEU A 446 14.20 25.50 -0.96
N ASN A 447 15.33 25.06 -1.48
CA ASN A 447 15.76 25.48 -2.80
C ASN A 447 15.40 24.49 -3.90
N THR A 448 14.35 23.70 -3.73
CA THR A 448 13.90 22.74 -4.73
C THR A 448 12.55 22.19 -4.27
N LEU A 449 11.65 21.94 -5.21
CA LEU A 449 10.34 21.38 -4.91
C LEU A 449 9.79 20.76 -6.18
N LYS A 450 9.42 19.49 -6.12
CA LYS A 450 8.98 18.74 -7.29
C LYS A 450 7.64 18.08 -6.99
N MET A 451 6.56 18.65 -7.53
CA MET A 451 5.22 18.19 -7.24
C MET A 451 4.50 17.67 -8.48
N ALA A 452 5.16 16.87 -9.31
CA ALA A 452 4.71 16.53 -10.67
C ALA A 452 3.26 16.04 -10.62
N GLY A 453 2.97 14.89 -10.04
CA GLY A 453 1.60 14.39 -10.10
C GLY A 453 0.79 14.60 -8.83
N ASN A 454 -0.03 15.65 -8.80
CA ASN A 454 -0.82 15.99 -7.61
C ASN A 454 -2.08 16.71 -8.05
N SER A 455 -3.23 16.17 -7.64
CA SER A 455 -4.50 16.80 -7.96
C SER A 455 -4.66 18.09 -7.14
N PHE A 456 -5.81 18.72 -7.29
CA PHE A 456 -6.16 19.90 -6.51
C PHE A 456 -7.65 19.88 -6.20
N LYS A 457 -8.09 20.83 -5.38
CA LYS A 457 -9.51 20.97 -5.09
C LYS A 457 -10.17 21.83 -6.16
N ASP A 458 -11.20 21.28 -6.80
CA ASP A 458 -11.93 21.91 -7.93
C ASP A 458 -10.98 22.57 -8.93
N ASN A 459 -9.81 21.96 -9.11
CA ASN A 459 -8.90 22.26 -10.21
C ASN A 459 -8.56 23.75 -10.28
N THR A 460 -7.88 24.22 -9.25
CA THR A 460 -7.40 25.60 -9.25
C THR A 460 -6.22 25.73 -8.31
N LEU A 461 -5.22 26.49 -8.75
CA LEU A 461 -4.08 26.84 -7.91
C LEU A 461 -4.57 27.85 -6.88
N SER A 462 -4.23 27.63 -5.61
CA SER A 462 -4.81 28.40 -4.51
C SER A 462 -3.79 28.67 -3.41
N ASN A 463 -3.10 29.80 -3.52
CA ASN A 463 -2.34 30.42 -2.43
C ASN A 463 -1.65 29.39 -1.52
N VAL A 464 -0.82 28.57 -2.12
CA VAL A 464 -0.09 27.55 -1.35
C VAL A 464 1.31 28.00 -0.95
N PHE A 465 2.06 28.64 -1.85
CA PHE A 465 3.47 28.96 -1.63
C PHE A 465 3.56 30.32 -0.96
N ALA A 466 3.48 30.32 0.37
CA ALA A 466 3.69 31.53 1.15
C ALA A 466 4.66 31.21 2.28
N ASN A 467 5.40 32.23 2.72
CA ASN A 467 6.48 32.05 3.69
C ASN A 467 7.48 31.01 3.21
N THR A 468 7.77 31.03 1.92
CA THR A 468 8.68 30.11 1.24
C THR A 468 9.61 30.90 0.31
N THR A 469 10.26 31.92 0.86
CA THR A 469 11.00 32.88 0.05
C THR A 469 12.10 32.22 -0.76
N ASN A 470 13.14 31.73 -0.09
CA ASN A 470 14.32 31.22 -0.79
C ASN A 470 13.79 29.97 -1.47
N LEU A 471 13.62 30.04 -2.79
CA LEU A 471 13.05 28.93 -3.54
C LEU A 471 13.28 29.23 -5.01
N THR A 472 14.32 28.65 -5.59
CA THR A 472 14.76 29.04 -6.92
C THR A 472 14.21 28.12 -8.01
N PHE A 473 14.13 26.83 -7.75
CA PHE A 473 13.62 25.86 -8.71
C PHE A 473 12.23 25.44 -8.27
N LEU A 474 11.24 25.66 -9.12
CA LEU A 474 9.87 25.26 -8.84
C LEU A 474 9.36 24.42 -10.00
N ASP A 475 8.28 23.68 -9.74
CA ASP A 475 7.82 22.71 -10.73
C ASP A 475 6.37 22.35 -10.40
N LEU A 476 5.46 22.70 -11.29
CA LEU A 476 4.05 22.30 -11.20
C LEU A 476 3.62 21.84 -12.58
N SER A 477 3.90 20.59 -12.92
CA SER A 477 3.64 20.07 -14.25
C SER A 477 2.65 18.92 -14.17
N LYS A 478 2.19 18.48 -15.32
CA LYS A 478 1.53 17.20 -15.51
C LYS A 478 0.24 17.08 -14.69
N CYS A 479 -0.15 18.11 -13.95
CA CYS A 479 -1.33 18.06 -13.11
C CYS A 479 -2.43 18.95 -13.67
N GLN A 480 -3.66 18.45 -13.64
CA GLN A 480 -4.81 19.09 -14.26
C GLN A 480 -5.14 20.37 -13.51
N LEU A 481 -4.91 21.52 -14.15
CA LEU A 481 -5.30 22.82 -13.61
C LEU A 481 -6.12 23.56 -14.65
N GLU A 482 -7.42 23.72 -14.39
CA GLU A 482 -8.33 24.32 -15.34
C GLU A 482 -8.42 25.83 -15.23
N GLN A 483 -7.78 26.43 -14.23
CA GLN A 483 -7.62 27.88 -14.16
C GLN A 483 -6.56 28.16 -13.10
N ILE A 484 -6.39 29.43 -12.80
CA ILE A 484 -5.41 29.89 -11.82
C ILE A 484 -6.03 31.01 -11.02
N SER A 485 -5.96 30.92 -9.70
CA SER A 485 -6.53 31.98 -8.89
C SER A 485 -5.65 33.21 -8.94
N TRP A 486 -6.23 34.33 -8.51
CA TRP A 486 -5.54 35.60 -8.51
C TRP A 486 -4.76 35.76 -7.21
N GLY A 487 -3.44 35.96 -7.33
CA GLY A 487 -2.59 36.20 -6.18
C GLY A 487 -1.50 35.18 -5.95
N VAL A 488 -1.39 34.15 -6.77
CA VAL A 488 -0.27 33.21 -6.64
C VAL A 488 1.01 33.89 -7.12
N PHE A 489 2.15 33.29 -6.76
CA PHE A 489 3.47 33.78 -7.14
C PHE A 489 3.72 35.20 -6.64
N ASP A 490 3.09 35.58 -5.53
CA ASP A 490 3.20 36.94 -5.04
C ASP A 490 4.64 37.30 -4.68
N THR A 491 5.32 36.41 -3.95
CA THR A 491 6.68 36.68 -3.48
C THR A 491 7.57 35.48 -3.80
N LEU A 492 8.14 35.46 -5.00
CA LEU A 492 9.15 34.50 -5.39
C LEU A 492 10.33 35.23 -6.02
N HIS A 493 10.83 36.24 -5.29
CA HIS A 493 11.90 37.12 -5.76
C HIS A 493 13.01 36.40 -6.51
N ARG A 494 13.38 35.22 -6.04
CA ARG A 494 14.46 34.44 -6.65
C ARG A 494 13.87 33.13 -7.18
N LEU A 495 13.37 33.15 -8.42
CA LEU A 495 12.83 31.94 -9.03
C LEU A 495 13.27 31.92 -10.48
N GLN A 496 14.19 31.01 -10.80
CA GLN A 496 14.86 31.02 -12.10
C GLN A 496 14.40 29.92 -13.03
N LEU A 497 13.23 29.33 -12.79
CA LEU A 497 12.65 28.34 -13.69
C LEU A 497 11.22 28.08 -13.24
N LEU A 498 10.33 27.82 -14.21
CA LEU A 498 8.94 27.55 -13.86
C LEU A 498 8.32 26.65 -14.93
N ASN A 499 8.35 25.35 -14.69
CA ASN A 499 7.79 24.39 -15.60
C ASN A 499 6.29 24.25 -15.38
N MET A 500 5.49 24.51 -16.41
CA MET A 500 4.04 24.30 -16.36
C MET A 500 3.54 23.82 -17.71
N SER A 501 3.30 22.52 -17.86
CA SER A 501 2.90 22.00 -19.14
C SER A 501 2.01 20.77 -18.96
N HIS A 502 1.38 20.36 -20.06
CA HIS A 502 0.56 19.16 -20.12
C HIS A 502 -0.66 19.26 -19.20
N ASN A 503 -1.28 20.44 -19.21
CA ASN A 503 -2.51 20.68 -18.46
C ASN A 503 -3.42 21.56 -19.29
N ASN A 504 -4.74 21.43 -19.07
CA ASN A 504 -5.74 22.10 -19.89
C ASN A 504 -5.97 23.50 -19.36
N LEU A 505 -5.67 24.51 -20.19
CA LEU A 505 -5.76 25.90 -19.77
C LEU A 505 -6.07 26.75 -21.02
N LEU A 506 -7.33 27.14 -21.17
CA LEU A 506 -7.78 27.73 -22.43
C LEU A 506 -7.04 29.02 -22.76
N PHE A 507 -6.95 29.93 -21.79
CA PHE A 507 -6.21 31.17 -21.98
C PHE A 507 -5.25 31.38 -20.81
N LEU A 508 -4.32 32.31 -20.99
CA LEU A 508 -3.44 32.71 -19.91
C LEU A 508 -3.45 34.22 -19.77
N ASP A 509 -2.89 34.70 -18.67
CA ASP A 509 -2.97 36.11 -18.33
C ASP A 509 -1.59 36.73 -18.19
N SER A 510 -1.54 38.04 -18.04
CA SER A 510 -0.28 38.74 -17.83
C SER A 510 -0.34 39.50 -16.52
N SER A 511 -1.49 39.44 -15.84
CA SER A 511 -1.55 39.98 -14.49
C SER A 511 -0.65 39.20 -13.55
N HIS A 512 -0.47 37.91 -13.80
CA HIS A 512 0.52 37.11 -13.10
C HIS A 512 1.90 37.47 -13.64
N TYR A 513 2.92 36.71 -13.22
CA TYR A 513 4.28 36.87 -13.75
C TYR A 513 4.81 38.29 -13.56
N ASN A 514 4.14 39.07 -12.71
CA ASN A 514 4.39 40.49 -12.61
C ASN A 514 5.46 40.86 -11.60
N GLN A 515 5.81 39.97 -10.68
CA GLN A 515 6.80 40.27 -9.67
C GLN A 515 8.06 39.42 -9.75
N LEU A 516 8.10 38.42 -10.62
CA LEU A 516 9.31 37.60 -10.77
C LEU A 516 10.44 38.45 -11.32
N TYR A 517 11.38 38.83 -10.46
CA TYR A 517 12.48 39.67 -10.91
C TYR A 517 13.40 38.92 -11.87
N SER A 518 13.91 37.78 -11.46
CA SER A 518 14.92 37.04 -12.21
C SER A 518 14.34 35.68 -12.60
N LEU A 519 13.61 35.64 -13.70
CA LEU A 519 13.07 34.39 -14.23
C LEU A 519 13.68 34.20 -15.62
N SER A 520 14.47 33.14 -15.78
CA SER A 520 15.18 32.95 -17.05
C SER A 520 14.35 32.15 -18.04
N THR A 521 14.01 30.92 -17.69
CA THR A 521 13.25 30.04 -18.57
C THR A 521 11.82 29.95 -18.07
N LEU A 522 10.87 29.84 -19.01
CA LEU A 522 9.44 29.78 -18.69
C LEU A 522 8.77 28.92 -19.75
N ASP A 523 8.59 27.64 -19.44
CA ASP A 523 7.87 26.74 -20.33
C ASP A 523 6.38 26.87 -20.08
N CYS A 524 5.61 26.98 -21.16
CA CYS A 524 4.15 26.89 -21.11
C CYS A 524 3.72 26.23 -22.42
N SER A 525 3.65 24.91 -22.43
CA SER A 525 3.44 24.18 -23.66
C SER A 525 2.36 23.12 -23.46
N PHE A 526 1.81 22.67 -24.59
CA PHE A 526 0.78 21.62 -24.60
C PHE A 526 -0.50 22.03 -23.87
N ASN A 527 -0.70 23.32 -23.65
CA ASN A 527 -1.83 23.78 -22.86
C ASN A 527 -2.78 24.72 -23.61
N ARG A 528 -2.89 24.59 -24.93
CA ARG A 528 -3.95 25.20 -25.76
C ARG A 528 -4.34 26.62 -25.31
N ILE A 529 -3.35 27.52 -25.35
CA ILE A 529 -3.65 28.92 -25.12
C ILE A 529 -4.23 29.56 -26.37
N GLU A 530 -5.23 30.40 -26.18
CA GLU A 530 -5.82 31.17 -27.28
C GLU A 530 -5.17 32.53 -27.44
N THR A 531 -5.00 33.28 -26.35
CA THR A 531 -4.43 34.61 -26.44
C THR A 531 -4.17 35.13 -25.03
N SER A 532 -3.26 36.09 -24.95
CA SER A 532 -3.06 36.82 -23.70
C SER A 532 -4.23 37.76 -23.46
N LYS A 533 -4.23 38.37 -22.29
CA LYS A 533 -5.24 39.37 -21.97
C LYS A 533 -4.65 40.60 -21.29
N GLY A 534 -3.44 40.50 -20.76
CA GLY A 534 -2.82 41.61 -20.08
C GLY A 534 -2.34 42.67 -21.06
N ILE A 535 -1.57 43.61 -20.50
CA ILE A 535 -1.04 44.71 -21.29
C ILE A 535 0.02 44.24 -22.28
N LEU A 536 0.50 43.00 -22.13
CA LEU A 536 1.44 42.38 -23.05
C LEU A 536 2.80 43.06 -22.99
N GLN A 537 2.91 44.10 -22.17
CA GLN A 537 4.20 44.74 -21.94
C GLN A 537 4.71 44.44 -20.54
N HIS A 538 3.79 44.16 -19.61
CA HIS A 538 4.15 43.94 -18.20
C HIS A 538 4.65 42.51 -18.01
N PHE A 539 5.85 42.27 -18.51
CA PHE A 539 6.64 41.08 -18.27
C PHE A 539 7.93 41.52 -17.58
N PRO A 540 8.75 40.61 -17.07
CA PRO A 540 10.05 41.03 -16.52
C PRO A 540 11.10 41.13 -17.61
N LYS A 541 12.01 42.10 -17.49
CA LYS A 541 13.00 42.31 -18.53
C LYS A 541 14.01 41.17 -18.61
N SER A 542 14.46 40.66 -17.47
CA SER A 542 15.46 39.61 -17.44
C SER A 542 14.83 38.27 -17.81
N LEU A 543 14.42 38.14 -19.07
CA LEU A 543 13.68 36.97 -19.51
C LEU A 543 14.22 36.53 -20.87
N ALA A 544 14.51 35.25 -20.99
CA ALA A 544 15.30 34.85 -22.15
C ALA A 544 14.69 33.70 -22.94
N PHE A 545 13.77 32.93 -22.37
CA PHE A 545 13.26 31.76 -23.05
C PHE A 545 11.76 31.63 -22.89
N PHE A 546 11.16 30.98 -23.89
CA PHE A 546 9.74 30.67 -23.89
C PHE A 546 9.55 29.35 -24.64
N ASN A 547 8.30 28.90 -24.72
CA ASN A 547 7.99 27.66 -25.42
C ASN A 547 6.53 27.54 -25.79
N LEU A 548 6.18 27.91 -27.01
CA LEU A 548 4.78 27.89 -27.39
C LEU A 548 4.50 26.92 -28.54
N THR A 549 4.83 25.63 -28.38
CA THR A 549 4.43 24.67 -29.39
C THR A 549 3.16 23.95 -28.97
N ASN A 550 2.37 23.52 -29.96
CA ASN A 550 1.12 22.79 -29.73
C ASN A 550 0.11 23.63 -28.95
N ASN A 551 -0.23 24.79 -29.54
CA ASN A 551 -1.24 25.68 -28.97
C ASN A 551 -2.25 26.05 -30.04
N SER A 552 -3.52 26.09 -29.64
CA SER A 552 -4.63 26.44 -30.53
C SER A 552 -4.83 27.94 -30.46
N VAL A 553 -4.43 28.65 -31.52
CA VAL A 553 -4.44 30.11 -31.55
C VAL A 553 -5.61 30.60 -32.40
N ALA A 554 -6.43 31.46 -31.82
CA ALA A 554 -7.55 32.05 -32.55
C ALA A 554 -7.01 32.93 -33.67
N CYS A 555 -7.35 32.57 -34.91
CA CYS A 555 -6.75 33.16 -36.10
C CYS A 555 -7.77 33.87 -36.98
N ILE A 556 -8.88 34.34 -36.41
CA ILE A 556 -9.93 34.99 -37.18
C ILE A 556 -10.04 36.43 -36.68
N CYS A 557 -9.34 37.34 -37.36
CA CYS A 557 -9.57 38.79 -37.32
C CYS A 557 -9.96 39.29 -35.94
N GLU A 558 -9.10 39.00 -34.97
CA GLU A 558 -9.36 39.42 -33.61
C GLU A 558 -8.05 39.40 -32.83
N HIS A 559 -8.02 40.19 -31.75
CA HIS A 559 -6.86 40.36 -30.89
C HIS A 559 -5.58 40.44 -31.71
N GLN A 560 -5.58 41.32 -32.72
CA GLN A 560 -4.46 41.42 -33.63
C GLN A 560 -3.22 42.02 -32.97
N LYS A 561 -3.39 42.70 -31.83
CA LYS A 561 -2.23 43.21 -31.10
C LYS A 561 -1.32 42.06 -30.67
N PHE A 562 -1.90 41.03 -30.08
CA PHE A 562 -1.11 39.82 -29.78
C PHE A 562 -0.63 39.16 -31.06
N LEU A 563 -1.47 39.15 -32.09
CA LEU A 563 -1.12 38.46 -33.33
C LEU A 563 0.05 39.14 -34.04
N GLN A 564 0.35 40.38 -33.65
CA GLN A 564 1.55 41.03 -34.19
C GLN A 564 2.70 41.00 -33.20
N TRP A 565 2.42 41.01 -31.90
CA TRP A 565 3.49 40.91 -30.92
C TRP A 565 4.18 39.55 -31.02
N VAL A 566 3.42 38.51 -31.39
CA VAL A 566 4.04 37.22 -31.66
C VAL A 566 4.92 37.29 -32.90
N LYS A 567 4.53 38.09 -33.89
CA LYS A 567 5.24 38.17 -35.17
C LYS A 567 6.36 39.19 -35.15
N GLU A 568 6.70 39.73 -33.97
CA GLU A 568 7.78 40.70 -33.87
C GLU A 568 8.98 40.12 -33.15
N GLN A 569 8.77 39.59 -31.95
CA GLN A 569 9.86 39.04 -31.15
C GLN A 569 9.95 37.52 -31.33
N LYS A 570 10.41 37.14 -32.52
CA LYS A 570 10.60 35.71 -32.81
C LYS A 570 11.95 35.22 -32.31
N GLN A 571 12.74 36.10 -31.67
CA GLN A 571 14.03 35.69 -31.14
C GLN A 571 13.88 34.91 -29.85
N PHE A 572 12.99 35.36 -28.95
CA PHE A 572 12.87 34.73 -27.65
C PHE A 572 12.09 33.43 -27.71
N LEU A 573 11.13 33.33 -28.62
CA LEU A 573 10.40 32.08 -28.80
C LEU A 573 11.30 31.03 -29.45
N VAL A 574 10.71 29.87 -29.71
CA VAL A 574 11.40 28.78 -30.40
C VAL A 574 10.50 28.28 -31.51
N ASN A 575 11.11 27.85 -32.63
CA ASN A 575 10.39 27.29 -33.76
C ASN A 575 9.30 28.23 -34.25
N VAL A 576 9.60 29.53 -34.29
CA VAL A 576 8.63 30.55 -34.66
C VAL A 576 8.13 30.30 -36.07
N GLU A 577 8.90 29.55 -36.86
CA GLU A 577 8.52 29.19 -38.21
C GLU A 577 7.62 27.97 -38.26
N GLN A 578 7.13 27.50 -37.11
CA GLN A 578 6.37 26.26 -37.08
C GLN A 578 4.97 26.43 -36.51
N MET A 579 4.52 27.64 -36.20
CA MET A 579 3.19 27.81 -35.65
C MET A 579 2.15 27.83 -36.76
N THR A 580 1.01 27.20 -36.47
CA THR A 580 -0.16 27.25 -37.33
C THR A 580 -1.28 27.94 -36.55
N CYS A 581 -2.43 28.07 -37.19
CA CYS A 581 -3.58 28.71 -36.55
C CYS A 581 -4.86 27.97 -36.91
N ALA A 582 -5.81 27.97 -35.96
CA ALA A 582 -6.98 27.10 -35.99
C ALA A 582 -8.18 27.95 -36.42
N THR A 583 -8.61 27.76 -37.66
CA THR A 583 -9.62 28.60 -38.29
C THR A 583 -10.74 27.75 -38.90
N PRO A 584 -11.81 28.37 -39.39
CA PRO A 584 -12.73 27.66 -40.28
C PRO A 584 -12.02 27.11 -41.51
N VAL A 585 -10.85 27.65 -41.84
CA VAL A 585 -9.99 27.11 -42.89
C VAL A 585 -8.92 26.29 -42.19
N GLU A 586 -9.07 24.96 -42.23
CA GLU A 586 -8.18 24.05 -41.54
C GLU A 586 -7.17 23.43 -42.52
N MET A 587 -6.25 22.64 -41.97
CA MET A 587 -5.27 21.89 -42.74
C MET A 587 -4.42 22.81 -43.61
N ASN A 588 -3.95 23.90 -43.03
CA ASN A 588 -3.13 24.87 -43.74
C ASN A 588 -2.25 25.61 -42.75
N THR A 589 -0.94 25.56 -42.95
CA THR A 589 0.00 26.26 -42.09
C THR A 589 0.03 27.74 -42.42
N SER A 590 -1.12 28.38 -42.36
CA SER A 590 -1.27 29.78 -42.77
C SER A 590 -0.69 30.69 -41.69
N LEU A 591 0.49 31.25 -41.98
CA LEU A 591 1.09 32.25 -41.13
C LEU A 591 1.33 33.51 -41.98
N VAL A 592 0.29 33.93 -42.69
CA VAL A 592 0.35 35.15 -43.48
C VAL A 592 0.10 36.38 -42.62
N LEU A 593 -1.08 36.46 -41.98
CA LEU A 593 -1.48 37.56 -41.11
C LEU A 593 -1.27 38.91 -41.78
N ASP A 594 -2.06 39.15 -42.82
CA ASP A 594 -2.01 40.42 -43.56
C ASP A 594 -2.92 41.44 -42.87
N PHE A 595 -2.35 42.12 -41.89
CA PHE A 595 -3.08 43.14 -41.15
C PHE A 595 -2.14 44.24 -40.67
N ASN B 1 -54.12 20.00 17.64
CA ASN B 1 -54.32 21.21 16.87
C ASN B 1 -53.01 22.01 16.71
N PRO B 2 -52.38 22.47 17.81
CA PRO B 2 -51.25 23.38 17.65
C PRO B 2 -49.93 22.66 17.41
N CYS B 3 -49.97 21.33 17.31
CA CYS B 3 -48.75 20.57 17.15
C CYS B 3 -48.51 20.32 15.66
N ILE B 4 -47.35 19.74 15.34
CA ILE B 4 -46.80 19.73 13.98
C ILE B 4 -47.10 18.38 13.35
N GLU B 5 -48.17 18.31 12.57
CA GLU B 5 -48.47 17.12 11.80
C GLU B 5 -47.37 16.88 10.78
N VAL B 6 -47.06 15.60 10.54
CA VAL B 6 -46.05 15.25 9.55
C VAL B 6 -46.73 14.53 8.38
N VAL B 7 -47.40 13.44 8.68
CA VAL B 7 -48.11 12.66 7.68
C VAL B 7 -49.59 12.84 7.95
N PRO B 8 -50.46 12.81 6.91
CA PRO B 8 -51.90 12.98 7.16
C PRO B 8 -52.45 12.09 8.26
N ASN B 9 -52.86 12.70 9.36
CA ASN B 9 -53.43 12.00 10.52
C ASN B 9 -52.46 10.95 11.08
N ILE B 10 -51.16 11.12 10.85
CA ILE B 10 -50.17 10.15 11.26
C ILE B 10 -48.95 10.90 11.75
N THR B 11 -48.34 10.42 12.84
CA THR B 11 -47.14 11.02 13.42
C THR B 11 -47.37 12.50 13.73
N TYR B 12 -48.33 12.74 14.61
CA TYR B 12 -48.67 14.13 14.93
C TYR B 12 -47.56 14.82 15.70
N GLN B 13 -46.69 14.05 16.36
CA GLN B 13 -45.44 14.55 16.93
C GLN B 13 -45.67 15.85 17.71
N CYS B 14 -46.53 15.76 18.72
CA CYS B 14 -46.89 16.92 19.51
C CYS B 14 -46.03 16.99 20.77
N MET B 15 -44.75 17.24 20.55
CA MET B 15 -43.75 17.20 21.61
C MET B 15 -43.30 18.61 21.99
N ASP B 16 -43.22 18.85 23.30
CA ASP B 16 -42.66 20.07 23.87
C ASP B 16 -43.48 21.30 23.54
N GLN B 17 -44.80 21.17 23.62
CA GLN B 17 -45.70 22.31 23.66
C GLN B 17 -46.29 22.42 25.04
N LYS B 18 -46.33 23.62 25.60
CA LYS B 18 -46.72 23.79 26.98
C LYS B 18 -48.20 23.49 27.11
N LEU B 19 -48.51 22.23 27.41
CA LEU B 19 -49.86 21.71 27.48
C LEU B 19 -50.22 21.39 28.92
N SER B 20 -51.52 21.13 29.14
CA SER B 20 -51.96 20.62 30.44
C SER B 20 -53.07 19.60 30.29
N LYS B 21 -53.30 19.06 29.10
CA LYS B 21 -54.44 18.20 28.86
C LYS B 21 -54.25 17.51 27.51
N VAL B 22 -54.75 16.29 27.40
CA VAL B 22 -54.75 15.59 26.12
C VAL B 22 -55.57 16.41 25.14
N PRO B 23 -55.06 16.68 23.93
CA PRO B 23 -55.80 17.52 23.00
C PRO B 23 -56.96 16.76 22.38
N ASP B 24 -58.07 17.46 22.18
CA ASP B 24 -59.28 16.89 21.61
C ASP B 24 -59.42 17.13 20.11
N ASP B 25 -58.79 18.19 19.59
CA ASP B 25 -58.85 18.50 18.18
C ASP B 25 -58.22 17.42 17.31
N ILE B 26 -57.43 16.51 17.89
CA ILE B 26 -56.73 15.51 17.09
C ILE B 26 -57.73 14.68 16.31
N PRO B 27 -57.59 14.58 14.99
CA PRO B 27 -58.52 13.75 14.21
C PRO B 27 -58.40 12.30 14.63
N SER B 28 -59.56 11.67 14.84
CA SER B 28 -59.58 10.26 15.18
C SER B 28 -58.98 9.43 14.06
N SER B 29 -58.83 8.13 14.33
CA SER B 29 -58.24 7.18 13.39
C SER B 29 -56.81 7.60 13.02
N THR B 30 -56.05 8.00 14.03
CA THR B 30 -54.63 8.26 13.88
C THR B 30 -53.83 7.02 14.26
N LYS B 31 -52.54 7.03 13.89
CA LYS B 31 -51.74 5.82 14.08
C LYS B 31 -50.76 5.96 15.23
N ASN B 32 -49.90 6.99 15.20
CA ASN B 32 -48.82 7.07 16.17
C ASN B 32 -48.71 8.52 16.63
N ILE B 33 -49.23 8.81 17.81
CA ILE B 33 -49.06 10.11 18.41
C ILE B 33 -47.88 10.04 19.36
N ASP B 34 -47.42 11.18 19.81
CA ASP B 34 -46.25 11.20 20.67
C ASP B 34 -46.31 12.45 21.54
N LEU B 35 -46.33 12.23 22.85
CA LEU B 35 -46.27 13.32 23.81
C LEU B 35 -45.01 13.15 24.62
N SER B 36 -44.42 14.27 25.04
CA SER B 36 -43.18 14.24 25.78
C SER B 36 -42.92 15.62 26.35
N PHE B 37 -42.36 15.65 27.55
CA PHE B 37 -41.99 16.88 28.25
C PHE B 37 -43.16 17.84 28.41
N ASN B 38 -44.40 17.35 28.30
CA ASN B 38 -45.62 18.14 28.51
C ASN B 38 -46.07 18.00 29.96
N PRO B 39 -46.30 19.09 30.67
CA PRO B 39 -46.77 18.98 32.06
C PRO B 39 -48.20 18.46 32.16
N LEU B 40 -48.37 17.26 32.71
CA LEU B 40 -49.68 16.68 32.97
C LEU B 40 -49.70 16.25 34.44
N LYS B 41 -49.96 17.20 35.33
CA LYS B 41 -49.79 16.94 36.76
C LYS B 41 -50.66 15.79 37.26
N ILE B 42 -51.81 15.56 36.62
CA ILE B 42 -52.69 14.44 36.96
C ILE B 42 -53.20 13.85 35.65
N LEU B 43 -53.50 12.56 35.65
CA LEU B 43 -54.13 11.92 34.51
C LEU B 43 -55.54 11.51 34.90
N LYS B 44 -56.48 11.65 33.96
CA LYS B 44 -57.90 11.51 34.27
C LYS B 44 -58.51 10.34 33.51
N SER B 45 -59.82 10.19 33.64
CA SER B 45 -60.54 9.01 33.19
C SER B 45 -61.13 9.23 31.79
N TYR B 46 -61.23 8.13 31.03
CA TYR B 46 -61.87 8.06 29.73
C TYR B 46 -61.23 8.95 28.67
N SER B 47 -60.10 9.57 28.95
CA SER B 47 -59.55 10.58 28.05
C SER B 47 -59.26 10.02 26.68
N PHE B 48 -58.93 8.73 26.60
CA PHE B 48 -58.56 8.09 25.34
C PHE B 48 -59.71 7.33 24.70
N SER B 49 -60.95 7.62 25.11
CA SER B 49 -62.08 6.84 24.62
C SER B 49 -62.28 7.01 23.12
N ASN B 50 -61.98 8.20 22.59
CA ASN B 50 -62.23 8.48 21.19
C ASN B 50 -61.32 7.64 20.29
N PHE B 51 -60.01 7.77 20.49
CA PHE B 51 -59.05 7.04 19.66
C PHE B 51 -59.32 5.55 19.70
N SER B 52 -59.22 4.91 18.53
CA SER B 52 -59.60 3.51 18.39
C SER B 52 -58.58 2.70 17.60
N GLU B 53 -57.52 3.33 17.10
CA GLU B 53 -56.49 2.56 16.41
C GLU B 53 -55.09 3.06 16.73
N LEU B 54 -54.93 3.99 17.68
CA LEU B 54 -53.62 4.42 18.13
C LEU B 54 -52.80 3.24 18.62
N GLN B 55 -51.70 2.93 17.92
CA GLN B 55 -50.93 1.75 18.27
C GLN B 55 -49.48 2.07 18.61
N TRP B 56 -49.17 3.30 19.02
CA TRP B 56 -47.84 3.62 19.54
C TRP B 56 -47.97 4.89 20.35
N LEU B 57 -48.03 4.78 21.66
CA LEU B 57 -48.13 5.93 22.54
C LEU B 57 -46.85 6.04 23.35
N ASP B 58 -46.38 7.26 23.58
CA ASP B 58 -45.22 7.50 24.40
C ASP B 58 -45.58 8.52 25.46
N LEU B 59 -45.02 8.35 26.66
CA LEU B 59 -45.13 9.33 27.72
C LEU B 59 -43.81 9.29 28.49
N SER B 60 -43.06 10.38 28.45
CA SER B 60 -41.74 10.41 29.05
C SER B 60 -41.49 11.77 29.65
N ARG B 61 -41.02 11.78 30.89
CA ARG B 61 -40.82 12.99 31.68
C ARG B 61 -42.08 13.83 31.82
N CYS B 62 -43.25 13.27 31.51
CA CYS B 62 -44.53 13.93 31.80
C CYS B 62 -44.79 13.76 33.29
N GLU B 63 -44.61 14.85 34.05
CA GLU B 63 -44.71 14.77 35.51
C GLU B 63 -46.06 14.21 35.95
N ILE B 64 -46.07 12.99 36.47
CA ILE B 64 -47.29 12.30 36.88
C ILE B 64 -47.14 11.89 38.34
N GLU B 65 -48.21 12.02 39.11
CA GLU B 65 -48.20 11.65 40.52
C GLU B 65 -49.33 10.71 40.90
N THR B 66 -50.25 10.39 39.99
CA THR B 66 -51.40 9.57 40.33
C THR B 66 -52.11 9.15 39.05
N ILE B 67 -52.90 8.09 39.14
CA ILE B 67 -53.73 7.61 38.04
C ILE B 67 -55.13 7.38 38.57
N GLU B 68 -56.13 7.75 37.76
CA GLU B 68 -57.52 7.53 38.14
C GLU B 68 -57.87 6.05 38.03
N ASP B 69 -59.09 5.71 38.47
CA ASP B 69 -59.48 4.31 38.60
C ASP B 69 -59.51 3.60 37.26
N LYS B 70 -59.98 4.27 36.21
CA LYS B 70 -60.06 3.66 34.88
C LYS B 70 -59.74 4.73 33.85
N ALA B 71 -58.47 4.78 33.44
CA ALA B 71 -58.01 5.80 32.52
C ALA B 71 -57.65 5.26 31.14
N TRP B 72 -57.53 3.94 31.00
CA TRP B 72 -57.25 3.30 29.73
C TRP B 72 -58.49 2.63 29.16
N HIS B 73 -59.64 3.27 29.31
CA HIS B 73 -60.94 2.63 29.12
C HIS B 73 -61.06 1.83 27.83
N GLY B 74 -60.88 2.49 26.68
CA GLY B 74 -60.99 1.78 25.43
C GLY B 74 -59.76 1.90 24.57
N LEU B 75 -59.02 0.80 24.42
CA LEU B 75 -57.79 0.77 23.62
C LEU B 75 -57.62 -0.66 23.12
N HIS B 76 -57.91 -0.86 21.84
CA HIS B 76 -57.99 -2.22 21.31
C HIS B 76 -56.64 -2.69 20.78
N HIS B 77 -55.85 -1.78 20.22
CA HIS B 77 -54.59 -2.11 19.58
C HIS B 77 -53.54 -1.08 19.99
N LEU B 78 -52.86 -1.32 21.11
CA LEU B 78 -51.79 -0.45 21.59
C LEU B 78 -50.60 -1.34 21.96
N SER B 79 -49.74 -1.61 20.99
CA SER B 79 -48.61 -2.51 21.23
C SER B 79 -47.35 -1.76 21.65
N ASN B 80 -47.49 -0.89 22.64
CA ASN B 80 -46.38 -0.18 23.24
C ASN B 80 -46.93 0.67 24.38
N LEU B 81 -46.07 0.94 25.36
CA LEU B 81 -46.38 1.93 26.38
C LEU B 81 -45.09 2.26 27.10
N ILE B 82 -44.61 3.48 26.97
CA ILE B 82 -43.43 3.94 27.68
C ILE B 82 -43.88 4.79 28.86
N LEU B 83 -43.18 4.66 29.97
CA LEU B 83 -43.60 5.35 31.18
C LEU B 83 -42.40 5.94 31.91
N THR B 84 -41.25 5.95 31.25
CA THR B 84 -40.00 6.38 31.86
C THR B 84 -40.14 7.75 32.51
N GLY B 85 -39.44 7.95 33.63
CA GLY B 85 -39.31 9.22 34.28
C GLY B 85 -40.47 9.63 35.17
N ASN B 86 -41.62 8.98 35.02
CA ASN B 86 -42.83 9.38 35.75
C ASN B 86 -42.74 8.93 37.21
N PRO B 87 -42.62 9.85 38.17
CA PRO B 87 -42.51 9.43 39.58
C PRO B 87 -43.84 9.07 40.22
N ILE B 88 -44.11 7.78 40.38
CA ILE B 88 -45.31 7.29 41.03
C ILE B 88 -44.89 6.65 42.35
N GLN B 89 -45.32 7.26 43.47
CA GLN B 89 -44.86 6.81 44.78
C GLN B 89 -45.20 5.34 45.02
N SER B 90 -46.35 4.91 44.52
CA SER B 90 -46.81 3.53 44.70
C SER B 90 -48.00 3.32 43.78
N PHE B 91 -48.08 2.12 43.21
CA PHE B 91 -49.16 1.76 42.32
C PHE B 91 -50.41 1.39 43.10
N SER B 92 -51.52 1.27 42.39
CA SER B 92 -52.81 0.99 42.99
C SER B 92 -53.40 -0.26 42.35
N PRO B 93 -54.19 -1.02 43.10
CA PRO B 93 -54.79 -2.24 42.55
C PRO B 93 -55.71 -1.93 41.39
N GLY B 94 -55.93 -2.94 40.55
CA GLY B 94 -56.85 -2.81 39.45
C GLY B 94 -56.40 -1.91 38.32
N SER B 95 -55.20 -1.35 38.39
CA SER B 95 -54.68 -0.55 37.29
C SER B 95 -54.39 -1.47 36.10
N PHE B 96 -54.04 -0.84 34.97
CA PHE B 96 -53.77 -1.57 33.73
C PHE B 96 -54.93 -2.46 33.31
N SER B 97 -56.15 -2.11 33.75
CA SER B 97 -57.28 -3.02 33.59
C SER B 97 -57.75 -3.07 32.14
N GLY B 98 -57.88 -1.91 31.50
CA GLY B 98 -58.55 -1.84 30.21
C GLY B 98 -57.78 -2.53 29.10
N LEU B 99 -56.46 -2.45 29.14
CA LEU B 99 -55.63 -2.93 28.03
C LEU B 99 -55.92 -4.39 27.73
N THR B 100 -55.75 -4.77 26.46
CA THR B 100 -56.07 -6.12 26.02
C THR B 100 -54.95 -6.79 25.24
N SER B 101 -54.14 -6.05 24.49
CA SER B 101 -53.03 -6.62 23.71
C SER B 101 -51.84 -5.69 23.83
N LEU B 102 -50.98 -5.94 24.83
CA LEU B 102 -49.78 -5.16 25.08
C LEU B 102 -48.56 -6.04 24.91
N GLU B 103 -47.55 -5.54 24.20
CA GLU B 103 -46.35 -6.33 23.95
C GLU B 103 -45.08 -5.61 24.39
N ASN B 104 -45.15 -4.80 25.44
CA ASN B 104 -43.99 -4.10 25.98
C ASN B 104 -44.42 -3.41 27.27
N LEU B 105 -43.44 -3.13 28.11
CA LEU B 105 -43.62 -2.32 29.30
C LEU B 105 -42.27 -1.75 29.68
N VAL B 106 -42.24 -0.45 29.94
CA VAL B 106 -41.00 0.16 30.39
C VAL B 106 -41.29 1.03 31.59
N ALA B 107 -41.10 0.49 32.78
CA ALA B 107 -41.25 1.26 34.02
C ALA B 107 -39.85 1.46 34.56
N VAL B 108 -39.16 2.46 34.03
CA VAL B 108 -37.79 2.79 34.40
C VAL B 108 -37.82 4.14 35.09
N GLU B 109 -36.96 4.32 36.08
CA GLU B 109 -36.84 5.51 36.90
C GLU B 109 -38.07 5.74 37.79
N THR B 110 -39.09 4.91 37.66
CA THR B 110 -40.24 4.97 38.55
C THR B 110 -39.82 4.66 39.99
N LYS B 111 -40.30 5.45 40.94
CA LYS B 111 -39.89 5.29 42.34
C LYS B 111 -40.53 4.03 42.89
N LEU B 112 -40.12 2.90 42.35
CA LEU B 112 -40.65 1.60 42.72
C LEU B 112 -39.86 1.06 43.91
N ALA B 113 -40.53 0.29 44.77
CA ALA B 113 -39.91 -0.20 45.99
C ALA B 113 -39.82 -1.72 46.06
N SER B 114 -40.72 -2.44 45.41
CA SER B 114 -40.71 -3.90 45.47
C SER B 114 -41.38 -4.46 44.22
N LEU B 115 -41.27 -5.77 44.07
CA LEU B 115 -41.84 -6.47 42.93
C LEU B 115 -43.08 -7.26 43.30
N GLU B 116 -43.38 -7.41 44.59
CA GLU B 116 -44.54 -8.18 45.00
C GLU B 116 -45.84 -7.38 44.96
N SER B 117 -45.79 -6.08 45.24
CA SER B 117 -46.97 -5.22 45.19
C SER B 117 -47.18 -4.60 43.81
N PHE B 118 -46.73 -5.27 42.76
CA PHE B 118 -46.84 -4.75 41.39
C PHE B 118 -48.08 -5.35 40.74
N PRO B 119 -49.15 -4.58 40.57
CA PRO B 119 -50.45 -5.15 40.14
C PRO B 119 -50.53 -5.48 38.64
N ILE B 120 -49.62 -6.31 38.17
CA ILE B 120 -49.69 -6.78 36.79
C ILE B 120 -50.82 -7.80 36.71
N GLY B 121 -50.75 -8.82 37.56
CA GLY B 121 -51.77 -9.85 37.59
C GLY B 121 -51.89 -10.61 36.29
N GLN B 122 -52.98 -10.38 35.56
CA GLN B 122 -53.24 -11.11 34.33
C GLN B 122 -53.14 -10.17 33.13
N LEU B 123 -51.95 -10.20 32.51
CA LEU B 123 -51.71 -9.56 31.22
C LEU B 123 -51.28 -10.70 30.29
N ILE B 124 -52.26 -11.34 29.66
CA ILE B 124 -52.05 -12.61 28.97
C ILE B 124 -50.82 -12.59 28.07
N THR B 125 -50.57 -11.49 27.39
CA THR B 125 -49.42 -11.36 26.50
C THR B 125 -48.53 -10.24 27.00
N LEU B 126 -47.25 -10.53 27.19
CA LEU B 126 -46.27 -9.50 27.55
C LEU B 126 -44.90 -10.02 27.15
N LYS B 127 -44.40 -9.59 26.00
CA LYS B 127 -43.14 -10.14 25.49
C LYS B 127 -41.96 -9.77 26.37
N LYS B 128 -41.77 -8.49 26.65
CA LYS B 128 -40.64 -8.05 27.44
C LYS B 128 -41.13 -7.45 28.74
N LEU B 129 -40.17 -7.10 29.59
CA LEU B 129 -40.44 -6.34 30.81
C LEU B 129 -39.11 -5.75 31.24
N ASN B 130 -38.99 -4.43 31.14
CA ASN B 130 -37.74 -3.75 31.44
C ASN B 130 -37.89 -3.03 32.77
N VAL B 131 -36.87 -3.13 33.61
CA VAL B 131 -36.80 -2.43 34.88
C VAL B 131 -35.34 -2.01 35.07
N ALA B 132 -35.12 -0.89 35.75
CA ALA B 132 -33.77 -0.43 36.04
C ALA B 132 -33.88 0.82 36.91
N HIS B 133 -32.78 1.13 37.59
CA HIS B 133 -32.59 2.41 38.27
C HIS B 133 -33.67 2.64 39.33
N ASN B 134 -34.02 1.58 40.08
CA ASN B 134 -35.12 1.60 41.04
C ASN B 134 -34.60 1.34 42.46
N PHE B 135 -35.50 1.50 43.43
CA PHE B 135 -35.16 1.29 44.84
C PHE B 135 -35.47 -0.12 45.30
N ILE B 136 -35.01 -1.14 44.59
CA ILE B 136 -35.30 -2.52 44.95
C ILE B 136 -34.21 -3.05 45.87
N HIS B 137 -34.61 -3.83 46.87
CA HIS B 137 -33.68 -4.43 47.80
C HIS B 137 -33.66 -5.95 47.79
N SER B 138 -34.70 -6.59 47.28
CA SER B 138 -34.80 -8.04 47.28
C SER B 138 -34.51 -8.61 45.89
N CYS B 139 -34.69 -9.92 45.76
CA CYS B 139 -34.52 -10.57 44.47
C CYS B 139 -35.57 -11.67 44.26
N LYS B 140 -36.58 -11.77 45.11
CA LYS B 140 -37.52 -12.87 45.07
C LYS B 140 -38.42 -12.78 43.84
N LEU B 141 -38.68 -13.93 43.22
CA LEU B 141 -39.57 -13.99 42.07
C LEU B 141 -40.96 -14.44 42.52
N PRO B 142 -41.96 -13.55 42.53
CA PRO B 142 -43.28 -13.93 43.03
C PRO B 142 -43.94 -14.97 42.13
N ALA B 143 -45.07 -15.49 42.62
CA ALA B 143 -45.72 -16.66 42.02
C ALA B 143 -46.61 -16.31 40.84
N TYR B 144 -47.16 -15.10 40.78
CA TYR B 144 -48.07 -14.77 39.69
C TYR B 144 -47.39 -14.82 38.33
N PHE B 145 -46.08 -15.05 38.29
CA PHE B 145 -45.40 -15.31 37.02
C PHE B 145 -45.89 -16.60 36.37
N SER B 146 -46.76 -17.35 37.06
CA SER B 146 -47.23 -18.62 36.52
C SER B 146 -48.15 -18.42 35.33
N ASN B 147 -48.93 -17.33 35.32
CA ASN B 147 -49.95 -17.17 34.30
C ASN B 147 -49.40 -16.59 33.00
N LEU B 148 -48.37 -15.74 33.07
CA LEU B 148 -47.85 -15.04 31.90
C LEU B 148 -47.11 -16.04 31.04
N THR B 149 -47.86 -16.74 30.18
CA THR B 149 -47.34 -17.84 29.39
C THR B 149 -46.29 -17.42 28.38
N ASN B 150 -45.94 -16.13 28.31
CA ASN B 150 -44.91 -15.65 27.39
C ASN B 150 -44.21 -14.45 28.03
N LEU B 151 -42.98 -14.65 28.48
CA LEU B 151 -42.16 -13.54 28.96
C LEU B 151 -40.70 -13.97 28.81
N VAL B 152 -40.01 -13.42 27.84
CA VAL B 152 -38.72 -13.96 27.42
C VAL B 152 -37.59 -13.03 27.78
N HIS B 153 -37.82 -12.15 28.75
CA HIS B 153 -36.73 -11.31 29.23
C HIS B 153 -37.16 -10.60 30.50
N VAL B 154 -36.23 -10.49 31.43
CA VAL B 154 -36.37 -9.63 32.60
C VAL B 154 -35.04 -8.90 32.78
N ASP B 155 -35.10 -7.71 33.32
CA ASP B 155 -33.88 -6.96 33.63
C ASP B 155 -34.02 -6.34 35.00
N LEU B 156 -33.01 -6.54 35.85
CA LEU B 156 -32.93 -5.88 37.15
C LEU B 156 -31.50 -5.37 37.27
N SER B 157 -31.24 -4.19 36.72
CA SER B 157 -29.91 -3.62 36.69
C SER B 157 -29.91 -2.34 37.50
N TYR B 158 -28.73 -1.95 37.98
CA TYR B 158 -28.52 -0.71 38.73
C TYR B 158 -29.35 -0.65 40.01
N ASN B 159 -29.61 -1.79 40.65
CA ASN B 159 -30.46 -1.85 41.83
C ASN B 159 -29.61 -1.96 43.10
N TYR B 160 -30.28 -1.93 44.26
CA TYR B 160 -29.64 -2.16 45.56
C TYR B 160 -29.90 -3.61 45.98
N ILE B 161 -29.28 -4.55 45.29
CA ILE B 161 -29.34 -5.96 45.67
C ILE B 161 -28.04 -6.32 46.38
N GLN B 162 -28.15 -7.03 47.49
CA GLN B 162 -27.00 -7.31 48.35
C GLN B 162 -26.63 -8.77 48.44
N THR B 163 -27.60 -9.68 48.52
CA THR B 163 -27.29 -11.09 48.71
C THR B 163 -28.16 -11.92 47.78
N ILE B 164 -27.96 -13.24 47.85
CA ILE B 164 -28.83 -14.23 47.23
C ILE B 164 -29.06 -15.33 48.25
N THR B 165 -30.29 -15.84 48.27
CA THR B 165 -30.65 -16.87 49.24
C THR B 165 -31.21 -18.07 48.49
N VAL B 166 -31.25 -19.21 49.17
CA VAL B 166 -31.79 -20.42 48.57
C VAL B 166 -33.28 -20.27 48.34
N ASN B 167 -33.94 -19.36 49.07
CA ASN B 167 -35.39 -19.20 48.94
C ASN B 167 -35.77 -18.67 47.56
N ASP B 168 -35.04 -17.68 47.06
CA ASP B 168 -35.28 -17.18 45.72
C ASP B 168 -35.00 -18.28 44.70
N LEU B 169 -35.43 -18.05 43.46
CA LEU B 169 -35.34 -18.99 42.35
C LEU B 169 -36.17 -20.24 42.61
N GLN B 170 -36.91 -20.31 43.72
CA GLN B 170 -37.69 -21.50 44.03
C GLN B 170 -38.68 -21.80 42.91
N PHE B 171 -39.36 -20.78 42.42
CA PHE B 171 -40.25 -20.91 41.27
C PHE B 171 -39.55 -21.56 40.08
N LEU B 172 -38.25 -21.33 39.93
CA LEU B 172 -37.49 -22.03 38.89
C LEU B 172 -37.34 -23.51 39.20
N ARG B 173 -37.09 -23.87 40.46
CA ARG B 173 -37.05 -25.28 40.81
C ARG B 173 -38.38 -25.96 40.52
N GLU B 174 -39.48 -25.25 40.78
CA GLU B 174 -40.79 -25.81 40.50
C GLU B 174 -41.03 -25.94 39.00
N ASN B 175 -40.60 -24.95 38.22
CA ASN B 175 -40.90 -24.91 36.80
C ASN B 175 -39.65 -25.17 35.98
N PRO B 176 -39.49 -26.35 35.40
CA PRO B 176 -38.26 -26.65 34.67
C PRO B 176 -38.32 -26.28 33.20
N GLN B 177 -39.46 -25.79 32.75
CA GLN B 177 -39.71 -25.56 31.32
C GLN B 177 -40.04 -24.10 31.02
N VAL B 178 -39.39 -23.18 31.70
CA VAL B 178 -39.63 -21.75 31.51
C VAL B 178 -38.37 -21.12 30.91
N ASN B 179 -38.51 -20.55 29.72
CA ASN B 179 -37.45 -19.80 29.07
C ASN B 179 -37.42 -18.42 29.70
N LEU B 180 -36.25 -17.98 30.15
CA LEU B 180 -36.13 -16.66 30.74
C LEU B 180 -34.67 -16.26 30.78
N SER B 181 -34.31 -15.25 30.00
CA SER B 181 -33.00 -14.63 30.09
C SER B 181 -33.00 -13.67 31.28
N LEU B 182 -31.83 -13.19 31.64
CA LEU B 182 -31.69 -12.49 32.91
C LEU B 182 -30.50 -11.54 32.85
N ASP B 183 -30.44 -10.64 33.82
CA ASP B 183 -29.34 -9.71 33.98
C ASP B 183 -29.39 -9.07 35.35
N MET B 184 -28.25 -8.98 36.03
CA MET B 184 -28.17 -8.35 37.34
C MET B 184 -26.92 -7.48 37.43
N SER B 185 -26.54 -6.90 36.30
CA SER B 185 -25.32 -6.12 36.21
C SER B 185 -25.36 -4.94 37.18
N LEU B 186 -24.16 -4.52 37.61
CA LEU B 186 -23.99 -3.37 38.49
C LEU B 186 -24.74 -3.56 39.82
N ASN B 187 -24.45 -4.67 40.48
CA ASN B 187 -25.07 -5.00 41.77
C ASN B 187 -24.00 -5.29 42.81
N PRO B 188 -23.90 -4.51 43.88
CA PRO B 188 -22.81 -4.68 44.86
C PRO B 188 -22.97 -5.95 45.69
N ILE B 189 -22.78 -7.08 45.04
CA ILE B 189 -22.88 -8.38 45.70
C ILE B 189 -21.64 -8.59 46.55
N ASP B 190 -21.86 -9.02 47.80
CA ASP B 190 -20.75 -9.37 48.67
C ASP B 190 -20.99 -10.66 49.45
N PHE B 191 -22.03 -11.42 49.15
CA PHE B 191 -22.27 -12.71 49.79
C PHE B 191 -23.25 -13.51 48.96
N ILE B 192 -23.02 -14.82 48.89
CA ILE B 192 -23.96 -15.76 48.29
C ILE B 192 -24.19 -16.84 49.32
N GLN B 193 -25.43 -17.02 49.76
CA GLN B 193 -25.76 -18.11 50.67
C GLN B 193 -25.47 -19.44 50.00
N ASP B 194 -24.88 -20.36 50.76
CA ASP B 194 -24.43 -21.63 50.22
C ASP B 194 -25.59 -22.40 49.62
N GLN B 195 -25.28 -23.21 48.60
CA GLN B 195 -26.24 -24.05 47.91
C GLN B 195 -27.45 -23.24 47.44
N ALA B 196 -27.16 -22.10 46.83
CA ALA B 196 -28.23 -21.30 46.23
C ALA B 196 -28.72 -21.94 44.94
N PHE B 197 -27.83 -22.10 43.97
CA PHE B 197 -28.20 -22.62 42.66
C PHE B 197 -28.17 -24.14 42.70
N GLN B 198 -29.30 -24.77 42.35
CA GLN B 198 -29.40 -26.22 42.39
C GLN B 198 -30.45 -26.65 41.38
N GLY B 199 -30.04 -27.48 40.42
CA GLY B 199 -30.93 -27.97 39.39
C GLY B 199 -31.66 -26.85 38.68
N ILE B 200 -30.90 -25.91 38.11
CA ILE B 200 -31.43 -24.68 37.55
C ILE B 200 -30.86 -24.51 36.14
N LYS B 201 -31.64 -23.90 35.26
CA LYS B 201 -31.17 -23.61 33.91
C LYS B 201 -31.69 -22.25 33.46
N LEU B 202 -30.83 -21.47 32.82
CA LEU B 202 -31.13 -20.15 32.27
C LEU B 202 -30.86 -20.15 30.77
N HIS B 203 -30.87 -18.94 30.19
CA HIS B 203 -30.43 -18.76 28.81
C HIS B 203 -29.43 -17.63 28.63
N GLU B 204 -29.32 -16.72 29.59
CA GLU B 204 -28.23 -15.78 29.59
C GLU B 204 -28.03 -15.27 31.01
N LEU B 205 -26.79 -15.33 31.47
CA LEU B 205 -26.41 -14.67 32.70
C LEU B 205 -25.50 -13.52 32.34
N THR B 206 -25.36 -12.55 33.23
CA THR B 206 -24.59 -11.38 32.92
C THR B 206 -24.13 -10.72 34.21
N LEU B 207 -22.82 -10.54 34.35
CA LEU B 207 -22.27 -9.90 35.54
C LEU B 207 -21.08 -9.06 35.11
N ARG B 208 -21.24 -7.74 35.15
CA ARG B 208 -20.18 -6.83 34.74
C ARG B 208 -20.19 -5.66 35.72
N GLY B 209 -19.05 -5.40 36.35
CA GLY B 209 -18.90 -4.26 37.23
C GLY B 209 -19.30 -4.47 38.67
N ASN B 210 -19.51 -5.72 39.10
CA ASN B 210 -19.97 -5.97 40.46
C ASN B 210 -18.82 -5.89 41.47
N PHE B 211 -17.82 -6.73 41.29
CA PHE B 211 -16.86 -7.06 42.35
C PHE B 211 -15.83 -5.96 42.52
N ASN B 212 -15.22 -5.95 43.72
CA ASN B 212 -14.35 -4.88 44.15
C ASN B 212 -13.02 -5.42 44.64
N SER B 213 -13.03 -6.60 45.26
CA SER B 213 -11.82 -7.24 45.77
C SER B 213 -11.73 -8.66 45.25
N SER B 214 -10.53 -9.22 45.34
CA SER B 214 -10.23 -10.52 44.76
C SER B 214 -10.83 -11.69 45.53
N ASN B 215 -10.62 -11.71 46.85
CA ASN B 215 -11.11 -12.82 47.68
C ASN B 215 -12.62 -12.94 47.61
N ILE B 216 -13.33 -11.82 47.59
CA ILE B 216 -14.78 -11.85 47.48
C ILE B 216 -15.19 -12.55 46.18
N MET B 217 -14.56 -12.19 45.08
CA MET B 217 -14.86 -12.83 43.80
C MET B 217 -14.53 -14.31 43.83
N LYS B 218 -13.40 -14.66 44.44
CA LYS B 218 -13.04 -16.06 44.63
C LYS B 218 -14.17 -16.82 45.29
N THR B 219 -14.61 -16.32 46.44
CA THR B 219 -15.65 -17.02 47.21
C THR B 219 -16.95 -17.12 46.42
N CYS B 220 -17.41 -16.01 45.84
CA CYS B 220 -18.67 -16.03 45.10
C CYS B 220 -18.60 -17.02 43.93
N LEU B 221 -17.62 -16.84 43.04
CA LEU B 221 -17.45 -17.77 41.93
C LEU B 221 -17.34 -19.21 42.41
N GLN B 222 -16.83 -19.40 43.63
CA GLN B 222 -16.78 -20.75 44.19
C GLN B 222 -18.15 -21.27 44.55
N ASN B 223 -19.01 -20.43 45.13
CA ASN B 223 -20.29 -20.87 45.66
C ASN B 223 -21.22 -21.42 44.59
N LEU B 224 -21.03 -21.07 43.33
CA LEU B 224 -21.85 -21.62 42.27
C LEU B 224 -21.59 -23.11 42.12
N ALA B 225 -22.61 -23.83 41.64
CA ALA B 225 -22.51 -25.27 41.44
C ALA B 225 -23.75 -25.75 40.70
N GLY B 226 -23.59 -26.88 40.01
CA GLY B 226 -24.71 -27.57 39.40
C GLY B 226 -25.44 -26.78 38.33
N LEU B 227 -25.02 -25.54 38.13
CA LEU B 227 -25.73 -24.62 37.25
C LEU B 227 -25.67 -25.10 35.80
N HIS B 228 -26.58 -24.55 34.98
CA HIS B 228 -26.66 -24.87 33.56
C HIS B 228 -27.00 -23.56 32.85
N VAL B 229 -26.09 -23.09 32.00
CA VAL B 229 -26.19 -21.77 31.40
C VAL B 229 -25.91 -21.87 29.90
N HIS B 230 -26.09 -20.74 29.19
CA HIS B 230 -25.88 -20.69 27.75
C HIS B 230 -25.05 -19.50 27.29
N ARG B 231 -24.85 -18.49 28.14
CA ARG B 231 -23.96 -17.39 27.78
C ARG B 231 -23.50 -16.60 28.98
N LEU B 232 -22.21 -16.64 29.28
CA LEU B 232 -21.61 -15.85 30.34
C LEU B 232 -21.15 -14.52 29.78
N ILE B 233 -21.38 -13.45 30.52
CA ILE B 233 -20.87 -12.12 30.19
C ILE B 233 -20.11 -11.64 31.40
N LEU B 234 -18.79 -11.68 31.33
CA LEU B 234 -17.93 -11.22 32.42
C LEU B 234 -17.03 -10.11 31.92
N GLY B 235 -16.74 -9.16 32.81
CA GLY B 235 -15.90 -8.04 32.45
C GLY B 235 -16.08 -6.90 33.42
N GLU B 236 -15.82 -5.70 32.93
CA GLU B 236 -16.02 -4.50 33.72
C GLU B 236 -16.03 -3.30 32.79
N PHE B 237 -16.35 -2.14 33.34
CA PHE B 237 -16.49 -0.93 32.57
C PHE B 237 -15.40 0.07 32.94
N LYS B 238 -14.96 0.82 31.93
CA LYS B 238 -13.81 1.71 32.05
C LYS B 238 -14.15 3.03 32.72
N ASP B 239 -15.28 3.12 33.43
CA ASP B 239 -15.67 4.37 34.08
C ASP B 239 -16.03 4.20 35.55
N GLU B 240 -15.65 3.10 36.17
CA GLU B 240 -15.81 2.91 37.61
C GLU B 240 -14.46 2.57 38.23
N ARG B 241 -14.50 2.23 39.52
CA ARG B 241 -13.36 1.64 40.21
C ARG B 241 -13.53 0.13 40.23
N ASN B 242 -12.48 -0.60 39.83
CA ASN B 242 -12.58 -2.05 39.72
C ASN B 242 -11.30 -2.74 40.17
N LEU B 243 -11.15 -4.01 39.81
CA LEU B 243 -10.05 -4.85 40.25
C LEU B 243 -8.69 -4.21 39.97
N GLU B 244 -7.67 -4.69 40.69
CA GLU B 244 -6.30 -4.25 40.49
C GLU B 244 -5.39 -5.32 39.93
N ILE B 245 -5.66 -6.59 40.22
CA ILE B 245 -4.83 -7.70 39.75
C ILE B 245 -5.75 -8.86 39.38
N PHE B 246 -5.56 -9.41 38.20
CA PHE B 246 -6.31 -10.56 37.72
C PHE B 246 -5.42 -11.78 37.78
N GLU B 247 -5.83 -12.78 38.55
CA GLU B 247 -5.09 -14.03 38.64
C GLU B 247 -5.86 -15.14 37.95
N PRO B 248 -5.18 -15.98 37.16
CA PRO B 248 -5.88 -17.11 36.54
C PRO B 248 -6.52 -18.07 37.53
N SER B 249 -6.21 -17.93 38.83
CA SER B 249 -6.83 -18.73 39.87
C SER B 249 -8.02 -18.04 40.52
N ILE B 250 -8.28 -16.77 40.19
CA ILE B 250 -9.50 -16.13 40.67
C ILE B 250 -10.72 -16.87 40.13
N MET B 251 -10.67 -17.29 38.87
CA MET B 251 -11.75 -18.08 38.29
C MET B 251 -11.61 -19.56 38.65
N GLU B 252 -11.38 -19.82 39.93
CA GLU B 252 -11.45 -21.17 40.46
C GLU B 252 -12.87 -21.41 40.96
N GLY B 253 -13.21 -22.69 41.14
CA GLY B 253 -14.60 -23.04 41.32
C GLY B 253 -15.42 -22.94 40.07
N LEU B 254 -14.79 -22.83 38.91
CA LEU B 254 -15.51 -22.77 37.65
C LEU B 254 -15.50 -24.11 36.91
N CYS B 255 -14.72 -25.07 37.39
CA CYS B 255 -14.65 -26.39 36.78
C CYS B 255 -15.85 -27.28 37.14
N ASP B 256 -16.93 -26.70 37.66
CA ASP B 256 -18.13 -27.44 38.00
C ASP B 256 -19.34 -27.03 37.17
N VAL B 257 -19.36 -25.81 36.63
CA VAL B 257 -20.49 -25.29 35.87
C VAL B 257 -20.43 -25.85 34.46
N THR B 258 -21.61 -26.12 33.89
CA THR B 258 -21.71 -26.45 32.47
C THR B 258 -21.90 -25.17 31.66
N ILE B 259 -21.09 -25.03 30.61
CA ILE B 259 -21.05 -23.80 29.82
C ILE B 259 -21.06 -24.18 28.35
N ASP B 260 -21.69 -23.33 27.53
CA ASP B 260 -21.69 -23.50 26.09
C ASP B 260 -21.14 -22.32 25.32
N GLU B 261 -21.01 -21.15 25.93
CA GLU B 261 -20.33 -20.03 25.25
C GLU B 261 -19.83 -19.06 26.31
N PHE B 262 -18.53 -19.06 26.54
CA PHE B 262 -17.90 -18.08 27.42
C PHE B 262 -17.65 -16.81 26.61
N ARG B 263 -17.84 -15.65 27.26
CA ARG B 263 -17.68 -14.39 26.57
C ARG B 263 -17.10 -13.35 27.51
N LEU B 264 -15.88 -12.90 27.23
CA LEU B 264 -15.20 -11.92 28.05
C LEU B 264 -15.25 -10.56 27.38
N THR B 265 -14.98 -9.53 28.16
CA THR B 265 -15.01 -8.15 27.67
C THR B 265 -13.81 -7.41 28.25
N TYR B 266 -13.85 -6.08 28.18
CA TYR B 266 -12.71 -5.26 28.54
C TYR B 266 -12.28 -5.46 29.99
N THR B 267 -10.98 -5.62 30.20
CA THR B 267 -10.40 -5.77 31.54
C THR B 267 -9.18 -4.88 31.65
N ASN B 268 -8.99 -4.29 32.84
CA ASN B 268 -7.87 -3.39 33.08
C ASN B 268 -6.55 -4.15 33.20
N ASP B 269 -6.52 -5.17 34.04
CA ASP B 269 -5.33 -5.99 34.21
C ASP B 269 -5.49 -7.30 33.43
N PHE B 270 -4.50 -7.63 32.61
CA PHE B 270 -4.64 -8.78 31.76
C PHE B 270 -3.28 -9.45 31.59
N SER B 271 -3.31 -10.75 31.28
CA SER B 271 -2.12 -11.54 31.04
C SER B 271 -2.45 -12.63 30.06
N ASP B 272 -1.50 -12.97 29.20
CA ASP B 272 -1.68 -14.08 28.27
C ASP B 272 -2.00 -15.38 28.99
N ASP B 273 -1.63 -15.49 30.26
CA ASP B 273 -1.85 -16.72 31.01
C ASP B 273 -3.32 -16.97 31.34
N ILE B 274 -4.16 -15.94 31.25
CA ILE B 274 -5.58 -16.09 31.62
C ILE B 274 -6.22 -17.16 30.74
N VAL B 275 -6.01 -17.07 29.43
CA VAL B 275 -6.55 -18.08 28.53
C VAL B 275 -5.84 -19.41 28.76
N LYS B 276 -6.44 -20.48 28.24
CA LYS B 276 -5.97 -21.87 28.37
C LYS B 276 -5.67 -22.24 29.84
N PHE B 277 -6.37 -21.61 30.77
CA PHE B 277 -6.43 -22.09 32.14
C PHE B 277 -7.30 -23.35 32.17
N HIS B 278 -6.87 -24.36 32.93
CA HIS B 278 -7.37 -25.71 32.74
C HIS B 278 -8.87 -25.84 33.05
N CYS B 279 -9.49 -24.82 33.62
CA CYS B 279 -10.94 -24.81 33.79
C CYS B 279 -11.68 -24.24 32.59
N LEU B 280 -11.00 -24.09 31.45
CA LEU B 280 -11.63 -23.63 30.21
C LEU B 280 -11.50 -24.70 29.15
N ALA B 281 -11.40 -25.96 29.56
CA ALA B 281 -11.11 -27.05 28.64
C ALA B 281 -12.33 -27.54 27.89
N ASN B 282 -13.54 -27.24 28.35
CA ASN B 282 -14.75 -27.71 27.70
C ASN B 282 -15.66 -26.59 27.22
N VAL B 283 -15.25 -25.33 27.36
CA VAL B 283 -16.02 -24.23 26.80
C VAL B 283 -16.11 -24.42 25.30
N SER B 284 -17.34 -24.65 24.81
CA SER B 284 -17.54 -25.08 23.43
C SER B 284 -17.69 -23.92 22.45
N ALA B 285 -17.65 -22.67 22.91
CA ALA B 285 -17.63 -21.54 21.99
C ALA B 285 -16.93 -20.38 22.67
N MET B 286 -15.64 -20.23 22.43
CA MET B 286 -14.87 -19.14 23.00
C MET B 286 -15.24 -17.84 22.32
N SER B 287 -15.05 -16.74 23.03
CA SER B 287 -15.31 -15.42 22.49
C SER B 287 -14.69 -14.39 23.40
N LEU B 288 -14.25 -13.28 22.80
CA LEU B 288 -13.60 -12.21 23.55
C LEU B 288 -13.51 -11.00 22.64
N ALA B 289 -13.84 -9.83 23.19
CA ALA B 289 -13.97 -8.63 22.38
C ALA B 289 -13.64 -7.41 23.22
N GLY B 290 -12.66 -6.63 22.76
CA GLY B 290 -12.22 -5.46 23.47
C GLY B 290 -11.05 -5.70 24.40
N VAL B 291 -10.57 -6.93 24.50
CA VAL B 291 -9.50 -7.29 25.43
C VAL B 291 -8.16 -6.86 24.87
N SER B 292 -7.33 -6.24 25.71
CA SER B 292 -6.04 -5.69 25.27
C SER B 292 -4.98 -6.79 25.32
N ILE B 293 -5.13 -7.75 24.42
CA ILE B 293 -4.14 -8.80 24.24
C ILE B 293 -2.98 -8.22 23.45
N LYS B 294 -1.84 -8.90 23.46
CA LYS B 294 -0.72 -8.54 22.61
C LYS B 294 -0.17 -9.72 21.82
N TYR B 295 -0.14 -10.91 22.40
CA TYR B 295 0.38 -12.09 21.73
C TYR B 295 -0.50 -13.27 22.06
N LEU B 296 -0.42 -14.31 21.23
CA LEU B 296 -1.18 -15.54 21.44
C LEU B 296 -0.29 -16.70 21.04
N GLU B 297 0.33 -17.32 22.04
CA GLU B 297 1.31 -18.37 21.86
C GLU B 297 0.65 -19.74 21.98
N ASP B 298 1.46 -20.79 22.07
CA ASP B 298 0.99 -22.17 22.03
C ASP B 298 -0.15 -22.42 23.00
N VAL B 299 -1.06 -23.30 22.61
CA VAL B 299 -2.25 -23.63 23.39
C VAL B 299 -2.37 -25.16 23.42
N PRO B 300 -2.71 -25.75 24.57
CA PRO B 300 -2.78 -27.21 24.66
C PRO B 300 -3.72 -27.80 23.62
N LYS B 301 -3.48 -29.07 23.28
CA LYS B 301 -4.26 -29.74 22.25
C LYS B 301 -5.51 -30.39 22.83
N HIS B 302 -5.57 -30.61 24.14
CA HIS B 302 -6.73 -31.26 24.72
C HIS B 302 -7.81 -30.24 25.08
N PHE B 303 -8.14 -29.36 24.13
CA PHE B 303 -9.23 -28.41 24.29
C PHE B 303 -10.34 -28.74 23.30
N LYS B 304 -11.56 -28.36 23.68
CA LYS B 304 -12.73 -28.57 22.84
C LYS B 304 -13.32 -27.19 22.51
N TRP B 305 -12.83 -26.59 21.43
CA TRP B 305 -13.29 -25.30 20.96
C TRP B 305 -13.89 -25.44 19.59
N GLN B 306 -15.12 -24.95 19.43
CA GLN B 306 -15.80 -24.95 18.14
C GLN B 306 -15.78 -23.59 17.45
N SER B 307 -15.39 -22.53 18.16
CA SER B 307 -15.42 -21.20 17.58
C SER B 307 -14.47 -20.30 18.35
N LEU B 308 -13.97 -19.29 17.65
CA LEU B 308 -13.12 -18.28 18.25
C LEU B 308 -13.42 -16.95 17.58
N SER B 309 -13.34 -15.87 18.35
CA SER B 309 -13.66 -14.57 17.79
C SER B 309 -12.90 -13.49 18.54
N ILE B 310 -12.09 -12.75 17.80
CA ILE B 310 -11.36 -11.60 18.34
C ILE B 310 -11.86 -10.37 17.61
N ILE B 311 -12.25 -9.34 18.35
CA ILE B 311 -12.81 -8.13 17.77
C ILE B 311 -12.21 -6.92 18.45
N ARG B 312 -11.64 -6.02 17.67
CA ARG B 312 -11.13 -4.73 18.15
C ARG B 312 -10.04 -4.90 19.20
N CYS B 313 -9.29 -5.99 19.12
CA CYS B 313 -8.20 -6.26 20.06
C CYS B 313 -6.86 -5.99 19.39
N GLN B 314 -6.00 -5.25 20.08
CA GLN B 314 -4.65 -5.02 19.56
C GLN B 314 -3.91 -6.33 19.42
N LEU B 315 -3.18 -6.47 18.32
CA LEU B 315 -2.46 -7.71 18.04
C LEU B 315 -1.28 -7.37 17.14
N LYS B 316 -0.09 -7.27 17.72
CA LYS B 316 1.10 -6.84 17.00
C LYS B 316 1.84 -8.00 16.34
N GLN B 317 1.13 -9.07 16.00
CA GLN B 317 1.70 -10.23 15.34
C GLN B 317 0.56 -11.16 14.98
N PHE B 318 0.72 -11.87 13.86
CA PHE B 318 -0.20 -12.93 13.50
C PHE B 318 0.11 -14.17 14.32
N PRO B 319 -0.73 -14.51 15.29
CA PRO B 319 -0.39 -15.61 16.20
C PRO B 319 -0.47 -16.96 15.52
N THR B 320 0.37 -17.89 15.98
CA THR B 320 0.32 -19.26 15.52
C THR B 320 -0.69 -20.05 16.33
N LEU B 321 -1.33 -21.03 15.70
CA LEU B 321 -2.36 -21.81 16.35
C LEU B 321 -2.36 -23.22 15.81
N ASP B 322 -2.77 -24.16 16.65
CA ASP B 322 -2.94 -25.55 16.24
C ASP B 322 -4.00 -26.17 17.13
N LEU B 323 -5.20 -26.34 16.60
CA LEU B 323 -6.34 -26.89 17.33
C LEU B 323 -7.16 -27.76 16.39
N PRO B 324 -7.13 -29.07 16.54
CA PRO B 324 -7.77 -29.95 15.54
C PRO B 324 -9.29 -29.93 15.58
N PHE B 325 -9.89 -29.00 16.31
CA PHE B 325 -11.34 -28.92 16.39
C PHE B 325 -11.92 -27.54 16.15
N LEU B 326 -11.11 -26.49 16.11
CA LEU B 326 -11.63 -25.14 15.92
C LEU B 326 -12.11 -24.93 14.50
N LYS B 327 -13.16 -24.12 14.36
CA LYS B 327 -13.63 -23.64 13.07
C LYS B 327 -14.24 -22.27 13.27
N SER B 328 -14.40 -21.54 12.16
CA SER B 328 -14.99 -20.21 12.16
C SER B 328 -14.18 -19.24 13.02
N LEU B 329 -12.96 -19.00 12.56
CA LEU B 329 -12.12 -17.96 13.14
C LEU B 329 -12.52 -16.60 12.55
N THR B 330 -12.43 -15.57 13.38
CA THR B 330 -12.82 -14.24 12.97
C THR B 330 -11.94 -13.21 13.66
N LEU B 331 -11.33 -12.33 12.86
CA LEU B 331 -10.49 -11.26 13.38
C LEU B 331 -10.73 -10.05 12.52
N THR B 332 -11.24 -8.96 13.09
CA THR B 332 -11.60 -7.80 12.30
C THR B 332 -11.32 -6.53 13.08
N MET B 333 -11.26 -5.43 12.33
CA MET B 333 -11.15 -4.08 12.90
C MET B 333 -9.97 -3.95 13.84
N ASN B 334 -8.92 -4.73 13.59
CA ASN B 334 -7.72 -4.67 14.41
C ASN B 334 -7.16 -3.26 14.43
N LYS B 335 -6.46 -2.92 15.52
CA LYS B 335 -5.93 -1.58 15.72
C LYS B 335 -4.47 -1.46 15.30
N GLY B 336 -3.97 -2.38 14.49
CA GLY B 336 -2.58 -2.31 14.09
C GLY B 336 -2.34 -2.90 12.73
N SER B 337 -1.08 -2.84 12.29
CA SER B 337 -0.66 -3.35 11.00
C SER B 337 0.16 -4.61 11.21
N ILE B 338 -0.24 -5.68 10.53
CA ILE B 338 0.37 -7.00 10.70
C ILE B 338 0.67 -7.58 9.33
N SER B 339 1.16 -8.82 9.32
CA SER B 339 1.53 -9.51 8.10
C SER B 339 1.28 -11.00 8.26
N PHE B 340 0.57 -11.60 7.31
CA PHE B 340 0.13 -12.98 7.41
C PHE B 340 1.29 -13.94 7.66
N LYS B 341 1.03 -15.02 8.40
CA LYS B 341 2.00 -16.08 8.61
C LYS B 341 1.26 -17.41 8.56
N LYS B 342 1.94 -18.43 8.05
CA LYS B 342 1.32 -19.73 7.87
C LYS B 342 0.83 -20.29 9.20
N VAL B 343 -0.26 -21.05 9.14
CA VAL B 343 -0.85 -21.71 10.30
C VAL B 343 -1.30 -23.10 9.88
N ALA B 344 -1.88 -23.83 10.83
CA ALA B 344 -2.43 -25.16 10.57
C ALA B 344 -3.70 -25.34 11.38
N LEU B 345 -4.82 -25.57 10.69
CA LEU B 345 -6.13 -25.72 11.29
C LEU B 345 -6.93 -26.76 10.49
N PRO B 346 -6.79 -28.05 10.81
CA PRO B 346 -7.24 -29.09 9.88
C PRO B 346 -8.73 -29.08 9.53
N SER B 347 -9.57 -28.29 10.20
CA SER B 347 -10.99 -28.28 9.86
C SER B 347 -11.55 -26.88 10.12
N LEU B 348 -11.53 -26.03 9.10
CA LEU B 348 -12.02 -24.67 9.18
C LEU B 348 -12.92 -24.42 7.97
N SER B 349 -14.02 -23.68 8.18
CA SER B 349 -14.97 -23.42 7.12
C SER B 349 -15.51 -22.00 7.16
N TYR B 350 -14.71 -21.06 7.66
CA TYR B 350 -15.09 -19.65 7.68
C TYR B 350 -13.88 -18.83 8.07
N LEU B 351 -13.71 -17.69 7.40
CA LEU B 351 -12.62 -16.80 7.72
C LEU B 351 -13.02 -15.38 7.37
N ASP B 352 -12.60 -14.44 8.20
CA ASP B 352 -12.93 -13.04 7.99
C ASP B 352 -11.79 -12.22 8.58
N LEU B 353 -10.98 -11.62 7.72
CA LEU B 353 -9.86 -10.79 8.14
C LEU B 353 -10.01 -9.48 7.38
N SER B 354 -10.86 -8.59 7.88
CA SER B 354 -11.29 -7.43 7.12
C SER B 354 -11.06 -6.16 7.93
N ARG B 355 -10.89 -5.06 7.20
CA ARG B 355 -10.68 -3.74 7.79
C ARG B 355 -9.46 -3.71 8.68
N ASN B 356 -8.51 -4.60 8.39
CA ASN B 356 -7.17 -4.58 8.96
C ASN B 356 -6.17 -4.30 7.84
N ALA B 357 -5.13 -3.53 8.15
CA ALA B 357 -4.10 -3.22 7.16
C ALA B 357 -3.15 -4.41 7.04
N LEU B 358 -3.68 -5.47 6.44
CA LEU B 358 -2.99 -6.74 6.33
C LEU B 358 -2.41 -6.93 4.94
N SER B 359 -1.12 -7.23 4.88
CA SER B 359 -0.39 -7.46 3.63
C SER B 359 -0.14 -8.95 3.50
N PHE B 360 -0.57 -9.53 2.39
CA PHE B 360 -0.53 -10.97 2.18
C PHE B 360 0.36 -11.27 0.98
N SER B 361 1.64 -11.54 1.25
CA SER B 361 2.65 -11.50 0.21
C SER B 361 2.62 -12.74 -0.68
N GLY B 362 3.01 -13.88 -0.13
CA GLY B 362 2.92 -15.09 -0.92
C GLY B 362 1.50 -15.58 -0.83
N CYS B 363 0.68 -15.22 -1.82
CA CYS B 363 -0.76 -15.21 -1.61
C CYS B 363 -1.41 -16.54 -1.93
N CYS B 364 -2.28 -16.97 -1.02
CA CYS B 364 -3.49 -17.74 -1.32
C CYS B 364 -3.18 -19.03 -2.08
N SER B 365 -2.53 -19.94 -1.35
CA SER B 365 -2.39 -21.32 -1.76
C SER B 365 -2.64 -22.23 -0.57
N TYR B 366 -2.56 -23.54 -0.82
CA TYR B 366 -2.86 -24.54 0.20
C TYR B 366 -1.99 -24.37 1.44
N SER B 367 -0.68 -24.21 1.25
CA SER B 367 0.27 -24.37 2.34
C SER B 367 0.11 -23.27 3.40
N ASP B 368 -0.54 -22.16 3.05
CA ASP B 368 -0.69 -21.08 4.02
C ASP B 368 -1.63 -21.45 5.16
N LEU B 369 -2.56 -22.37 4.94
CA LEU B 369 -3.51 -22.77 5.97
C LEU B 369 -3.53 -24.27 6.22
N GLY B 370 -3.28 -25.06 5.19
CA GLY B 370 -3.26 -26.51 5.35
C GLY B 370 -4.61 -27.08 5.72
N THR B 371 -5.56 -26.97 4.79
CA THR B 371 -6.92 -27.41 5.05
C THR B 371 -7.66 -27.57 3.73
N ASN B 372 -8.81 -28.21 3.81
CA ASN B 372 -9.81 -28.22 2.77
C ASN B 372 -11.11 -27.67 3.35
N SER B 373 -12.18 -27.72 2.56
CA SER B 373 -13.52 -27.40 3.03
C SER B 373 -13.61 -25.98 3.58
N LEU B 374 -13.12 -25.03 2.80
CA LEU B 374 -13.34 -23.60 3.07
C LEU B 374 -14.57 -23.13 2.30
N ARG B 375 -15.28 -22.17 2.88
CA ARG B 375 -16.54 -21.73 2.29
C ARG B 375 -16.68 -20.23 2.11
N HIS B 376 -16.02 -19.42 2.91
CA HIS B 376 -16.25 -17.99 2.87
C HIS B 376 -14.95 -17.29 3.21
N LEU B 377 -14.45 -16.50 2.25
CA LEU B 377 -13.19 -15.82 2.40
C LEU B 377 -13.44 -14.34 2.17
N ASP B 378 -12.71 -13.51 2.90
CA ASP B 378 -12.93 -12.07 2.82
C ASP B 378 -11.67 -11.37 3.28
N LEU B 379 -10.98 -10.72 2.35
CA LEU B 379 -9.84 -9.85 2.65
C LEU B 379 -10.16 -8.52 1.99
N SER B 380 -10.95 -7.70 2.66
CA SER B 380 -11.43 -6.46 2.08
C SER B 380 -10.98 -5.29 2.94
N PHE B 381 -10.74 -4.15 2.31
CA PHE B 381 -10.24 -2.93 2.93
C PHE B 381 -8.83 -3.11 3.49
N ASN B 382 -8.11 -4.14 3.07
CA ASN B 382 -6.72 -4.36 3.46
C ASN B 382 -5.78 -3.61 2.52
N GLY B 383 -4.50 -3.95 2.54
CA GLY B 383 -3.52 -3.30 1.70
C GLY B 383 -3.05 -4.12 0.52
N ALA B 384 -1.80 -3.94 0.13
CA ALA B 384 -1.29 -4.58 -1.08
C ALA B 384 -1.26 -6.10 -0.93
N ILE B 385 -1.83 -6.78 -1.92
CA ILE B 385 -1.89 -8.24 -1.92
C ILE B 385 -1.20 -8.71 -3.19
N ILE B 386 0.11 -8.95 -3.10
CA ILE B 386 0.87 -9.46 -4.23
C ILE B 386 0.39 -10.88 -4.53
N MET B 387 -0.04 -11.10 -5.77
CA MET B 387 -0.48 -12.41 -6.19
C MET B 387 0.74 -13.21 -6.61
N SER B 388 0.90 -14.40 -6.03
CA SER B 388 2.03 -15.26 -6.34
C SER B 388 1.63 -16.60 -6.92
N ALA B 389 0.43 -17.09 -6.61
CA ALA B 389 -0.05 -18.33 -7.20
C ALA B 389 -1.57 -18.28 -7.23
N ASN B 390 -2.13 -18.75 -8.34
CA ASN B 390 -3.56 -18.93 -8.44
C ASN B 390 -4.00 -20.00 -7.46
N PHE B 391 -5.23 -19.88 -6.97
CA PHE B 391 -5.68 -20.72 -5.86
C PHE B 391 -5.65 -22.18 -6.28
N MET B 392 -4.84 -22.98 -5.59
CA MET B 392 -4.55 -24.33 -6.05
C MET B 392 -5.09 -25.42 -5.14
N GLY B 393 -5.00 -25.26 -3.82
CA GLY B 393 -5.55 -26.25 -2.92
C GLY B 393 -6.98 -25.97 -2.55
N LEU B 394 -7.40 -24.72 -2.68
CA LEU B 394 -8.73 -24.28 -2.24
C LEU B 394 -9.75 -24.39 -3.37
N GLU B 395 -9.92 -25.62 -3.87
CA GLU B 395 -10.76 -25.89 -5.01
C GLU B 395 -12.25 -25.84 -4.69
N GLU B 396 -12.63 -25.40 -3.49
CA GLU B 396 -14.03 -25.31 -3.09
C GLU B 396 -14.21 -24.01 -2.31
N LEU B 397 -14.98 -23.09 -2.86
CA LEU B 397 -15.19 -21.78 -2.27
C LEU B 397 -16.55 -21.28 -2.72
N GLN B 398 -17.10 -20.29 -2.01
CA GLN B 398 -18.42 -19.79 -2.37
C GLN B 398 -18.46 -18.28 -2.53
N HIS B 399 -17.77 -17.53 -1.70
CA HIS B 399 -17.73 -16.09 -1.81
C HIS B 399 -16.28 -15.63 -1.86
N LEU B 400 -16.07 -14.38 -2.23
CA LEU B 400 -14.74 -13.82 -2.34
C LEU B 400 -14.89 -12.32 -2.47
N ASP B 401 -13.97 -11.58 -1.88
CA ASP B 401 -14.23 -10.15 -1.72
C ASP B 401 -12.97 -9.32 -1.53
N PHE B 402 -12.70 -8.43 -2.49
CA PHE B 402 -11.77 -7.31 -2.33
C PHE B 402 -12.59 -6.05 -2.55
N GLN B 403 -12.45 -5.06 -1.67
CA GLN B 403 -13.24 -3.86 -1.87
C GLN B 403 -12.37 -2.62 -2.08
N HIS B 404 -11.46 -2.33 -1.16
CA HIS B 404 -10.54 -1.20 -1.34
C HIS B 404 -9.15 -1.71 -0.97
N SER B 405 -8.49 -2.35 -1.93
CA SER B 405 -7.20 -2.98 -1.66
C SER B 405 -6.44 -3.11 -2.96
N THR B 406 -5.27 -2.47 -3.03
CA THR B 406 -4.49 -2.47 -4.26
C THR B 406 -4.01 -3.89 -4.56
N LEU B 407 -4.62 -4.50 -5.58
CA LEU B 407 -4.34 -5.87 -5.95
C LEU B 407 -3.33 -5.89 -7.08
N LYS B 408 -2.11 -6.34 -6.80
CA LYS B 408 -0.97 -6.18 -7.69
C LYS B 408 -0.74 -7.45 -8.52
N ARG B 409 -0.16 -7.26 -9.70
CA ARG B 409 0.27 -8.36 -10.57
C ARG B 409 -0.88 -9.23 -11.03
N VAL B 410 -2.08 -8.66 -11.13
CA VAL B 410 -3.24 -9.44 -11.57
C VAL B 410 -3.16 -9.85 -13.03
N THR B 411 -2.47 -9.07 -13.85
CA THR B 411 -2.51 -9.23 -15.30
C THR B 411 -1.34 -10.00 -15.86
N GLU B 412 -0.31 -10.29 -15.07
CA GLU B 412 0.85 -10.99 -15.59
C GLU B 412 0.57 -12.45 -15.89
N PHE B 413 -0.53 -12.99 -15.37
CA PHE B 413 -0.97 -14.35 -15.63
C PHE B 413 -2.45 -14.44 -15.29
N SER B 414 -3.08 -15.56 -15.62
CA SER B 414 -4.51 -15.70 -15.47
C SER B 414 -4.83 -16.23 -14.08
N ALA B 415 -5.01 -15.30 -13.14
CA ALA B 415 -5.44 -15.66 -11.80
C ALA B 415 -6.89 -16.17 -11.83
N PHE B 416 -7.37 -16.59 -10.66
CA PHE B 416 -8.70 -17.21 -10.53
C PHE B 416 -8.86 -18.38 -11.50
N LEU B 417 -7.78 -19.13 -11.69
CA LEU B 417 -7.75 -20.15 -12.73
C LEU B 417 -8.31 -21.49 -12.29
N SER B 418 -8.57 -21.69 -11.00
CA SER B 418 -9.03 -23.00 -10.54
C SER B 418 -10.28 -22.94 -9.68
N LEU B 419 -10.97 -21.80 -9.62
CA LEU B 419 -12.18 -21.68 -8.79
C LEU B 419 -13.39 -22.10 -9.63
N GLU B 420 -13.47 -23.41 -9.87
CA GLU B 420 -14.55 -23.95 -10.71
C GLU B 420 -15.91 -23.88 -10.04
N LYS B 421 -15.96 -23.69 -8.72
CA LYS B 421 -17.21 -23.49 -7.99
C LYS B 421 -17.12 -22.13 -7.31
N LEU B 422 -17.73 -21.12 -7.91
CA LEU B 422 -17.83 -19.81 -7.29
C LEU B 422 -19.20 -19.25 -7.61
N LEU B 423 -19.68 -18.36 -6.75
CA LEU B 423 -20.99 -17.76 -6.96
C LEU B 423 -21.03 -16.28 -6.67
N TYR B 424 -19.89 -15.62 -6.53
CA TYR B 424 -19.85 -14.22 -6.17
C TYR B 424 -18.43 -13.73 -6.37
N LEU B 425 -18.27 -12.45 -6.63
CA LEU B 425 -16.96 -11.87 -6.85
C LEU B 425 -17.09 -10.35 -6.77
N ASP B 426 -16.02 -9.69 -6.37
CA ASP B 426 -16.06 -8.25 -6.16
C ASP B 426 -14.65 -7.70 -6.33
N ILE B 427 -14.38 -7.11 -7.50
CA ILE B 427 -13.16 -6.35 -7.73
C ILE B 427 -13.62 -4.93 -8.05
N SER B 428 -13.73 -4.10 -7.03
CA SER B 428 -14.18 -2.73 -7.22
C SER B 428 -13.17 -1.80 -6.60
N TYR B 429 -13.03 -0.62 -7.19
CA TYR B 429 -12.18 0.45 -6.65
C TYR B 429 -10.76 0.00 -6.36
N THR B 430 -10.31 -1.08 -6.99
CA THR B 430 -8.91 -1.50 -6.96
C THR B 430 -8.30 -1.09 -8.30
N ASN B 431 -7.45 -0.07 -8.28
CA ASN B 431 -6.87 0.48 -9.50
C ASN B 431 -6.29 -0.63 -10.35
N THR B 432 -6.88 -0.84 -11.52
CA THR B 432 -6.55 -2.00 -12.34
C THR B 432 -6.71 -1.65 -13.80
N LYS B 433 -5.60 -1.38 -14.47
CA LYS B 433 -5.62 -1.02 -15.88
C LYS B 433 -5.73 -2.32 -16.67
N ILE B 434 -6.96 -2.71 -16.98
CA ILE B 434 -7.19 -3.98 -17.65
C ILE B 434 -6.66 -3.88 -19.08
N ASP B 435 -5.51 -4.49 -19.32
CA ASP B 435 -4.90 -4.51 -20.65
C ASP B 435 -4.57 -5.91 -21.14
N PHE B 436 -5.04 -6.95 -20.46
CA PHE B 436 -4.87 -8.32 -20.91
C PHE B 436 -6.25 -8.95 -21.00
N ASP B 437 -6.57 -9.49 -22.17
CA ASP B 437 -7.81 -10.23 -22.31
C ASP B 437 -7.66 -11.59 -21.62
N GLY B 438 -8.78 -12.30 -21.47
CA GLY B 438 -8.73 -13.58 -20.80
C GLY B 438 -8.34 -13.50 -19.34
N ILE B 439 -8.58 -12.37 -18.68
CA ILE B 439 -8.30 -12.26 -17.25
C ILE B 439 -9.35 -13.02 -16.45
N PHE B 440 -10.64 -12.77 -16.70
CA PHE B 440 -11.73 -13.45 -16.00
C PHE B 440 -11.95 -14.81 -16.67
N LEU B 441 -10.90 -15.62 -16.67
CA LEU B 441 -10.90 -16.88 -17.38
C LEU B 441 -11.04 -18.05 -16.40
N GLY B 442 -11.69 -19.12 -16.88
CA GLY B 442 -11.72 -20.37 -16.16
C GLY B 442 -12.82 -20.52 -15.13
N LEU B 443 -13.45 -19.45 -14.69
CA LEU B 443 -14.50 -19.50 -13.67
C LEU B 443 -15.85 -19.49 -14.39
N THR B 444 -16.50 -20.65 -14.44
CA THR B 444 -17.75 -20.76 -15.18
C THR B 444 -18.91 -20.13 -14.42
N SER B 445 -19.25 -20.68 -13.27
CA SER B 445 -20.38 -20.19 -12.49
C SER B 445 -20.01 -18.87 -11.82
N LEU B 446 -20.71 -17.80 -12.17
CA LEU B 446 -20.53 -16.54 -11.48
C LEU B 446 -21.76 -15.66 -11.65
N ASN B 447 -22.60 -15.58 -10.63
CA ASN B 447 -23.86 -14.87 -10.75
C ASN B 447 -23.82 -13.46 -10.20
N THR B 448 -22.66 -12.81 -10.20
CA THR B 448 -22.51 -11.44 -9.74
C THR B 448 -21.10 -10.98 -10.10
N LEU B 449 -20.94 -9.72 -10.48
CA LEU B 449 -19.64 -9.15 -10.81
C LEU B 449 -19.75 -7.65 -10.69
N LYS B 450 -18.88 -7.04 -9.89
CA LYS B 450 -18.94 -5.61 -9.60
C LYS B 450 -17.57 -4.99 -9.88
N MET B 451 -17.46 -4.28 -11.00
CA MET B 451 -16.18 -3.71 -11.42
C MET B 451 -16.21 -2.19 -11.48
N ALA B 452 -16.76 -1.53 -10.47
CA ALA B 452 -17.10 -0.10 -10.52
C ALA B 452 -15.90 0.72 -11.00
N GLY B 453 -14.82 0.82 -10.24
CA GLY B 453 -13.72 1.67 -10.67
C GLY B 453 -12.54 0.94 -11.28
N ASN B 454 -12.48 0.90 -12.61
CA ASN B 454 -11.43 0.18 -13.32
C ASN B 454 -11.20 0.83 -14.66
N SER B 455 -9.96 1.24 -14.92
CA SER B 455 -9.61 1.83 -16.19
C SER B 455 -9.61 0.77 -17.29
N PHE B 456 -9.25 1.17 -18.50
CA PHE B 456 -9.12 0.25 -19.62
C PHE B 456 -7.94 0.70 -20.49
N LYS B 457 -7.62 -0.13 -21.49
CA LYS B 457 -6.58 0.25 -22.45
C LYS B 457 -7.20 1.08 -23.56
N ASP B 458 -6.63 2.28 -23.77
CA ASP B 458 -7.12 3.26 -24.74
C ASP B 458 -8.65 3.39 -24.72
N ASN B 459 -9.24 3.23 -23.54
CA ASN B 459 -10.62 3.59 -23.28
C ASN B 459 -11.59 2.92 -24.26
N THR B 460 -11.64 1.60 -24.20
CA THR B 460 -12.61 0.87 -25.00
C THR B 460 -12.89 -0.49 -24.36
N LEU B 461 -14.15 -0.88 -24.38
CA LEU B 461 -14.56 -2.20 -23.95
C LEU B 461 -14.10 -3.19 -25.01
N SER B 462 -13.47 -4.28 -24.59
CA SER B 462 -12.81 -5.19 -25.53
C SER B 462 -12.94 -6.65 -25.09
N ASN B 463 -13.99 -7.30 -25.57
CA ASN B 463 -14.13 -8.76 -25.57
C ASN B 463 -13.55 -9.42 -24.32
N VAL B 464 -14.07 -9.01 -23.16
CA VAL B 464 -13.61 -9.57 -21.91
C VAL B 464 -14.50 -10.72 -21.41
N PHE B 465 -15.82 -10.57 -21.49
CA PHE B 465 -16.76 -11.51 -20.88
C PHE B 465 -17.07 -12.62 -21.89
N ALA B 466 -16.23 -13.64 -21.90
CA ALA B 466 -16.46 -14.83 -22.71
C ALA B 466 -16.28 -16.05 -21.84
N ASN B 467 -16.98 -17.14 -22.19
CA ASN B 467 -17.02 -18.34 -21.37
C ASN B 467 -17.48 -18.02 -19.95
N THR B 468 -18.46 -17.12 -19.84
CA THR B 468 -19.02 -16.65 -18.57
C THR B 468 -20.54 -16.62 -18.66
N THR B 469 -21.12 -17.75 -19.08
CA THR B 469 -22.53 -17.80 -19.43
C THR B 469 -23.42 -17.40 -18.26
N ASN B 470 -23.48 -18.23 -17.22
CA ASN B 470 -24.42 -18.01 -16.13
C ASN B 470 -23.90 -16.74 -15.46
N LEU B 471 -24.61 -15.64 -15.67
CA LEU B 471 -24.14 -14.35 -15.15
C LEU B 471 -25.31 -13.38 -15.31
N THR B 472 -26.06 -13.18 -14.22
CA THR B 472 -27.32 -12.45 -14.32
C THR B 472 -27.18 -10.98 -13.96
N PHE B 473 -26.37 -10.67 -12.97
CA PHE B 473 -26.15 -9.30 -12.53
C PHE B 473 -24.78 -8.86 -13.02
N LEU B 474 -24.75 -7.80 -13.82
CA LEU B 474 -23.50 -7.24 -14.32
C LEU B 474 -23.45 -5.76 -13.99
N ASP B 475 -22.26 -5.19 -14.04
CA ASP B 475 -22.07 -3.81 -13.58
C ASP B 475 -20.76 -3.30 -14.15
N LEU B 476 -20.85 -2.28 -15.01
CA LEU B 476 -19.69 -1.56 -15.55
C LEU B 476 -20.03 -0.07 -15.49
N SER B 477 -19.82 0.54 -14.32
CA SER B 477 -20.19 1.92 -14.11
C SER B 477 -18.97 2.75 -13.78
N LYS B 478 -19.14 4.06 -13.75
CA LYS B 478 -18.21 4.99 -13.14
C LYS B 478 -16.83 4.97 -13.78
N CYS B 479 -16.62 4.17 -14.81
CA CYS B 479 -15.32 4.05 -15.46
C CYS B 479 -15.36 4.67 -16.85
N GLN B 480 -14.29 5.39 -17.19
CA GLN B 480 -14.22 6.17 -18.42
C GLN B 480 -14.16 5.23 -19.62
N LEU B 481 -15.22 5.20 -20.42
CA LEU B 481 -15.26 4.46 -21.67
C LEU B 481 -15.69 5.40 -22.78
N GLU B 482 -14.76 5.72 -23.68
CA GLU B 482 -15.01 6.68 -24.75
C GLU B 482 -15.59 6.05 -26.00
N GLN B 483 -15.69 4.73 -26.06
CA GLN B 483 -16.44 4.05 -27.10
C GLN B 483 -16.65 2.61 -26.67
N ILE B 484 -17.17 1.79 -27.57
CA ILE B 484 -17.44 0.39 -27.30
C ILE B 484 -17.09 -0.40 -28.55
N SER B 485 -16.31 -1.45 -28.39
CA SER B 485 -15.94 -2.23 -29.56
C SER B 485 -17.13 -3.07 -30.02
N TRP B 486 -17.03 -3.57 -31.24
CA TRP B 486 -18.08 -4.37 -31.83
C TRP B 486 -17.90 -5.84 -31.45
N GLY B 487 -18.92 -6.42 -30.82
CA GLY B 487 -18.90 -7.81 -30.47
C GLY B 487 -19.00 -8.13 -28.98
N VAL B 488 -19.07 -7.12 -28.12
CA VAL B 488 -19.29 -7.38 -26.70
C VAL B 488 -20.73 -7.84 -26.48
N PHE B 489 -20.97 -8.43 -25.30
CA PHE B 489 -22.30 -8.90 -24.92
C PHE B 489 -22.83 -9.96 -25.88
N ASP B 490 -21.94 -10.71 -26.52
CA ASP B 490 -22.36 -11.67 -27.53
C ASP B 490 -23.25 -12.75 -26.93
N THR B 491 -22.86 -13.32 -25.79
CA THR B 491 -23.58 -14.42 -25.16
C THR B 491 -23.78 -14.11 -23.68
N LEU B 492 -24.87 -13.39 -23.37
CA LEU B 492 -25.32 -13.18 -22.01
C LEU B 492 -26.81 -13.50 -21.91
N HIS B 493 -27.17 -14.70 -22.38
CA HIS B 493 -28.57 -15.14 -22.46
C HIS B 493 -29.39 -14.78 -21.24
N ARG B 494 -28.80 -14.87 -20.05
CA ARG B 494 -29.51 -14.58 -18.80
C ARG B 494 -28.82 -13.39 -18.13
N LEU B 495 -29.23 -12.18 -18.49
CA LEU B 495 -28.67 -10.98 -17.88
C LEU B 495 -29.81 -10.00 -17.63
N GLN B 496 -30.18 -9.82 -16.37
CA GLN B 496 -31.39 -9.09 -16.03
C GLN B 496 -31.13 -7.70 -15.45
N LEU B 497 -29.94 -7.14 -15.67
CA LEU B 497 -29.64 -5.78 -15.26
C LEU B 497 -28.31 -5.39 -15.89
N LEU B 498 -28.19 -4.10 -16.25
CA LEU B 498 -26.93 -3.65 -16.87
C LEU B 498 -26.75 -2.17 -16.57
N ASN B 499 -26.01 -1.89 -15.50
CA ASN B 499 -25.74 -0.52 -15.10
C ASN B 499 -24.55 0.03 -15.88
N MET B 500 -24.77 1.14 -16.61
CA MET B 500 -23.70 1.84 -17.31
C MET B 500 -23.93 3.33 -17.27
N SER B 501 -23.27 4.06 -16.38
CA SER B 501 -23.52 5.48 -16.25
C SER B 501 -22.25 6.20 -15.81
N HIS B 502 -22.29 7.52 -15.88
CA HIS B 502 -21.23 8.41 -15.43
C HIS B 502 -19.94 8.18 -16.22
N ASN B 503 -20.09 8.03 -17.53
CA ASN B 503 -18.96 7.90 -18.43
C ASN B 503 -19.26 8.65 -19.72
N ASN B 504 -18.22 9.12 -20.39
CA ASN B 504 -18.35 9.99 -21.55
C ASN B 504 -18.56 9.14 -22.81
N LEU B 505 -19.71 9.28 -23.45
CA LEU B 505 -20.06 8.46 -24.61
C LEU B 505 -21.00 9.28 -25.51
N LEU B 506 -20.45 9.83 -26.58
CA LEU B 506 -21.18 10.83 -27.36
C LEU B 506 -22.46 10.27 -27.96
N PHE B 507 -22.38 9.11 -28.59
CA PHE B 507 -23.55 8.44 -29.15
C PHE B 507 -23.57 6.99 -28.70
N LEU B 508 -24.73 6.35 -28.88
CA LEU B 508 -24.85 4.92 -28.64
C LEU B 508 -25.47 4.26 -29.85
N ASP B 509 -25.42 2.93 -29.85
CA ASP B 509 -25.82 2.16 -31.02
C ASP B 509 -26.93 1.18 -30.67
N SER B 510 -27.49 0.54 -31.69
CA SER B 510 -28.52 -0.48 -31.47
C SER B 510 -28.06 -1.79 -32.08
N SER B 511 -26.88 -1.79 -32.69
CA SER B 511 -26.29 -3.04 -33.12
C SER B 511 -25.95 -3.92 -31.92
N HIS B 512 -25.60 -3.31 -30.80
CA HIS B 512 -25.47 -4.02 -29.54
C HIS B 512 -26.86 -4.36 -29.01
N TYR B 513 -26.92 -4.88 -27.79
CA TYR B 513 -28.20 -5.13 -27.11
C TYR B 513 -29.11 -6.06 -27.92
N ASN B 514 -28.52 -6.73 -28.90
CA ASN B 514 -29.30 -7.46 -29.89
C ASN B 514 -29.58 -8.91 -29.51
N GLN B 515 -28.84 -9.48 -28.56
CA GLN B 515 -29.02 -10.86 -28.17
C GLN B 515 -29.50 -11.05 -26.74
N LEU B 516 -29.57 -9.99 -25.94
CA LEU B 516 -30.07 -10.11 -24.57
C LEU B 516 -31.53 -10.50 -24.57
N TYR B 517 -31.81 -11.77 -24.28
CA TYR B 517 -33.19 -12.24 -24.31
C TYR B 517 -34.02 -11.60 -23.19
N SER B 518 -33.56 -11.73 -21.96
CA SER B 518 -34.33 -11.31 -20.78
C SER B 518 -33.54 -10.22 -20.06
N LEU B 519 -33.69 -8.97 -20.50
CA LEU B 519 -33.07 -7.82 -19.84
C LEU B 519 -34.20 -6.92 -19.38
N SER B 520 -34.32 -6.74 -18.05
CA SER B 520 -35.44 -5.99 -17.53
C SER B 520 -35.12 -4.50 -17.41
N THR B 521 -34.11 -4.16 -16.63
CA THR B 521 -33.72 -2.78 -16.41
C THR B 521 -32.44 -2.49 -17.19
N LEU B 522 -32.33 -1.25 -17.70
CA LEU B 522 -31.18 -0.83 -18.50
C LEU B 522 -30.96 0.66 -18.26
N ASP B 523 -30.06 0.96 -17.34
CA ASP B 523 -29.70 2.35 -17.08
C ASP B 523 -28.63 2.79 -18.08
N CYS B 524 -28.83 3.97 -18.65
CA CYS B 524 -27.80 4.63 -19.47
C CYS B 524 -28.00 6.12 -19.24
N SER B 525 -27.33 6.67 -18.23
CA SER B 525 -27.58 8.03 -17.81
C SER B 525 -26.26 8.77 -17.62
N PHE B 526 -26.35 10.09 -17.63
CA PHE B 526 -25.19 10.97 -17.40
C PHE B 526 -24.12 10.81 -18.47
N ASN B 527 -24.46 10.24 -19.62
CA ASN B 527 -23.47 9.95 -20.64
C ASN B 527 -23.72 10.64 -21.99
N ARG B 528 -24.38 11.80 -22.00
CA ARG B 528 -24.46 12.72 -23.15
C ARG B 528 -24.61 12.00 -24.49
N ILE B 529 -25.71 11.24 -24.62
CA ILE B 529 -26.03 10.64 -25.91
C ILE B 529 -26.70 11.68 -26.81
N GLU B 530 -26.32 11.66 -28.09
CA GLU B 530 -26.94 12.53 -29.09
C GLU B 530 -28.11 11.85 -29.78
N THR B 531 -27.92 10.62 -30.25
CA THR B 531 -28.97 9.91 -30.96
C THR B 531 -28.55 8.47 -31.18
N SER B 532 -29.55 7.61 -31.39
CA SER B 532 -29.27 6.25 -31.81
C SER B 532 -28.81 6.23 -33.26
N LYS B 533 -28.41 5.07 -33.72
CA LYS B 533 -28.03 4.88 -35.10
C LYS B 533 -28.59 3.61 -35.70
N GLY B 534 -29.01 2.67 -34.88
CA GLY B 534 -29.54 1.41 -35.37
C GLY B 534 -30.92 1.58 -35.96
N ILE B 535 -31.54 0.42 -36.22
CA ILE B 535 -32.88 0.40 -36.81
C ILE B 535 -33.92 0.89 -35.83
N LEU B 536 -33.58 1.02 -34.55
CA LEU B 536 -34.44 1.56 -33.51
C LEU B 536 -35.62 0.63 -33.23
N GLN B 537 -35.70 -0.48 -33.97
CA GLN B 537 -36.70 -1.49 -33.69
C GLN B 537 -36.05 -2.73 -33.11
N HIS B 538 -34.78 -2.96 -33.41
CA HIS B 538 -34.08 -4.17 -32.97
C HIS B 538 -33.62 -4.01 -31.53
N PHE B 539 -34.59 -4.07 -30.62
CA PHE B 539 -34.40 -4.17 -29.18
C PHE B 539 -35.04 -5.49 -28.74
N PRO B 540 -34.84 -5.92 -27.50
CA PRO B 540 -35.57 -7.12 -27.04
C PRO B 540 -36.95 -6.77 -26.52
N LYS B 541 -37.92 -7.65 -26.74
CA LYS B 541 -39.30 -7.33 -26.35
C LYS B 541 -39.47 -7.30 -24.83
N SER B 542 -38.85 -8.24 -24.12
CA SER B 542 -38.99 -8.32 -22.67
C SER B 542 -38.18 -7.23 -22.00
N LEU B 543 -38.59 -5.98 -22.18
CA LEU B 543 -37.82 -4.84 -21.71
C LEU B 543 -38.76 -3.83 -21.08
N ALA B 544 -38.44 -3.38 -19.89
CA ALA B 544 -39.44 -2.66 -19.12
C ALA B 544 -38.97 -1.30 -18.61
N PHE B 545 -37.68 -1.06 -18.53
CA PHE B 545 -37.19 0.17 -17.92
C PHE B 545 -36.06 0.78 -18.72
N PHE B 546 -35.95 2.10 -18.60
CA PHE B 546 -34.88 2.88 -19.20
C PHE B 546 -34.58 4.06 -18.29
N ASN B 547 -33.60 4.87 -18.69
CA ASN B 547 -33.23 6.05 -17.91
C ASN B 547 -32.44 7.06 -18.70
N LEU B 548 -33.10 8.06 -19.26
CA LEU B 548 -32.40 9.02 -20.08
C LEU B 548 -32.45 10.44 -19.52
N THR B 549 -31.96 10.64 -18.30
CA THR B 549 -31.85 12.00 -17.80
C THR B 549 -30.43 12.51 -17.98
N ASN B 550 -30.30 13.84 -18.14
CA ASN B 550 -29.01 14.50 -18.30
C ASN B 550 -28.29 14.02 -19.56
N ASN B 551 -28.94 14.21 -20.70
CA ASN B 551 -28.37 13.87 -21.99
C ASN B 551 -28.51 15.06 -22.94
N SER B 552 -27.46 15.30 -23.73
CA SER B 552 -27.44 16.39 -24.70
C SER B 552 -27.97 15.86 -26.03
N VAL B 553 -29.19 16.26 -26.37
CA VAL B 553 -29.89 15.73 -27.55
C VAL B 553 -29.85 16.77 -28.66
N ALA B 554 -29.38 16.36 -29.84
CA ALA B 554 -29.36 17.22 -31.00
C ALA B 554 -30.79 17.55 -31.42
N CYS B 555 -31.13 18.84 -31.37
CA CYS B 555 -32.50 19.30 -31.52
C CYS B 555 -32.70 20.19 -32.73
N ILE B 556 -31.85 20.08 -33.75
CA ILE B 556 -31.93 20.93 -34.94
C ILE B 556 -32.24 20.04 -36.13
N CYS B 557 -33.52 19.91 -36.46
CA CYS B 557 -34.03 19.44 -37.75
C CYS B 557 -33.18 18.31 -38.34
N GLU B 558 -33.04 17.25 -37.56
CA GLU B 558 -32.26 16.11 -38.00
C GLU B 558 -32.65 14.90 -37.18
N HIS B 559 -32.39 13.72 -37.76
CA HIS B 559 -32.73 12.43 -37.17
C HIS B 559 -34.09 12.48 -36.49
N GLN B 560 -35.09 12.96 -37.22
CA GLN B 560 -36.42 13.13 -36.66
C GLN B 560 -37.11 11.81 -36.36
N LYS B 561 -36.66 10.71 -36.97
CA LYS B 561 -37.22 9.41 -36.65
C LYS B 561 -37.03 9.08 -35.18
N PHE B 562 -35.80 9.26 -34.67
CA PHE B 562 -35.57 9.11 -33.25
C PHE B 562 -36.34 10.17 -32.46
N LEU B 563 -36.40 11.39 -32.99
CA LEU B 563 -37.04 12.49 -32.27
C LEU B 563 -38.54 12.25 -32.12
N GLN B 564 -39.09 11.34 -32.92
CA GLN B 564 -40.50 10.99 -32.75
C GLN B 564 -40.65 9.67 -31.99
N TRP B 565 -39.70 8.75 -32.13
CA TRP B 565 -39.77 7.51 -31.37
C TRP B 565 -39.64 7.79 -29.87
N VAL B 566 -38.88 8.82 -29.51
CA VAL B 566 -38.84 9.24 -28.11
C VAL B 566 -40.19 9.81 -27.68
N LYS B 567 -40.90 10.49 -28.58
CA LYS B 567 -42.14 11.16 -28.27
C LYS B 567 -43.35 10.25 -28.41
N GLU B 568 -43.12 8.95 -28.59
CA GLU B 568 -44.23 8.00 -28.72
C GLU B 568 -44.31 7.08 -27.49
N GLN B 569 -43.21 6.42 -27.16
CA GLN B 569 -43.18 5.48 -26.04
C GLN B 569 -42.64 6.17 -24.78
N LYS B 570 -43.47 7.05 -24.23
CA LYS B 570 -43.11 7.74 -23.00
C LYS B 570 -43.46 6.91 -21.78
N GLN B 571 -44.00 5.70 -21.99
CA GLN B 571 -44.34 4.84 -20.86
C GLN B 571 -43.10 4.16 -20.28
N PHE B 572 -42.20 3.69 -21.15
CA PHE B 572 -41.06 2.92 -20.68
C PHE B 572 -39.98 3.83 -20.11
N LEU B 573 -39.83 5.03 -20.64
CA LEU B 573 -38.88 5.97 -20.09
C LEU B 573 -39.36 6.49 -18.74
N VAL B 574 -38.59 7.41 -18.17
CA VAL B 574 -38.94 8.06 -16.92
C VAL B 574 -38.78 9.56 -17.09
N ASN B 575 -39.63 10.33 -16.42
CA ASN B 575 -39.58 11.80 -16.44
C ASN B 575 -39.59 12.34 -17.87
N VAL B 576 -40.42 11.73 -18.71
CA VAL B 576 -40.48 12.09 -20.13
C VAL B 576 -40.87 13.54 -20.28
N GLU B 577 -41.50 14.10 -19.24
CA GLU B 577 -41.88 15.51 -19.23
C GLU B 577 -40.75 16.42 -18.79
N GLN B 578 -39.52 15.90 -18.69
CA GLN B 578 -38.43 16.69 -18.16
C GLN B 578 -37.25 16.82 -19.11
N MET B 579 -37.34 16.31 -20.33
CA MET B 579 -36.23 16.41 -21.25
C MET B 579 -36.21 17.78 -21.94
N THR B 580 -35.00 18.31 -22.11
CA THR B 580 -34.77 19.52 -22.89
C THR B 580 -33.91 19.13 -24.08
N CYS B 581 -33.58 20.13 -24.90
CA CYS B 581 -32.76 19.90 -26.08
C CYS B 581 -31.79 21.06 -26.28
N ALA B 582 -30.61 20.72 -26.81
CA ALA B 582 -29.44 21.62 -26.83
C ALA B 582 -29.31 22.19 -28.24
N THR B 583 -29.68 23.45 -28.39
CA THR B 583 -29.78 24.10 -29.68
C THR B 583 -29.02 25.43 -29.70
N PRO B 584 -28.89 26.07 -30.86
CA PRO B 584 -28.50 27.49 -30.87
C PRO B 584 -29.43 28.36 -30.04
N VAL B 585 -30.64 27.88 -29.79
CA VAL B 585 -31.58 28.54 -28.88
C VAL B 585 -31.48 27.80 -27.54
N GLU B 586 -30.78 28.39 -26.58
CA GLU B 586 -30.53 27.79 -25.29
C GLU B 586 -31.48 28.34 -24.24
N MET B 587 -31.37 27.77 -23.03
CA MET B 587 -32.12 28.23 -21.86
C MET B 587 -33.63 28.20 -22.10
N ASN B 588 -34.11 27.10 -22.68
CA ASN B 588 -35.52 26.92 -22.99
C ASN B 588 -35.85 25.44 -23.02
N THR B 589 -36.80 25.03 -22.19
CA THR B 589 -37.22 23.64 -22.14
C THR B 589 -38.15 23.33 -23.32
N SER B 590 -37.66 23.57 -24.53
CA SER B 590 -38.45 23.43 -25.73
C SER B 590 -38.63 21.96 -26.08
N LEU B 591 -39.83 21.45 -25.83
CA LEU B 591 -40.20 20.10 -26.24
C LEU B 591 -41.44 20.19 -27.12
N VAL B 592 -41.39 21.09 -28.11
CA VAL B 592 -42.47 21.23 -29.08
C VAL B 592 -42.36 20.18 -30.18
N LEU B 593 -41.26 20.20 -30.92
CA LEU B 593 -40.99 19.25 -32.01
C LEU B 593 -42.16 19.17 -33.00
N ASP B 594 -42.37 20.28 -33.70
CA ASP B 594 -43.44 20.37 -34.70
C ASP B 594 -42.92 19.86 -36.04
N PHE B 595 -43.02 18.55 -36.22
CA PHE B 595 -42.60 17.90 -37.44
C PHE B 595 -43.43 16.67 -37.74
N GLN C 3 15.74 -24.31 -35.97
CA GLN C 3 15.70 -25.70 -36.42
C GLN C 3 16.96 -26.43 -36.04
N GLN C 4 17.78 -25.79 -35.19
CA GLN C 4 19.04 -26.38 -34.78
C GLN C 4 18.82 -27.43 -33.69
N TRP C 5 18.24 -27.03 -32.57
CA TRP C 5 18.14 -27.88 -31.39
C TRP C 5 16.71 -27.98 -30.93
N PHE C 6 16.36 -29.15 -30.41
CA PHE C 6 15.03 -29.38 -29.85
C PHE C 6 15.07 -30.63 -28.99
N CYS C 7 14.44 -30.54 -27.82
CA CYS C 7 14.40 -31.66 -26.88
C CYS C 7 12.96 -32.08 -26.67
N ASN C 8 12.74 -33.38 -26.47
CA ASN C 8 11.41 -33.93 -26.24
C ASN C 8 11.31 -34.41 -24.80
N SER C 9 10.40 -33.82 -24.03
CA SER C 9 10.13 -34.22 -22.66
C SER C 9 8.75 -34.88 -22.59
N SER C 10 8.32 -35.18 -21.37
CA SER C 10 7.03 -35.86 -21.20
C SER C 10 5.87 -34.93 -21.53
N ASP C 11 5.91 -33.69 -21.05
CA ASP C 11 4.81 -32.76 -21.28
C ASP C 11 5.29 -31.43 -21.87
N ALA C 12 6.17 -31.49 -22.87
CA ALA C 12 6.70 -30.26 -23.45
C ALA C 12 7.31 -30.60 -24.81
N ILE C 13 7.17 -29.68 -25.76
CA ILE C 13 7.93 -29.69 -27.00
C ILE C 13 8.52 -28.32 -27.19
N ILE C 14 9.85 -28.23 -27.25
CA ILE C 14 10.56 -26.96 -27.30
C ILE C 14 11.46 -26.93 -28.52
N SER C 15 11.59 -25.76 -29.14
CA SER C 15 12.44 -25.57 -30.29
C SER C 15 12.77 -24.09 -30.43
N TYR C 16 13.87 -23.81 -31.12
CA TYR C 16 14.27 -22.44 -31.38
C TYR C 16 14.95 -22.35 -32.74
N SER C 17 15.05 -21.13 -33.24
CA SER C 17 15.68 -20.88 -34.53
C SER C 17 16.07 -19.41 -34.60
N TYR C 18 16.95 -19.12 -35.55
CA TYR C 18 17.48 -17.78 -35.69
C TYR C 18 16.36 -16.81 -36.05
N CYS C 19 16.65 -15.52 -35.89
CA CYS C 19 15.70 -14.46 -36.17
C CYS C 19 15.72 -14.21 -37.68
N ASP C 20 14.96 -13.21 -38.15
CA ASP C 20 14.95 -12.90 -39.57
C ASP C 20 15.72 -11.67 -40.03
N HIS C 21 16.13 -10.79 -39.12
CA HIS C 21 16.90 -9.62 -39.49
C HIS C 21 18.22 -9.54 -38.71
N LEU C 22 18.66 -10.67 -38.17
CA LEU C 22 19.94 -10.77 -37.46
C LEU C 22 20.43 -12.20 -37.45
N LYS C 23 21.69 -12.43 -37.81
CA LYS C 23 22.25 -13.79 -37.86
C LYS C 23 23.66 -13.78 -37.27
N PHE C 24 23.74 -14.00 -35.97
CA PHE C 24 25.01 -14.21 -35.27
C PHE C 24 24.93 -15.55 -34.55
N PRO C 25 25.93 -16.43 -34.66
CA PRO C 25 25.77 -17.78 -34.13
C PRO C 25 25.90 -17.84 -32.61
N ILE C 26 25.15 -18.76 -31.99
CA ILE C 26 25.22 -19.07 -30.57
C ILE C 26 25.08 -20.58 -30.43
N SER C 27 25.67 -21.14 -29.37
CA SER C 27 25.42 -22.55 -29.04
C SER C 27 24.89 -22.63 -27.61
N ILE C 28 23.67 -23.16 -27.48
CA ILE C 28 22.98 -23.22 -26.19
C ILE C 28 22.14 -24.49 -26.14
N SER C 29 21.95 -25.01 -24.93
CA SER C 29 21.14 -26.20 -24.67
C SER C 29 21.09 -26.37 -23.15
N SER C 30 20.26 -27.32 -22.70
CA SER C 30 20.13 -27.57 -21.28
C SER C 30 20.01 -29.07 -21.03
N GLU C 31 20.08 -29.45 -19.76
CA GLU C 31 20.13 -30.85 -19.34
C GLU C 31 19.45 -31.03 -17.99
N PRO C 32 18.39 -31.84 -17.91
CA PRO C 32 17.79 -32.58 -19.03
C PRO C 32 16.65 -31.80 -19.68
N CYS C 33 15.94 -32.43 -20.61
CA CYS C 33 14.79 -31.76 -21.24
C CYS C 33 13.75 -31.44 -20.18
N ILE C 34 13.54 -30.15 -19.91
CA ILE C 34 12.79 -29.75 -18.72
C ILE C 34 11.36 -30.23 -18.81
N ARG C 35 10.70 -30.27 -17.67
CA ARG C 35 9.29 -30.63 -17.56
C ARG C 35 8.54 -29.47 -16.90
N LEU C 36 7.24 -29.39 -17.16
CA LEU C 36 6.48 -28.20 -16.81
C LEU C 36 6.08 -28.15 -15.35
N ARG C 37 6.74 -28.95 -14.52
CA ARG C 37 6.68 -28.84 -13.07
C ARG C 37 8.11 -28.77 -12.56
N GLY C 38 8.26 -28.91 -11.24
CA GLY C 38 9.56 -28.85 -10.62
C GLY C 38 10.63 -29.68 -11.28
N THR C 39 11.69 -29.03 -11.74
CA THR C 39 12.85 -29.71 -12.32
C THR C 39 14.13 -29.05 -11.81
N ASN C 40 15.21 -29.83 -11.76
CA ASN C 40 16.54 -29.34 -11.43
C ASN C 40 17.50 -29.75 -12.53
N GLY C 41 18.47 -28.89 -12.84
CA GLY C 41 19.42 -29.26 -13.88
C GLY C 41 20.35 -28.13 -14.23
N PHE C 42 20.92 -28.23 -15.43
CA PHE C 42 21.96 -27.33 -15.92
C PHE C 42 21.61 -26.81 -17.30
N VAL C 43 22.37 -25.82 -17.73
CA VAL C 43 22.26 -25.23 -19.06
C VAL C 43 23.64 -24.78 -19.53
N HIS C 44 24.05 -25.24 -20.70
CA HIS C 44 25.36 -24.95 -21.25
C HIS C 44 25.29 -23.77 -22.21
N VAL C 45 26.41 -23.03 -22.30
CA VAL C 45 26.48 -21.84 -23.14
C VAL C 45 27.88 -21.76 -23.72
N GLU C 46 27.96 -21.53 -25.04
CA GLU C 46 29.24 -21.23 -25.66
C GLU C 46 29.04 -20.36 -26.89
N PHE C 47 29.77 -19.25 -26.97
CA PHE C 47 29.68 -18.33 -28.10
C PHE C 47 30.82 -17.32 -28.02
N ILE C 48 30.78 -16.30 -28.88
CA ILE C 48 31.78 -15.25 -28.98
C ILE C 48 31.06 -13.91 -28.86
N PRO C 49 31.41 -13.07 -27.89
CA PRO C 49 30.57 -11.94 -27.51
C PRO C 49 30.09 -10.99 -28.59
N ARG C 50 30.98 -10.31 -29.32
CA ARG C 50 30.68 -9.18 -30.22
C ARG C 50 30.20 -7.97 -29.43
N GLY C 51 30.10 -8.07 -28.11
CA GLY C 51 29.76 -6.94 -27.26
C GLY C 51 30.39 -7.16 -25.91
N ASN C 52 30.36 -6.12 -25.08
CA ASN C 52 31.11 -6.17 -23.83
C ASN C 52 30.43 -7.06 -22.78
N LEU C 53 29.17 -7.40 -22.99
CA LEU C 53 28.41 -8.26 -22.08
C LEU C 53 28.42 -7.78 -20.64
N LYS C 54 28.76 -6.53 -20.38
CA LYS C 54 28.80 -6.06 -19.01
C LYS C 54 27.41 -5.67 -18.51
N TYR C 55 26.62 -5.01 -19.35
CA TYR C 55 25.22 -4.69 -19.05
C TYR C 55 24.37 -5.45 -20.07
N LEU C 56 24.07 -6.71 -19.78
CA LEU C 56 23.33 -7.57 -20.68
C LEU C 56 21.94 -7.80 -20.12
N TYR C 57 20.92 -7.68 -20.97
CA TYR C 57 19.59 -8.10 -20.52
C TYR C 57 18.79 -8.57 -21.73
N PHE C 58 17.53 -8.90 -21.47
CA PHE C 58 16.67 -9.52 -22.46
C PHE C 58 15.43 -8.67 -22.70
N ASN C 59 14.79 -8.93 -23.84
CA ASN C 59 13.42 -8.53 -24.10
C ASN C 59 12.65 -9.74 -24.59
N LEU C 60 11.51 -10.00 -23.96
CA LEU C 60 10.67 -11.14 -24.27
C LEU C 60 9.28 -10.66 -24.66
N PHE C 61 8.85 -11.05 -25.86
CA PHE C 61 7.51 -10.77 -26.35
C PHE C 61 6.75 -12.07 -26.41
N ILE C 62 5.69 -12.18 -25.61
CA ILE C 62 5.02 -13.44 -25.32
C ILE C 62 3.63 -13.42 -25.92
N SER C 63 3.18 -14.59 -26.37
CA SER C 63 1.87 -14.76 -26.99
C SER C 63 1.31 -16.09 -26.52
N VAL C 64 0.23 -16.04 -25.73
CA VAL C 64 -0.38 -17.23 -25.15
C VAL C 64 -1.62 -17.55 -25.99
N ASN C 65 -1.46 -18.50 -26.91
CA ASN C 65 -2.54 -18.95 -27.78
C ASN C 65 -3.24 -17.79 -28.48
N SER C 66 -2.46 -17.05 -29.26
CA SER C 66 -2.87 -15.97 -30.15
C SER C 66 -3.28 -14.72 -29.39
N ILE C 67 -3.30 -14.73 -28.06
CA ILE C 67 -3.60 -13.54 -27.27
C ILE C 67 -2.29 -12.96 -26.79
N GLU C 68 -2.07 -11.69 -27.06
CA GLU C 68 -0.86 -11.04 -26.62
C GLU C 68 -0.89 -10.79 -25.12
N LEU C 69 0.28 -10.53 -24.57
CA LEU C 69 0.46 -10.12 -23.19
C LEU C 69 1.27 -8.83 -23.22
N PRO C 70 1.52 -8.19 -22.09
CA PRO C 70 2.54 -7.14 -22.08
C PRO C 70 3.92 -7.71 -22.32
N LYS C 71 4.95 -6.88 -22.33
CA LYS C 71 6.31 -7.32 -22.63
C LYS C 71 7.14 -7.42 -21.34
N ARG C 72 8.09 -8.34 -21.33
CA ARG C 72 8.89 -8.64 -20.15
C ARG C 72 10.33 -8.23 -20.36
N LYS C 73 10.92 -7.63 -19.32
CA LYS C 73 12.32 -7.22 -19.30
C LYS C 73 12.93 -7.63 -17.97
N GLU C 74 13.95 -8.49 -18.02
CA GLU C 74 14.59 -9.02 -16.82
C GLU C 74 16.10 -8.76 -16.88
N VAL C 75 16.58 -7.94 -15.94
CA VAL C 75 18.01 -7.68 -15.85
C VAL C 75 18.74 -8.94 -15.43
N LEU C 76 19.78 -9.29 -16.18
CA LEU C 76 20.55 -10.50 -15.93
C LEU C 76 21.94 -10.27 -15.36
N CYS C 77 22.59 -9.16 -15.70
CA CYS C 77 23.90 -8.84 -15.12
C CYS C 77 23.95 -7.35 -14.84
N HIS C 78 23.72 -6.99 -13.56
CA HIS C 78 23.70 -5.60 -13.13
C HIS C 78 24.93 -4.84 -13.61
N GLY C 79 26.10 -5.49 -13.56
CA GLY C 79 27.33 -4.88 -14.00
C GLY C 79 28.25 -4.40 -12.90
N HIS C 80 28.04 -4.83 -11.65
CA HIS C 80 28.86 -4.39 -10.54
C HIS C 80 28.83 -5.45 -9.44
N ASP C 81 29.94 -6.15 -9.27
CA ASP C 81 30.05 -7.25 -8.31
C ASP C 81 28.96 -8.29 -8.56
N ASP C 82 28.95 -8.81 -9.78
CA ASP C 82 27.86 -9.65 -10.22
C ASP C 82 27.93 -11.02 -9.56
N ASP C 83 27.07 -11.91 -10.02
CA ASP C 83 26.98 -13.27 -9.48
C ASP C 83 27.72 -14.27 -10.34
N TYR C 84 27.57 -14.21 -11.65
CA TYR C 84 28.11 -15.23 -12.53
C TYR C 84 29.52 -14.87 -12.99
N SER C 85 30.16 -15.83 -13.66
CA SER C 85 31.51 -15.64 -14.16
C SER C 85 31.53 -15.18 -15.62
N PHE C 86 30.59 -15.65 -16.44
CA PHE C 86 30.59 -15.32 -17.85
C PHE C 86 30.28 -13.85 -18.12
N CYS C 87 29.76 -13.12 -17.14
CA CYS C 87 29.45 -11.71 -17.33
C CYS C 87 30.64 -10.80 -17.07
N ARG C 88 31.84 -11.32 -17.27
CA ARG C 88 33.06 -10.52 -17.37
C ARG C 88 33.79 -11.06 -18.59
N ALA C 89 33.46 -10.53 -19.77
CA ALA C 89 34.07 -10.97 -21.02
C ALA C 89 34.35 -9.74 -21.87
N LEU C 90 35.04 -9.97 -22.99
CA LEU C 90 35.42 -8.89 -23.89
C LEU C 90 35.23 -9.35 -25.33
N LYS C 91 35.29 -8.38 -26.25
CA LYS C 91 35.01 -8.65 -27.65
C LYS C 91 35.99 -9.67 -28.22
N GLY C 92 35.45 -10.68 -28.90
CA GLY C 92 36.29 -11.68 -29.52
C GLY C 92 36.90 -12.70 -28.58
N GLU C 93 36.49 -12.71 -27.32
CA GLU C 93 37.02 -13.64 -26.32
C GLU C 93 36.02 -14.76 -26.10
N THR C 94 36.43 -15.99 -26.40
CA THR C 94 35.54 -17.14 -26.29
C THR C 94 34.88 -17.19 -24.91
N VAL C 95 33.59 -17.52 -24.89
CA VAL C 95 32.86 -17.65 -23.63
C VAL C 95 32.21 -19.02 -23.59
N ASN C 96 32.41 -19.72 -22.46
CA ASN C 96 31.99 -21.11 -22.30
C ASN C 96 31.68 -21.34 -20.82
N THR C 97 30.47 -21.82 -20.51
CA THR C 97 30.06 -21.96 -19.13
C THR C 97 28.85 -22.88 -19.02
N SER C 98 28.49 -23.21 -17.78
CA SER C 98 27.32 -24.02 -17.45
C SER C 98 26.67 -23.49 -16.18
N ILE C 99 25.34 -23.47 -16.17
CA ILE C 99 24.56 -22.82 -15.10
C ILE C 99 23.54 -23.78 -14.50
N PRO C 100 23.39 -23.81 -13.19
CA PRO C 100 22.36 -24.63 -12.57
C PRO C 100 21.07 -23.86 -12.33
N PHE C 101 19.96 -24.60 -12.32
CA PHE C 101 18.64 -24.00 -12.15
C PHE C 101 17.68 -25.01 -11.55
N SER C 102 16.61 -24.50 -10.96
CA SER C 102 15.56 -25.32 -10.35
C SER C 102 14.31 -24.49 -10.05
N PHE C 103 13.14 -24.95 -10.51
CA PHE C 103 11.88 -24.26 -10.23
C PHE C 103 10.84 -25.29 -9.81
N GLU C 104 9.60 -24.83 -9.60
CA GLU C 104 8.56 -25.64 -8.98
C GLU C 104 7.38 -25.95 -9.90
N GLY C 105 6.72 -24.93 -10.44
CA GLY C 105 5.61 -25.15 -11.34
C GLY C 105 4.31 -24.56 -10.81
N ILE C 106 3.51 -24.05 -11.75
CA ILE C 106 2.19 -23.49 -11.49
C ILE C 106 1.23 -24.21 -12.44
N LEU C 107 -0.04 -23.82 -12.40
CA LEU C 107 -0.99 -24.34 -13.35
C LEU C 107 -0.91 -23.57 -14.65
N PHE C 108 -0.73 -24.28 -15.76
CA PHE C 108 -0.56 -23.67 -17.06
C PHE C 108 -1.66 -24.13 -18.01
N PRO C 109 -2.27 -23.20 -18.72
CA PRO C 109 -3.29 -23.60 -19.71
C PRO C 109 -2.70 -24.47 -20.79
N LYS C 110 -3.53 -25.19 -21.53
CA LYS C 110 -3.07 -26.11 -22.56
C LYS C 110 -3.26 -25.43 -23.91
N GLY C 111 -2.21 -24.76 -24.37
CA GLY C 111 -2.28 -24.07 -25.64
C GLY C 111 -0.94 -23.80 -26.30
N HIS C 112 -0.97 -23.23 -27.49
CA HIS C 112 0.22 -22.95 -28.28
C HIS C 112 0.84 -21.63 -27.82
N TYR C 113 1.97 -21.71 -27.14
CA TYR C 113 2.69 -20.54 -26.67
C TYR C 113 3.65 -20.06 -27.75
N ARG C 114 4.14 -18.84 -27.55
CA ARG C 114 5.25 -18.34 -28.36
C ARG C 114 5.90 -17.19 -27.62
N CYS C 115 7.20 -17.01 -27.86
CA CYS C 115 7.92 -15.90 -27.26
C CYS C 115 9.18 -15.64 -28.07
N VAL C 116 9.41 -14.36 -28.36
CA VAL C 116 10.61 -13.93 -29.06
C VAL C 116 11.52 -13.27 -28.03
N ALA C 117 12.80 -13.61 -28.07
CA ALA C 117 13.77 -13.24 -27.06
C ALA C 117 14.98 -12.60 -27.70
N GLU C 118 15.28 -11.37 -27.29
CA GLU C 118 16.37 -10.61 -27.90
C GLU C 118 17.29 -10.05 -26.82
N ALA C 119 18.59 -10.27 -26.99
CA ALA C 119 19.60 -9.85 -26.04
C ALA C 119 20.08 -8.46 -26.39
N ILE C 120 20.02 -7.56 -25.41
CA ILE C 120 20.40 -6.17 -25.60
C ILE C 120 21.59 -5.86 -24.71
N ALA C 121 22.54 -5.11 -25.27
CA ALA C 121 23.65 -4.56 -24.53
C ALA C 121 23.15 -3.38 -23.70
N GLY C 122 24.06 -2.65 -23.06
CA GLY C 122 23.64 -1.65 -22.11
C GLY C 122 23.63 -0.22 -22.60
N ASP C 123 24.72 0.22 -23.22
CA ASP C 123 24.86 1.63 -23.59
C ASP C 123 25.06 1.80 -25.09
N THR C 124 25.75 0.86 -25.73
CA THR C 124 25.76 0.80 -27.19
C THR C 124 24.60 -0.08 -27.64
N GLU C 125 23.40 0.41 -27.37
CA GLU C 125 22.19 -0.40 -27.52
C GLU C 125 22.14 -1.03 -28.90
N GLU C 126 22.24 -2.35 -28.93
CA GLU C 126 22.18 -3.09 -30.18
C GLU C 126 21.88 -4.54 -29.85
N LYS C 127 21.23 -5.22 -30.77
CA LYS C 127 20.76 -6.58 -30.53
C LYS C 127 21.92 -7.54 -30.78
N LEU C 128 22.40 -8.18 -29.72
CA LEU C 128 23.50 -9.13 -29.87
C LEU C 128 23.04 -10.38 -30.59
N PHE C 129 21.80 -10.79 -30.40
CA PHE C 129 21.23 -11.89 -31.17
C PHE C 129 19.72 -11.92 -30.95
N CYS C 130 19.03 -12.67 -31.81
CA CYS C 130 17.59 -12.80 -31.77
C CYS C 130 17.23 -14.26 -32.00
N LEU C 131 16.13 -14.70 -31.36
CA LEU C 131 15.73 -16.10 -31.43
C LEU C 131 14.22 -16.22 -31.35
N ASN C 132 13.67 -17.22 -32.05
CA ASN C 132 12.27 -17.61 -31.94
C ASN C 132 12.12 -18.87 -31.10
N PHE C 133 11.47 -18.74 -29.95
CA PHE C 133 11.20 -19.88 -29.06
C PHE C 133 9.77 -20.34 -29.25
N THR C 134 9.59 -21.63 -29.49
CA THR C 134 8.26 -22.21 -29.71
C THR C 134 8.02 -23.34 -28.72
N ILE C 135 7.03 -23.15 -27.85
CA ILE C 135 6.70 -24.09 -26.78
C ILE C 135 5.33 -24.68 -27.06
N ILE C 136 5.20 -25.99 -26.84
CA ILE C 136 3.90 -26.66 -26.86
C ILE C 136 3.78 -27.43 -25.57
N HIS C 137 2.71 -27.17 -24.81
CA HIS C 137 2.57 -27.69 -23.45
C HIS C 137 1.93 -29.08 -23.45
N ARG C 138 0.87 -29.26 -24.24
CA ARG C 138 0.15 -30.52 -24.31
C ARG C 138 -0.40 -30.95 -22.95
N GLN D 3 -20.23 30.15 27.64
CA GLN D 3 -19.80 31.05 28.69
C GLN D 3 -20.04 30.42 30.05
N GLN D 4 -20.35 29.12 30.04
CA GLN D 4 -20.62 28.41 31.29
C GLN D 4 -19.33 28.04 32.00
N TRP D 5 -18.47 27.27 31.34
CA TRP D 5 -17.31 26.69 31.98
C TRP D 5 -16.05 27.04 31.19
N PHE D 6 -14.96 27.22 31.92
CA PHE D 6 -13.66 27.50 31.31
C PHE D 6 -12.57 27.24 32.33
N CYS D 7 -11.50 26.58 31.90
CA CYS D 7 -10.38 26.26 32.77
C CYS D 7 -9.13 26.93 32.24
N ASN D 8 -8.25 27.35 33.14
CA ASN D 8 -7.00 28.01 32.77
C ASN D 8 -5.83 27.08 33.12
N SER D 9 -5.08 26.68 32.10
CA SER D 9 -3.89 25.86 32.28
C SER D 9 -2.65 26.70 31.97
N SER D 10 -1.48 26.05 31.96
CA SER D 10 -0.24 26.77 31.72
C SER D 10 -0.15 27.24 30.27
N ASP D 11 -0.47 26.38 29.31
CA ASP D 11 -0.35 26.74 27.90
C ASP D 11 -1.65 26.49 27.14
N ALA D 12 -2.78 26.89 27.70
CA ALA D 12 -4.06 26.65 27.04
C ALA D 12 -5.11 27.57 27.66
N ILE D 13 -6.03 28.06 26.83
CA ILE D 13 -7.26 28.69 27.29
C ILE D 13 -8.41 28.05 26.54
N ILE D 14 -9.33 27.44 27.29
CA ILE D 14 -10.42 26.67 26.70
C ILE D 14 -11.75 27.20 27.22
N SER D 15 -12.76 27.20 26.35
CA SER D 15 -14.10 27.65 26.70
C SER D 15 -15.09 27.06 25.72
N TYR D 16 -16.34 26.98 26.15
CA TYR D 16 -17.42 26.48 25.31
C TYR D 16 -18.70 27.22 25.63
N SER D 17 -19.66 27.12 24.71
CA SER D 17 -20.96 27.76 24.88
C SER D 17 -21.95 27.09 23.95
N TYR D 18 -23.23 27.32 24.23
CA TYR D 18 -24.29 26.68 23.48
C TYR D 18 -24.26 27.14 22.04
N CYS D 19 -24.96 26.39 21.19
CA CYS D 19 -25.03 26.68 19.76
C CYS D 19 -26.07 27.78 19.56
N ASP D 20 -26.34 28.14 18.30
CA ASP D 20 -27.33 29.17 18.02
C ASP D 20 -28.69 28.72 17.52
N HIS D 21 -28.83 27.47 17.08
CA HIS D 21 -30.11 26.96 16.61
C HIS D 21 -30.52 25.69 17.35
N LEU D 22 -29.94 25.46 18.52
CA LEU D 22 -30.28 24.33 19.38
C LEU D 22 -29.91 24.63 20.82
N LYS D 23 -30.82 24.40 21.76
CA LYS D 23 -30.56 24.68 23.18
C LYS D 23 -31.11 23.54 24.03
N PHE D 24 -30.27 22.53 24.26
CA PHE D 24 -30.56 21.46 25.22
C PHE D 24 -29.43 21.43 26.25
N PRO D 25 -29.72 21.36 27.54
CA PRO D 25 -28.65 21.51 28.53
C PRO D 25 -27.80 20.26 28.67
N ILE D 26 -26.51 20.47 28.95
CA ILE D 26 -25.55 19.41 29.27
C ILE D 26 -24.66 19.92 30.38
N SER D 27 -24.13 19.01 31.21
CA SER D 27 -23.09 19.39 32.16
C SER D 27 -21.85 18.53 31.93
N ILE D 28 -20.74 19.19 31.61
CA ILE D 28 -19.49 18.51 31.27
C ILE D 28 -18.32 19.35 31.76
N SER D 29 -17.22 18.67 32.07
CA SER D 29 -15.98 19.28 32.54
C SER D 29 -14.95 18.16 32.66
N SER D 30 -13.70 18.54 32.92
CA SER D 30 -12.63 17.56 33.05
C SER D 30 -11.69 17.97 34.18
N GLU D 31 -10.79 17.06 34.54
CA GLU D 31 -9.90 17.23 35.68
C GLU D 31 -8.57 16.53 35.43
N PRO D 32 -7.45 17.28 35.44
CA PRO D 32 -7.39 18.72 35.65
C PRO D 32 -7.43 19.49 34.34
N CYS D 33 -7.22 20.81 34.38
CA CYS D 33 -7.19 21.60 33.15
C CYS D 33 -6.04 21.14 32.29
N ILE D 34 -6.36 20.54 31.13
CA ILE D 34 -5.36 19.80 30.38
C ILE D 34 -4.26 20.74 29.89
N ARG D 35 -3.13 20.14 29.54
CA ARG D 35 -1.99 20.85 28.96
C ARG D 35 -1.68 20.25 27.60
N LEU D 36 -1.04 21.04 26.74
CA LEU D 36 -0.91 20.69 25.33
C LEU D 36 0.20 19.68 25.07
N ARG D 37 0.66 19.01 26.13
CA ARG D 37 1.51 17.84 26.02
C ARG D 37 0.88 16.72 26.83
N GLY D 38 1.64 15.65 27.05
CA GLY D 38 1.15 14.51 27.79
C GLY D 38 0.47 14.85 29.11
N THR D 39 -0.81 14.47 29.22
CA THR D 39 -1.56 14.63 30.45
C THR D 39 -2.39 13.38 30.71
N ASN D 40 -2.68 13.12 31.98
CA ASN D 40 -3.56 12.04 32.40
C ASN D 40 -4.65 12.62 33.30
N GLY D 41 -5.86 12.10 33.19
CA GLY D 41 -6.91 12.61 34.05
C GLY D 41 -8.27 12.03 33.71
N PHE D 42 -9.31 12.76 34.11
CA PHE D 42 -10.69 12.32 34.04
C PHE D 42 -11.55 13.40 33.40
N VAL D 43 -12.78 13.01 33.06
CA VAL D 43 -13.78 13.91 32.50
C VAL D 43 -15.16 13.46 32.97
N HIS D 44 -15.90 14.37 33.58
CA HIS D 44 -17.22 14.09 34.14
C HIS D 44 -18.32 14.44 33.14
N VAL D 45 -19.43 13.72 33.23
CA VAL D 45 -20.56 13.90 32.32
C VAL D 45 -21.85 13.69 33.10
N GLU D 46 -22.79 14.61 32.95
CA GLU D 46 -24.14 14.39 33.48
C GLU D 46 -25.15 15.15 32.64
N PHE D 47 -26.20 14.45 32.21
CA PHE D 47 -27.27 15.05 31.40
C PHE D 47 -28.44 14.06 31.29
N ILE D 48 -29.41 14.41 30.45
CA ILE D 48 -30.61 13.62 30.22
C ILE D 48 -30.72 13.37 28.71
N PRO D 49 -30.77 12.12 28.28
CA PRO D 49 -30.55 11.78 26.86
C PRO D 49 -31.34 12.53 25.80
N ARG D 50 -32.67 12.43 25.80
CA ARG D 50 -33.55 12.88 24.71
C ARG D 50 -33.36 12.02 23.47
N GLY D 51 -32.45 11.05 23.50
CA GLY D 51 -32.26 10.11 22.41
C GLY D 51 -31.75 8.82 22.98
N ASN D 52 -31.72 7.78 22.13
CA ASN D 52 -31.43 6.45 22.64
C ASN D 52 -29.94 6.26 22.95
N LEU D 53 -29.09 7.15 22.46
CA LEU D 53 -27.64 7.10 22.69
C LEU D 53 -27.02 5.77 22.33
N LYS D 54 -27.69 4.94 21.54
CA LYS D 54 -27.10 3.65 21.21
C LYS D 54 -26.09 3.77 20.08
N TYR D 55 -26.41 4.57 19.06
CA TYR D 55 -25.49 4.87 17.95
C TYR D 55 -25.20 6.37 18.03
N LEU D 56 -24.24 6.74 18.86
CA LEU D 56 -23.89 8.13 19.08
C LEU D 56 -22.55 8.43 18.43
N TYR D 57 -22.46 9.54 17.71
CA TYR D 57 -21.14 9.97 17.24
C TYR D 57 -21.12 11.50 17.12
N PHE D 58 -20.02 12.01 16.62
CA PHE D 58 -19.77 13.44 16.58
C PHE D 58 -19.52 13.90 15.16
N ASN D 59 -19.67 15.21 14.96
CA ASN D 59 -19.14 15.91 13.81
C ASN D 59 -18.36 17.11 14.31
N LEU D 60 -17.13 17.24 13.82
CA LEU D 60 -16.23 18.31 14.22
C LEU D 60 -15.81 19.11 12.99
N PHE D 61 -16.07 20.41 13.03
CA PHE D 61 -15.65 21.33 11.98
C PHE D 61 -14.57 22.23 12.56
N ILE D 62 -13.36 22.13 12.01
CA ILE D 62 -12.16 22.68 12.62
C ILE D 62 -11.63 23.81 11.75
N SER D 63 -11.05 24.82 12.40
CA SER D 63 -10.51 26.00 11.74
C SER D 63 -9.23 26.39 12.46
N VAL D 64 -8.09 26.24 11.77
CA VAL D 64 -6.78 26.51 12.36
C VAL D 64 -6.34 27.88 11.85
N ASN D 65 -6.55 28.90 12.70
CA ASN D 65 -6.15 30.27 12.40
C ASN D 65 -6.69 30.73 11.05
N SER D 66 -8.01 30.72 10.92
CA SER D 66 -8.79 31.21 9.79
C SER D 66 -8.68 30.33 8.56
N ILE D 67 -7.85 29.29 8.56
CA ILE D 67 -7.75 28.36 7.45
C ILE D 67 -8.59 27.14 7.79
N GLU D 68 -9.50 26.78 6.90
CA GLU D 68 -10.32 25.61 7.13
C GLU D 68 -9.51 24.33 6.93
N LEU D 69 -10.07 23.24 7.43
CA LEU D 69 -9.54 21.90 7.24
C LEU D 69 -10.69 21.07 6.70
N PRO D 70 -10.48 19.81 6.35
CA PRO D 70 -11.63 18.93 6.13
C PRO D 70 -12.38 18.67 7.43
N LYS D 71 -13.45 17.88 7.39
CA LYS D 71 -14.28 17.65 8.55
C LYS D 71 -13.99 16.27 9.14
N ARG D 72 -14.16 16.15 10.46
CA ARG D 72 -13.82 14.94 11.20
C ARG D 72 -15.06 14.26 11.75
N LYS D 73 -15.10 12.94 11.62
CA LYS D 73 -16.18 12.11 12.15
C LYS D 73 -15.57 10.91 12.86
N GLU D 74 -15.84 10.79 14.17
CA GLU D 74 -15.28 9.72 14.99
C GLU D 74 -16.40 8.95 15.69
N VAL D 75 -16.54 7.67 15.35
CA VAL D 75 -17.53 6.82 16.01
C VAL D 75 -17.14 6.61 17.46
N LEU D 76 -18.09 6.85 18.36
CA LEU D 76 -17.84 6.74 19.79
C LEU D 76 -18.51 5.55 20.44
N CYS D 77 -19.66 5.09 19.96
CA CYS D 77 -20.30 3.89 20.51
C CYS D 77 -20.87 3.09 19.35
N HIS D 78 -20.13 2.05 18.95
CA HIS D 78 -20.52 1.19 17.83
C HIS D 78 -21.95 0.71 17.97
N GLY D 79 -22.37 0.36 19.18
CA GLY D 79 -23.72 -0.10 19.43
C GLY D 79 -23.87 -1.59 19.62
N HIS D 80 -22.79 -2.33 19.87
CA HIS D 80 -22.85 -3.77 20.02
C HIS D 80 -21.66 -4.23 20.85
N ASP D 81 -21.93 -4.64 22.09
CA ASP D 81 -20.90 -5.04 23.04
C ASP D 81 -19.86 -3.94 23.22
N ASP D 82 -20.34 -2.77 23.60
CA ASP D 82 -19.50 -1.59 23.60
C ASP D 82 -18.50 -1.65 24.74
N ASP D 83 -17.79 -0.53 24.93
CA ASP D 83 -16.76 -0.42 25.95
C ASP D 83 -17.27 0.28 27.20
N TYR D 84 -18.00 1.38 27.03
CA TYR D 84 -18.38 2.21 28.16
C TYR D 84 -19.72 1.77 28.73
N SER D 85 -20.09 2.36 29.87
CA SER D 85 -21.34 2.06 30.54
C SER D 85 -22.45 3.04 30.16
N PHE D 86 -22.11 4.31 29.96
CA PHE D 86 -23.13 5.31 29.68
C PHE D 86 -23.79 5.13 28.32
N CYS D 87 -23.22 4.32 27.43
CA CYS D 87 -23.81 4.11 26.12
C CYS D 87 -24.84 3.00 26.12
N ARG D 88 -25.49 2.77 27.26
CA ARG D 88 -26.71 1.99 27.35
C ARG D 88 -27.66 2.82 28.22
N ALA D 89 -28.40 3.70 27.58
CA ALA D 89 -29.33 4.58 28.28
C ALA D 89 -30.61 4.68 27.48
N LEU D 90 -31.62 5.33 28.05
CA LEU D 90 -32.92 5.46 27.43
C LEU D 90 -33.45 6.87 27.64
N LYS D 91 -34.50 7.22 26.91
CA LYS D 91 -35.03 8.57 26.93
C LYS D 91 -35.52 8.95 28.33
N GLY D 92 -35.11 10.12 28.80
CA GLY D 92 -35.54 10.59 30.11
C GLY D 92 -34.88 9.93 31.29
N GLU D 93 -33.85 9.12 31.08
CA GLU D 93 -33.14 8.41 32.14
C GLU D 93 -31.83 9.14 32.42
N THR D 94 -31.68 9.63 33.65
CA THR D 94 -30.51 10.39 34.03
C THR D 94 -29.23 9.63 33.69
N VAL D 95 -28.22 10.34 33.17
CA VAL D 95 -26.94 9.73 32.84
C VAL D 95 -25.84 10.51 33.54
N ASN D 96 -24.96 9.78 34.23
CA ASN D 96 -23.93 10.36 35.08
C ASN D 96 -22.73 9.42 35.10
N THR D 97 -21.55 9.92 34.74
CA THR D 97 -20.38 9.06 34.62
C THR D 97 -19.09 9.89 34.62
N SER D 98 -17.96 9.19 34.68
CA SER D 98 -16.62 9.77 34.63
C SER D 98 -15.70 8.88 33.82
N ILE D 99 -14.85 9.49 33.00
CA ILE D 99 -14.03 8.76 32.03
C ILE D 99 -12.56 9.12 32.18
N PRO D 100 -11.65 8.16 32.12
CA PRO D 100 -10.22 8.45 32.17
C PRO D 100 -9.62 8.58 30.77
N PHE D 101 -8.56 9.38 30.68
CA PHE D 101 -7.90 9.64 29.41
C PHE D 101 -6.45 10.00 29.65
N SER D 102 -5.64 9.84 28.60
CA SER D 102 -4.21 10.16 28.62
C SER D 102 -3.62 10.20 27.21
N PHE D 103 -2.94 11.28 26.85
CA PHE D 103 -2.29 11.40 25.55
C PHE D 103 -0.88 11.94 25.74
N GLU D 104 -0.19 12.19 24.63
CA GLU D 104 1.24 12.49 24.65
C GLU D 104 1.58 13.90 24.18
N GLY D 105 1.20 14.26 22.96
CA GLY D 105 1.48 15.59 22.45
C GLY D 105 2.34 15.56 21.20
N ILE D 106 2.05 16.50 20.30
CA ILE D 106 2.79 16.71 19.06
C ILE D 106 3.17 18.19 19.04
N LEU D 107 3.82 18.61 17.95
CA LEU D 107 4.11 20.02 17.78
C LEU D 107 2.90 20.73 17.21
N PHE D 108 2.46 21.80 17.87
CA PHE D 108 1.27 22.52 17.48
C PHE D 108 1.63 23.97 17.16
N PRO D 109 1.16 24.49 16.04
CA PRO D 109 1.39 25.90 15.73
C PRO D 109 0.78 26.81 16.78
N LYS D 110 1.21 28.07 16.83
CA LYS D 110 0.75 29.02 17.83
C LYS D 110 -0.27 29.94 17.16
N GLY D 111 -1.55 29.55 17.25
CA GLY D 111 -2.60 30.34 16.65
C GLY D 111 -3.97 30.13 17.24
N HIS D 112 -4.94 30.89 16.75
CA HIS D 112 -6.31 30.85 17.24
C HIS D 112 -7.07 29.71 16.57
N TYR D 113 -7.35 28.66 17.32
CA TYR D 113 -8.08 27.51 16.85
C TYR D 113 -9.58 27.72 17.02
N ARG D 114 -10.35 26.88 16.35
CA ARG D 114 -11.78 26.82 16.62
C ARG D 114 -12.31 25.50 16.10
N CYS D 115 -13.37 25.00 16.74
CA CYS D 115 -14.00 23.78 16.30
C CYS D 115 -15.42 23.73 16.85
N VAL D 116 -16.35 23.38 15.96
CA VAL D 116 -17.74 23.20 16.35
C VAL D 116 -18.02 21.71 16.38
N ALA D 117 -18.71 21.26 17.44
CA ALA D 117 -18.89 19.85 17.74
C ALA D 117 -20.37 19.56 17.95
N GLU D 118 -20.90 18.64 17.16
CA GLU D 118 -22.32 18.32 17.21
C GLU D 118 -22.52 16.82 17.34
N ALA D 119 -23.36 16.42 18.29
CA ALA D 119 -23.63 15.03 18.57
C ALA D 119 -24.82 14.56 17.76
N ILE D 120 -24.62 13.47 17.03
CA ILE D 120 -25.64 12.93 16.13
C ILE D 120 -26.02 11.54 16.60
N ALA D 121 -27.32 11.27 16.58
CA ALA D 121 -27.85 9.93 16.84
C ALA D 121 -27.59 9.07 15.60
N GLY D 122 -28.14 7.86 15.58
CA GLY D 122 -27.77 6.93 14.54
C GLY D 122 -28.75 6.80 13.39
N ASP D 123 -30.03 6.61 13.70
CA ASP D 123 -31.01 6.31 12.66
C ASP D 123 -32.12 7.36 12.62
N THR D 124 -32.50 7.89 13.78
CA THR D 124 -33.36 9.07 13.82
C THR D 124 -32.48 10.31 13.82
N GLU D 125 -31.77 10.48 12.70
CA GLU D 125 -30.70 11.47 12.61
C GLU D 125 -31.20 12.83 13.06
N GLU D 126 -30.65 13.30 14.17
CA GLU D 126 -31.01 14.59 14.71
C GLU D 126 -29.92 15.02 15.68
N LYS D 127 -29.73 16.32 15.82
CA LYS D 127 -28.65 16.85 16.63
C LYS D 127 -29.08 16.86 18.09
N LEU D 128 -28.43 16.02 18.90
CA LEU D 128 -28.77 15.98 20.32
C LEU D 128 -28.32 17.23 21.04
N PHE D 129 -27.21 17.82 20.60
CA PHE D 129 -26.79 19.11 21.13
C PHE D 129 -25.68 19.66 20.25
N CYS D 130 -25.39 20.95 20.41
CA CYS D 130 -24.38 21.65 19.64
C CYS D 130 -23.58 22.55 20.58
N LEU D 131 -22.29 22.72 20.28
CA LEU D 131 -21.41 23.49 21.14
C LEU D 131 -20.33 24.18 20.32
N ASN D 132 -19.93 25.36 20.79
CA ASN D 132 -18.78 26.10 20.25
C ASN D 132 -17.58 25.96 21.16
N PHE D 133 -16.53 25.29 20.69
CA PHE D 133 -15.29 25.14 21.43
C PHE D 133 -14.26 26.14 20.93
N THR D 134 -13.67 26.90 21.84
CA THR D 134 -12.68 27.91 21.50
C THR D 134 -11.38 27.66 22.26
N ILE D 135 -10.32 27.35 21.52
CA ILE D 135 -9.02 27.01 22.09
C ILE D 135 -8.02 28.10 21.73
N ILE D 136 -7.18 28.48 22.69
CA ILE D 136 -6.05 29.36 22.44
C ILE D 136 -4.81 28.66 22.99
N HIS D 137 -3.80 28.46 22.14
CA HIS D 137 -2.65 27.65 22.50
C HIS D 137 -1.57 28.45 23.21
N ARG D 138 -1.28 29.65 22.70
CA ARG D 138 -0.26 30.53 23.27
C ARG D 138 1.12 29.86 23.29
#